data_4LTE
#
_entry.id   4LTE
#
_cell.length_a   261.973
_cell.length_b   261.973
_cell.length_c   90.775
_cell.angle_alpha   90.000
_cell.angle_beta   90.000
_cell.angle_gamma   120.000
#
_symmetry.space_group_name_H-M   'P 65'
#
loop_
_entity.id
_entity.type
_entity.pdbx_description
1 polymer 'Insulin-degrading enzyme'
2 polymer 'Macrocyclic Inhibitor'
3 non-polymer 'ZINC ION'
4 non-polymer '4-(2-HYDROXYETHYL)-1-PIPERAZINE ETHANESULFONIC ACID'
5 non-polymer '2,6-DIAMINO-HEXANOIC ACID AMIDE'
6 non-polymer 'FUMARIC ACID'
7 water water
#
loop_
_entity_poly.entity_id
_entity_poly.type
_entity_poly.pdbx_seq_one_letter_code
_entity_poly.pdbx_strand_id
1 'polypeptide(L)'
;MNNPAIKRIGNHITKSPEDKREYRGLELANGIKVLLISDPTTDKSSAALDVHIGSLSDPPNIAGLSHFLQHMLFLGTKKY
PKENEYSQFLSEHAGSSNAFTSGEHTNYYFDVSHEHLEGALDRFAQFFLSPLFDESAKDREVNAVDSEHEKNVMNDAWRL
FQLEKATGNPKHPFSKFGTGNKYTLETRPNQEGIDVRQELLKFHSAYYSSNLMAVVVLGRESLDDLTNLVVKLFSEVENK
NVPLPEFPEHPFQEEHLKQLYKIVPIKDIRNLYVTFPIPDLQKYYKSNPGHYLGHLIGHEGPGSLLSELKSKGWVNTLVG
GQKEGARGFMFFIINVDLTEEGLLHVEDIILHMFQYIQKLRAEGPQEWVFQELKDLNAVAFRFKDKERPRGYTSKIAGIL
HYYPLEEVLTAEYLLEEFRPDLIEMVLDKLRPENVRVAIVSKSFEGKTDRTEEWYGTQYKQEAIPDEVIKKWQNADLNGK
FKLPTKNEFIPTNFEILPLEKEATPYPALIKDTAMSKLWFKQDDKFFLPKANLNFEFFSPFAYVDPLHSNMAYLYLELLK
DSLNEYAYAAELAGLSYDLQNTIYGMYLSVKGYNDKQPILLKKIIEKMATFEIDEKRFEIIKEAYMRSLNNFRAEQPHQH
AMYYLRLLMTEVAWTKDELKEALDDVTLPRLKAFIPQLLSRLHIEALLHGNITKQAALGIMQMVEDTLIEHAHTKPLLPS
QLVRYREVQLPDRGWFVYQQRNEVHNNSGIEIYYQTDMQSTSENMFLELFAQIISEPAFNTLRTKEQLGYIVFSGPRRAN
GIQGLRFIIQSEKPPHYLESRVEAFLITMEKSIEDMTEEAFQKHIQALAIRRLDKPKKLSAESAKYWGEIISQQYNFDRD
NTEVAYLKTLTKEDIIKFYKEMLAVDAPRRHKVSVHVLAREMDSNPVVGEFPAQNDINLSQAPALPQPEVIQNMTEFKRG
LPLFPLVKPHINFMAAKL
;
A,B
2 'polypeptide(L)' QF(DFF) M,N
#
# COMPACT_ATOMS: atom_id res chain seq x y z
N ASN A 3 33.51 65.92 -2.30
CA ASN A 3 33.71 64.76 -3.19
C ASN A 3 33.25 64.97 -4.63
N PRO A 4 34.20 64.93 -5.57
CA PRO A 4 33.90 65.20 -6.97
C PRO A 4 33.32 64.00 -7.73
N ALA A 5 33.37 62.80 -7.17
CA ALA A 5 32.81 61.63 -7.86
C ALA A 5 31.31 61.46 -7.60
N ILE A 6 30.84 62.18 -6.60
CA ILE A 6 29.46 62.18 -6.24
C ILE A 6 28.80 63.51 -6.62
N LYS A 7 27.79 63.45 -7.48
CA LYS A 7 27.02 64.62 -7.87
C LYS A 7 26.07 65.08 -6.75
N ARG A 8 25.45 64.14 -6.06
CA ARG A 8 24.52 64.51 -5.00
C ARG A 8 24.22 63.34 -4.06
N ILE A 9 23.86 63.68 -2.83
CA ILE A 9 23.48 62.65 -1.90
C ILE A 9 22.03 62.85 -1.49
N GLY A 10 21.34 61.74 -1.60
CA GLY A 10 19.97 61.54 -1.23
C GLY A 10 19.56 62.05 0.13
N ASN A 11 18.35 62.59 0.27
CA ASN A 11 17.89 62.87 1.61
C ASN A 11 17.33 61.55 2.13
N HIS A 12 16.77 61.53 3.34
CA HIS A 12 16.32 60.28 3.96
C HIS A 12 15.57 59.37 2.96
N ILE A 13 15.96 58.09 2.86
CA ILE A 13 15.19 57.14 2.08
C ILE A 13 14.05 56.57 2.90
N THR A 14 12.81 56.91 2.54
CA THR A 14 11.66 56.46 3.33
C THR A 14 11.53 54.96 3.35
N LYS A 15 11.42 54.39 4.56
CA LYS A 15 11.32 52.93 4.69
C LYS A 15 10.24 52.53 5.71
N SER A 16 9.92 51.25 5.77
CA SER A 16 9.00 50.81 6.80
C SER A 16 9.68 50.91 8.13
N PRO A 17 8.92 51.34 9.13
CA PRO A 17 9.43 51.46 10.51
C PRO A 17 9.83 50.06 11.04
N GLU A 18 9.43 49.00 10.35
CA GLU A 18 9.81 47.65 10.72
C GLU A 18 11.09 47.19 10.03
N ASP A 19 11.58 48.01 9.13
CA ASP A 19 12.76 47.69 8.35
C ASP A 19 14.00 48.15 9.08
N LYS A 20 14.83 47.19 9.50
CA LYS A 20 16.03 47.50 10.27
C LYS A 20 17.21 47.82 9.36
N ARG A 21 17.09 47.50 8.07
CA ARG A 21 18.13 47.82 7.11
C ARG A 21 18.34 49.34 7.01
N GLU A 22 19.55 49.77 6.65
CA GLU A 22 19.89 51.19 6.54
C GLU A 22 20.11 51.54 5.09
N TYR A 23 19.76 52.77 4.73
CA TYR A 23 19.75 53.16 3.33
C TYR A 23 20.38 54.51 3.01
N ARG A 24 21.03 54.57 1.86
CA ARG A 24 21.52 55.84 1.32
C ARG A 24 21.44 55.83 -0.20
N GLY A 25 20.88 56.90 -0.77
CA GLY A 25 20.83 57.05 -2.21
C GLY A 25 21.85 58.08 -2.65
N LEU A 26 22.41 57.88 -3.84
CA LEU A 26 23.39 58.77 -4.45
C LEU A 26 23.16 58.86 -5.93
N GLU A 27 23.62 59.96 -6.50
CA GLU A 27 23.90 59.97 -7.93
C GLU A 27 25.38 60.24 -8.10
N LEU A 28 26.07 59.34 -8.79
CA LEU A 28 27.48 59.57 -9.07
C LEU A 28 27.65 60.70 -10.09
N ALA A 29 28.87 61.21 -10.24
CA ALA A 29 29.11 62.31 -11.17
C ALA A 29 28.84 61.92 -12.61
N ASN A 30 29.05 60.65 -12.91
CA ASN A 30 28.80 60.14 -14.25
C ASN A 30 27.33 59.81 -14.52
N GLY A 31 26.47 59.96 -13.51
CA GLY A 31 25.05 59.84 -13.75
C GLY A 31 24.37 58.57 -13.28
N ILE A 32 25.14 57.64 -12.74
CA ILE A 32 24.59 56.40 -12.23
C ILE A 32 23.82 56.70 -10.97
N LYS A 33 22.56 56.28 -10.93
CA LYS A 33 21.79 56.36 -9.72
C LYS A 33 22.11 55.14 -8.83
N VAL A 34 22.37 55.39 -7.56
CA VAL A 34 22.79 54.33 -6.65
C VAL A 34 21.97 54.24 -5.39
N LEU A 35 21.57 53.02 -5.01
CA LEU A 35 21.06 52.79 -3.66
C LEU A 35 21.97 51.85 -2.90
N LEU A 36 22.41 52.27 -1.72
CA LEU A 36 23.23 51.42 -0.85
C LEU A 36 22.39 50.89 0.30
N ILE A 37 22.53 49.60 0.60
CA ILE A 37 21.77 49.01 1.68
C ILE A 37 22.71 48.29 2.65
N SER A 38 22.71 48.76 3.90
CA SER A 38 23.53 48.15 4.93
C SER A 38 22.70 47.29 5.84
N ASP A 39 23.03 46.01 5.85
CA ASP A 39 22.41 45.03 6.73
C ASP A 39 23.49 44.19 7.39
N PRO A 40 23.88 44.59 8.62
CA PRO A 40 24.98 43.94 9.36
C PRO A 40 24.65 42.52 9.79
N THR A 41 23.42 42.08 9.54
CA THR A 41 23.01 40.72 9.88
C THR A 41 23.08 39.75 8.69
N THR A 42 23.14 40.29 7.48
CA THR A 42 22.94 39.47 6.28
C THR A 42 24.03 38.42 6.11
N ASP A 43 23.64 37.22 5.70
CA ASP A 43 24.62 36.17 5.41
C ASP A 43 25.14 36.25 3.99
N LYS A 44 24.27 36.66 3.07
CA LYS A 44 24.71 36.91 1.70
C LYS A 44 24.59 38.38 1.40
N SER A 45 25.59 38.90 0.69
CA SER A 45 25.57 40.27 0.19
C SER A 45 25.18 40.23 -1.29
N SER A 46 24.79 41.37 -1.84
CA SER A 46 24.26 41.34 -3.18
C SER A 46 24.46 42.67 -3.90
N ALA A 47 24.53 42.62 -5.22
CA ALA A 47 24.50 43.83 -6.03
C ALA A 47 23.76 43.60 -7.32
N ALA A 48 23.24 44.67 -7.89
CA ALA A 48 22.56 44.60 -9.18
C ALA A 48 22.79 45.89 -9.93
N LEU A 49 22.81 45.77 -11.25
CA LEU A 49 22.89 46.93 -12.09
C LEU A 49 21.87 46.79 -13.17
N ASP A 50 21.16 47.88 -13.41
CA ASP A 50 20.13 47.93 -14.44
C ASP A 50 20.48 49.00 -15.44
N VAL A 51 20.63 48.57 -16.68
CA VAL A 51 20.86 49.44 -17.81
C VAL A 51 19.53 49.68 -18.46
N HIS A 52 19.17 50.94 -18.66
CA HIS A 52 17.88 51.31 -19.25
C HIS A 52 17.90 51.15 -20.77
N ILE A 53 18.45 50.03 -21.23
CA ILE A 53 18.39 49.69 -22.63
C ILE A 53 18.04 48.23 -22.76
N GLY A 54 17.25 47.89 -23.76
CA GLY A 54 16.86 46.53 -24.02
C GLY A 54 16.55 46.24 -25.49
N SER A 55 15.69 45.25 -25.71
CA SER A 55 15.44 44.68 -27.02
C SER A 55 14.87 45.69 -28.02
N LEU A 56 14.07 46.63 -27.53
CA LEU A 56 13.44 47.62 -28.42
C LEU A 56 14.51 48.46 -29.13
N SER A 57 15.73 48.40 -28.63
CA SER A 57 16.82 49.13 -29.21
C SER A 57 17.76 48.22 -30.00
N ASP A 58 17.35 46.99 -30.23
CA ASP A 58 18.14 46.08 -31.06
C ASP A 58 18.30 46.66 -32.47
N PRO A 59 19.47 46.42 -33.08
CA PRO A 59 19.55 46.85 -34.48
C PRO A 59 18.46 46.15 -35.27
N PRO A 60 17.81 46.85 -36.22
CA PRO A 60 16.70 46.22 -36.95
C PRO A 60 17.17 45.01 -37.72
N ASN A 61 18.44 45.00 -38.11
CA ASN A 61 18.98 43.88 -38.88
C ASN A 61 19.68 42.82 -38.02
N ILE A 62 19.67 42.97 -36.70
CA ILE A 62 20.19 41.93 -35.82
C ILE A 62 19.31 41.69 -34.61
N ALA A 63 18.18 41.01 -34.81
CA ALA A 63 17.27 40.74 -33.72
C ALA A 63 17.94 39.92 -32.63
N GLY A 64 17.77 40.40 -31.40
CA GLY A 64 18.23 39.71 -30.22
C GLY A 64 19.61 40.14 -29.75
N LEU A 65 20.19 41.17 -30.37
CA LEU A 65 21.55 41.58 -29.97
C LEU A 65 21.72 41.90 -28.50
N SER A 66 20.82 42.69 -27.93
CA SER A 66 20.98 43.04 -26.52
C SER A 66 20.83 41.82 -25.61
N HIS A 67 19.92 40.90 -25.92
CA HIS A 67 19.81 39.66 -25.16
C HIS A 67 21.11 38.89 -25.31
N PHE A 68 21.63 38.83 -26.53
CA PHE A 68 22.89 38.13 -26.75
C PHE A 68 24.01 38.79 -25.96
N LEU A 69 24.05 40.11 -26.02
CA LEU A 69 25.02 40.85 -25.25
C LEU A 69 24.99 40.49 -23.78
N GLN A 70 23.78 40.40 -23.22
CA GLN A 70 23.58 40.02 -21.84
C GLN A 70 24.24 38.69 -21.50
N HIS A 71 24.07 37.70 -22.37
CA HIS A 71 24.69 36.41 -22.16
C HIS A 71 26.20 36.55 -22.17
N MET A 72 26.72 37.39 -23.07
CA MET A 72 28.14 37.47 -23.29
C MET A 72 28.92 38.25 -22.21
N LEU A 73 28.27 39.10 -21.46
CA LEU A 73 29.00 39.83 -20.44
C LEU A 73 29.53 38.88 -19.34
N PHE A 74 28.92 37.71 -19.21
CA PHE A 74 29.37 36.79 -18.19
C PHE A 74 30.67 36.09 -18.63
N LEU A 75 31.03 36.19 -19.90
CA LEU A 75 32.05 35.29 -20.42
C LEU A 75 33.44 35.88 -20.60
N GLY A 76 33.79 36.87 -19.78
CA GLY A 76 35.13 37.42 -19.76
C GLY A 76 35.27 38.92 -19.96
N THR A 77 36.11 39.53 -19.13
CA THR A 77 36.46 40.94 -19.27
C THR A 77 37.97 41.09 -19.33
N LYS A 78 38.43 42.32 -19.56
CA LYS A 78 39.85 42.59 -19.69
C LYS A 78 40.59 42.25 -18.37
N LYS A 79 40.08 42.71 -17.23
CA LYS A 79 40.70 42.41 -15.92
C LYS A 79 40.52 40.93 -15.51
N TYR A 80 39.38 40.34 -15.85
CA TYR A 80 39.15 38.94 -15.55
C TYR A 80 38.80 38.19 -16.81
N PRO A 81 39.83 37.84 -17.61
CA PRO A 81 39.67 37.24 -18.94
C PRO A 81 39.26 35.76 -18.94
N LYS A 82 39.39 35.08 -17.82
CA LYS A 82 38.98 33.67 -17.76
C LYS A 82 37.47 33.59 -17.98
N GLU A 83 37.07 32.84 -18.99
CA GLU A 83 35.69 32.81 -19.44
C GLU A 83 34.70 32.65 -18.29
N ASN A 84 35.03 31.80 -17.33
CA ASN A 84 34.11 31.51 -16.24
C ASN A 84 34.57 31.97 -14.87
N GLU A 85 35.48 32.94 -14.84
CA GLU A 85 36.02 33.45 -13.58
C GLU A 85 34.90 33.96 -12.67
N TYR A 86 33.92 34.63 -13.28
CA TYR A 86 32.80 35.19 -12.53
C TYR A 86 31.94 34.10 -11.86
N SER A 87 31.42 33.16 -12.66
CA SER A 87 30.67 32.05 -12.14
C SER A 87 31.47 31.30 -11.10
N GLN A 88 32.71 31.00 -11.42
CA GLN A 88 33.52 30.20 -10.52
C GLN A 88 33.77 30.89 -9.20
N PHE A 89 34.06 32.20 -9.25
CA PHE A 89 34.22 32.96 -8.03
C PHE A 89 32.97 32.95 -7.17
N LEU A 90 31.81 33.18 -7.79
CA LEU A 90 30.55 33.17 -7.03
C LEU A 90 30.28 31.78 -6.45
N SER A 91 30.53 30.76 -7.24
CA SER A 91 30.27 29.41 -6.77
C SER A 91 31.16 29.04 -5.58
N GLU A 92 32.41 29.48 -5.62
CA GLU A 92 33.36 29.16 -4.56
C GLU A 92 33.16 30.03 -3.33
N HIS A 93 32.20 30.93 -3.42
CA HIS A 93 31.90 31.83 -2.31
C HIS A 93 30.41 31.94 -2.04
N ALA A 94 29.71 30.81 -2.23
CA ALA A 94 28.31 30.68 -1.89
C ALA A 94 27.36 31.64 -2.67
N GLY A 95 27.74 32.02 -3.88
CA GLY A 95 26.98 32.96 -4.68
C GLY A 95 26.27 32.41 -5.91
N SER A 96 25.59 33.31 -6.57
CA SER A 96 24.84 32.97 -7.76
C SER A 96 24.53 34.25 -8.50
N SER A 97 24.27 34.11 -9.79
CA SER A 97 24.01 35.27 -10.61
C SER A 97 23.01 34.97 -11.66
N ASN A 98 22.37 36.00 -12.15
CA ASN A 98 21.59 35.86 -13.37
C ASN A 98 21.33 37.23 -13.92
N ALA A 99 20.56 37.26 -15.00
CA ALA A 99 20.27 38.50 -15.66
C ALA A 99 19.07 38.29 -16.55
N PHE A 100 18.44 39.39 -16.94
CA PHE A 100 17.35 39.28 -17.90
C PHE A 100 17.34 40.50 -18.81
N THR A 101 16.84 40.30 -20.02
CA THR A 101 16.65 41.39 -20.96
C THR A 101 15.18 41.57 -21.29
N SER A 102 14.64 42.74 -20.97
CA SER A 102 13.29 43.09 -21.40
C SER A 102 13.39 44.17 -22.49
N GLY A 103 12.29 44.78 -22.88
CA GLY A 103 12.32 45.77 -23.96
C GLY A 103 13.13 47.02 -23.72
N GLU A 104 13.17 47.47 -22.47
CA GLU A 104 13.80 48.75 -22.12
C GLU A 104 14.88 48.62 -21.04
N HIS A 105 15.16 47.40 -20.60
CA HIS A 105 16.11 47.18 -19.50
C HIS A 105 16.96 45.95 -19.69
N THR A 106 18.19 46.04 -19.23
CA THR A 106 19.01 44.85 -19.07
C THR A 106 19.48 44.87 -17.63
N ASN A 107 19.13 43.81 -16.90
CA ASN A 107 19.24 43.78 -15.45
C ASN A 107 20.14 42.59 -15.02
N TYR A 108 21.28 42.92 -14.40
CA TYR A 108 22.25 41.93 -13.95
C TYR A 108 22.31 41.93 -12.43
N TYR A 109 22.43 40.75 -11.83
CA TYR A 109 22.43 40.70 -10.39
C TYR A 109 23.15 39.46 -9.90
N PHE A 110 23.74 39.58 -8.72
CA PHE A 110 24.40 38.45 -8.06
C PHE A 110 24.23 38.54 -6.56
N ASP A 111 24.37 37.39 -5.91
CA ASP A 111 24.68 37.36 -4.49
C ASP A 111 25.95 36.54 -4.20
N VAL A 112 26.46 36.73 -2.98
CA VAL A 112 27.70 36.10 -2.59
C VAL A 112 27.80 36.13 -1.06
N SER A 113 28.61 35.23 -0.48
CA SER A 113 28.90 35.30 0.95
C SER A 113 29.31 36.73 1.33
N HIS A 114 28.83 37.20 2.47
CA HIS A 114 29.01 38.61 2.82
C HIS A 114 30.46 39.01 2.93
N GLU A 115 31.32 38.05 3.22
CA GLU A 115 32.74 38.35 3.38
C GLU A 115 33.46 38.60 2.04
N HIS A 116 32.77 38.37 0.93
CA HIS A 116 33.39 38.43 -0.37
C HIS A 116 32.64 39.31 -1.36
N LEU A 117 31.94 40.31 -0.83
CA LEU A 117 31.20 41.24 -1.64
C LEU A 117 32.07 41.97 -2.62
N GLU A 118 33.14 42.52 -2.08
CA GLU A 118 34.06 43.36 -2.82
C GLU A 118 34.68 42.60 -4.01
N GLY A 119 35.07 41.36 -3.80
CA GLY A 119 35.63 40.59 -4.88
C GLY A 119 34.61 40.24 -5.93
N ALA A 120 33.40 39.97 -5.49
CA ALA A 120 32.35 39.68 -6.43
C ALA A 120 31.99 40.97 -7.19
N LEU A 121 31.89 42.08 -6.48
CA LEU A 121 31.47 43.34 -7.07
C LEU A 121 32.50 43.86 -8.07
N ASP A 122 33.77 43.59 -7.81
CA ASP A 122 34.83 44.03 -8.70
C ASP A 122 34.74 43.32 -10.06
N ARG A 123 34.60 42.00 -10.01
CA ARG A 123 34.46 41.18 -11.18
C ARG A 123 33.23 41.59 -11.98
N PHE A 124 32.14 41.80 -11.25
CA PHE A 124 30.88 42.26 -11.80
C PHE A 124 31.03 43.58 -12.55
N ALA A 125 31.69 44.56 -11.93
CA ALA A 125 31.78 45.88 -12.51
C ALA A 125 32.43 45.86 -13.89
N GLN A 126 33.29 44.88 -14.12
CA GLN A 126 34.03 44.84 -15.36
C GLN A 126 33.08 44.55 -16.52
N PHE A 127 31.93 43.93 -16.24
CA PHE A 127 30.94 43.73 -17.30
C PHE A 127 30.66 45.04 -18.01
N PHE A 128 30.77 46.13 -17.27
CA PHE A 128 30.31 47.42 -17.78
C PHE A 128 31.45 48.34 -18.15
N LEU A 129 32.66 47.78 -18.13
CA LEU A 129 33.85 48.54 -18.46
C LEU A 129 34.56 47.95 -19.69
N SER A 130 35.01 46.72 -19.62
CA SER A 130 35.69 46.17 -20.78
C SER A 130 35.50 44.68 -20.94
N PRO A 131 34.32 44.29 -21.43
CA PRO A 131 34.01 42.90 -21.78
C PRO A 131 34.81 42.46 -23.00
N LEU A 132 35.23 41.20 -23.02
CA LEU A 132 36.05 40.69 -24.12
C LEU A 132 35.28 40.45 -25.40
N PHE A 133 34.04 40.00 -25.25
CA PHE A 133 33.24 39.49 -26.34
C PHE A 133 34.10 38.58 -27.18
N ASP A 134 34.78 37.65 -26.52
CA ASP A 134 35.69 36.69 -27.16
C ASP A 134 35.06 35.97 -28.36
N GLU A 135 35.83 35.90 -29.44
CA GLU A 135 35.32 35.29 -30.65
C GLU A 135 34.90 33.85 -30.44
N SER A 136 35.69 33.11 -29.65
CA SER A 136 35.39 31.70 -29.41
C SER A 136 34.11 31.55 -28.57
N ALA A 137 34.00 32.36 -27.52
CA ALA A 137 32.83 32.31 -26.67
C ALA A 137 31.57 32.74 -27.44
N LYS A 138 31.71 33.73 -28.31
CA LYS A 138 30.57 34.16 -29.12
C LYS A 138 30.05 33.00 -29.97
N ASP A 139 30.94 32.30 -30.64
CA ASP A 139 30.52 31.16 -31.46
C ASP A 139 29.85 30.02 -30.67
N ARG A 140 30.22 29.91 -29.41
CA ARG A 140 29.61 28.88 -28.60
C ARG A 140 28.27 29.36 -27.99
N GLU A 141 28.27 30.49 -27.30
CA GLU A 141 27.08 30.94 -26.58
C GLU A 141 25.87 31.22 -27.47
N VAL A 142 26.10 31.45 -28.74
CA VAL A 142 24.96 31.73 -29.62
C VAL A 142 24.03 30.52 -29.62
N ASN A 143 24.57 29.33 -29.37
CA ASN A 143 23.74 28.11 -29.26
C ASN A 143 22.85 28.07 -28.00
N ALA A 144 23.35 28.64 -26.92
CA ALA A 144 22.57 28.70 -25.70
C ALA A 144 21.36 29.60 -25.97
N VAL A 145 21.56 30.71 -26.69
CA VAL A 145 20.42 31.57 -27.03
C VAL A 145 19.48 30.84 -27.98
N ASP A 146 20.03 30.10 -28.92
CA ASP A 146 19.20 29.28 -29.79
C ASP A 146 18.32 28.28 -29.01
N SER A 147 18.84 27.56 -28.00
CA SER A 147 18.00 26.67 -27.16
C SER A 147 16.97 27.43 -26.37
N GLU A 148 17.37 28.59 -25.85
CA GLU A 148 16.46 29.36 -25.05
C GLU A 148 15.23 29.56 -25.93
N HIS A 149 15.47 29.95 -27.18
CA HIS A 149 14.36 30.18 -28.08
C HIS A 149 13.61 28.90 -28.42
N GLU A 150 14.38 27.87 -28.76
CA GLU A 150 13.82 26.59 -29.13
C GLU A 150 12.84 26.07 -28.07
N LYS A 151 13.20 26.28 -26.83
CA LYS A 151 12.37 25.92 -25.69
C LYS A 151 11.04 26.66 -25.66
N ASN A 152 11.05 27.90 -26.15
CA ASN A 152 9.86 28.76 -26.13
C ASN A 152 8.94 28.54 -27.33
N VAL A 153 9.46 28.02 -28.43
CA VAL A 153 8.70 27.97 -29.68
C VAL A 153 7.31 27.33 -29.60
N MET A 154 7.21 26.14 -29.00
CA MET A 154 5.91 25.47 -28.86
C MET A 154 5.24 25.77 -27.52
N ASN A 155 5.63 26.87 -26.90
CA ASN A 155 4.97 27.34 -25.70
C ASN A 155 3.92 28.40 -26.03
N ASP A 156 2.67 28.16 -25.64
CA ASP A 156 1.56 29.04 -26.01
C ASP A 156 1.73 30.50 -25.57
N ALA A 157 2.31 30.73 -24.39
CA ALA A 157 2.45 32.10 -23.90
C ALA A 157 3.42 32.91 -24.75
N TRP A 158 4.57 32.32 -25.06
CA TRP A 158 5.55 33.02 -25.89
C TRP A 158 5.00 33.31 -27.30
N ARG A 159 4.29 32.35 -27.88
CA ARG A 159 3.66 32.50 -29.18
C ARG A 159 2.68 33.67 -29.17
N LEU A 160 1.85 33.75 -28.14
CA LEU A 160 0.89 34.84 -28.03
C LEU A 160 1.60 36.16 -27.83
N PHE A 161 2.63 36.13 -27.00
CA PHE A 161 3.46 37.30 -26.76
C PHE A 161 3.98 37.89 -28.09
N GLN A 162 4.57 37.08 -28.95
CA GLN A 162 5.15 37.57 -30.21
C GLN A 162 4.05 37.84 -31.24
N LEU A 163 2.96 37.07 -31.19
CA LEU A 163 1.85 37.30 -32.12
C LEU A 163 1.29 38.71 -31.96
N GLU A 164 1.20 39.19 -30.71
CA GLU A 164 0.72 40.53 -30.48
C GLU A 164 1.64 41.52 -31.18
N LYS A 165 2.94 41.36 -31.01
CA LYS A 165 3.92 42.25 -31.63
C LYS A 165 3.84 42.21 -33.16
N ALA A 166 3.44 41.07 -33.70
CA ALA A 166 3.38 40.87 -35.14
C ALA A 166 2.15 41.49 -35.78
N THR A 167 1.18 41.87 -34.95
CA THR A 167 -0.11 42.33 -35.47
C THR A 167 -0.33 43.82 -35.26
N GLY A 168 0.69 44.50 -34.74
CA GLY A 168 0.62 45.93 -34.62
C GLY A 168 1.42 46.55 -35.75
N ASN A 169 1.75 47.84 -35.61
CA ASN A 169 2.52 48.52 -36.61
C ASN A 169 3.90 47.88 -36.75
N PRO A 170 4.19 47.33 -37.93
CA PRO A 170 5.44 46.57 -38.18
C PRO A 170 6.64 47.49 -38.15
N LYS A 171 6.40 48.79 -38.28
CA LYS A 171 7.44 49.81 -38.27
C LYS A 171 7.86 50.12 -36.85
N HIS A 172 6.99 49.78 -35.91
CA HIS A 172 7.22 50.06 -34.50
C HIS A 172 8.19 49.05 -33.87
N PRO A 173 9.13 49.54 -33.03
CA PRO A 173 10.08 48.65 -32.36
C PRO A 173 9.42 47.52 -31.57
N PHE A 174 8.15 47.74 -31.24
CA PHE A 174 7.35 46.77 -30.50
C PHE A 174 7.28 45.46 -31.27
N SER A 175 7.43 45.54 -32.59
CA SER A 175 7.29 44.37 -33.45
C SER A 175 8.50 43.47 -33.43
N LYS A 176 9.58 43.95 -32.82
CA LYS A 176 10.86 43.23 -32.80
C LYS A 176 10.83 41.93 -32.02
N PHE A 177 11.51 40.94 -32.59
CA PHE A 177 11.79 39.66 -31.97
C PHE A 177 12.95 39.83 -31.00
N GLY A 178 12.71 39.66 -29.70
CA GLY A 178 13.72 39.99 -28.71
C GLY A 178 14.71 38.92 -28.31
N THR A 179 14.27 37.67 -28.34
CA THR A 179 15.12 36.59 -27.90
C THR A 179 16.33 36.42 -28.80
N GLY A 180 16.10 36.44 -30.10
CA GLY A 180 17.13 36.08 -31.05
C GLY A 180 17.25 34.57 -31.13
N ASN A 181 17.99 34.10 -32.14
CA ASN A 181 18.35 32.69 -32.25
C ASN A 181 19.59 32.56 -33.12
N LYS A 182 20.00 31.34 -33.42
CA LYS A 182 21.21 31.11 -34.22
C LYS A 182 21.12 31.79 -35.58
N TYR A 183 19.92 31.80 -36.15
CA TYR A 183 19.72 32.41 -37.45
C TYR A 183 19.94 33.94 -37.40
N THR A 184 19.32 34.61 -36.43
CA THR A 184 19.37 36.08 -36.35
C THR A 184 20.69 36.56 -35.78
N LEU A 185 21.33 35.73 -34.97
CA LEU A 185 22.56 36.16 -34.33
C LEU A 185 23.86 35.63 -34.97
N GLU A 186 23.77 34.63 -35.83
CA GLU A 186 24.98 34.11 -36.48
C GLU A 186 24.83 33.94 -37.98
N THR A 187 23.92 33.05 -38.39
CA THR A 187 23.80 32.66 -39.78
C THR A 187 23.52 33.85 -40.69
N ARG A 188 22.41 34.53 -40.46
CA ARG A 188 22.03 35.67 -41.29
C ARG A 188 23.11 36.74 -41.24
N PRO A 189 23.63 37.06 -40.06
CA PRO A 189 24.68 38.09 -40.01
C PRO A 189 25.95 37.72 -40.79
N ASN A 190 26.35 36.45 -40.78
CA ASN A 190 27.53 36.05 -41.53
C ASN A 190 27.23 36.21 -43.01
N GLN A 191 26.02 35.83 -43.33
CA GLN A 191 25.53 35.86 -44.68
C GLN A 191 25.49 37.32 -45.16
N GLU A 192 25.26 38.25 -44.24
CA GLU A 192 25.13 39.64 -44.59
C GLU A 192 26.43 40.40 -44.30
N GLY A 193 27.50 39.64 -44.06
CA GLY A 193 28.83 40.21 -43.88
C GLY A 193 29.13 40.95 -42.59
N ILE A 194 28.28 40.72 -41.59
CA ILE A 194 28.42 41.40 -40.31
C ILE A 194 29.44 40.72 -39.37
N ASP A 195 30.24 41.56 -38.72
CA ASP A 195 31.14 41.10 -37.68
C ASP A 195 30.40 41.28 -36.35
N VAL A 196 29.86 40.18 -35.83
CA VAL A 196 29.01 40.26 -34.64
C VAL A 196 29.80 40.73 -33.41
N ARG A 197 31.05 40.32 -33.29
CA ARG A 197 31.85 40.82 -32.19
C ARG A 197 31.92 42.34 -32.22
N GLN A 198 32.13 42.92 -33.41
CA GLN A 198 32.16 44.38 -33.49
C GLN A 198 30.78 44.97 -33.13
N GLU A 199 29.69 44.35 -33.58
CA GLU A 199 28.37 44.87 -33.26
C GLU A 199 28.10 44.85 -31.75
N LEU A 200 28.55 43.79 -31.06
CA LEU A 200 28.51 43.74 -29.59
C LEU A 200 29.34 44.88 -28.98
N LEU A 201 30.58 45.04 -29.43
CA LEU A 201 31.40 46.13 -28.95
C LEU A 201 30.77 47.49 -29.27
N LYS A 202 30.25 47.61 -30.48
CA LYS A 202 29.60 48.81 -30.94
C LYS A 202 28.40 49.15 -30.05
N PHE A 203 27.56 48.15 -29.82
CA PHE A 203 26.35 48.31 -29.00
C PHE A 203 26.66 48.62 -27.52
N HIS A 204 27.63 47.89 -26.97
CA HIS A 204 28.05 48.10 -25.60
C HIS A 204 28.53 49.55 -25.44
N SER A 205 29.35 49.97 -26.40
CA SER A 205 29.95 51.29 -26.36
C SER A 205 28.90 52.38 -26.44
N ALA A 206 27.88 52.18 -27.27
CA ALA A 206 26.90 53.23 -27.51
C ALA A 206 25.86 53.34 -26.41
N TYR A 207 25.45 52.19 -25.87
CA TYR A 207 24.28 52.15 -24.97
C TYR A 207 24.61 51.83 -23.53
N TYR A 208 25.71 51.14 -23.29
CA TYR A 208 26.07 50.87 -21.90
C TYR A 208 26.77 52.11 -21.32
N SER A 209 26.01 53.19 -21.23
CA SER A 209 26.54 54.46 -20.77
C SER A 209 26.08 54.70 -19.35
N SER A 210 26.93 55.34 -18.55
CA SER A 210 26.63 55.54 -17.16
C SER A 210 25.30 56.27 -16.91
N ASN A 211 24.89 57.17 -17.81
CA ASN A 211 23.69 57.97 -17.57
C ASN A 211 22.42 57.12 -17.63
N LEU A 212 22.54 55.93 -18.19
CA LEU A 212 21.41 55.03 -18.28
C LEU A 212 21.49 53.90 -17.30
N MET A 213 22.36 54.01 -16.28
CA MET A 213 22.55 52.90 -15.34
C MET A 213 22.09 53.23 -13.92
N ALA A 214 21.54 52.21 -13.26
CA ALA A 214 21.28 52.28 -11.83
C ALA A 214 21.88 51.05 -11.13
N VAL A 215 22.52 51.28 -9.99
CA VAL A 215 23.17 50.23 -9.20
C VAL A 215 22.64 50.16 -7.77
N VAL A 216 22.42 48.93 -7.29
CA VAL A 216 22.10 48.70 -5.90
C VAL A 216 23.09 47.71 -5.27
N VAL A 217 23.61 48.07 -4.11
CA VAL A 217 24.56 47.23 -3.42
C VAL A 217 24.11 47.04 -1.99
N LEU A 218 24.10 45.79 -1.55
CA LEU A 218 23.63 45.42 -0.22
C LEU A 218 24.70 44.62 0.46
N GLY A 219 25.15 45.06 1.63
CA GLY A 219 26.19 44.35 2.36
C GLY A 219 26.18 44.57 3.86
N ARG A 220 27.10 43.93 4.56
CA ARG A 220 27.21 44.12 6.00
C ARG A 220 27.89 45.44 6.31
N GLU A 221 28.68 45.94 5.36
CA GLU A 221 29.46 47.16 5.53
C GLU A 221 28.59 48.36 5.86
N SER A 222 29.20 49.38 6.46
CA SER A 222 28.48 50.61 6.75
C SER A 222 28.10 51.34 5.47
N LEU A 223 27.13 52.25 5.57
CA LEU A 223 26.75 53.07 4.43
C LEU A 223 27.97 53.84 3.85
N ASP A 224 28.82 54.37 4.73
CA ASP A 224 30.04 55.09 4.32
C ASP A 224 30.98 54.18 3.54
N ASP A 225 31.19 52.98 4.07
CA ASP A 225 32.08 52.02 3.42
C ASP A 225 31.49 51.55 2.09
N LEU A 226 30.19 51.28 2.06
CA LEU A 226 29.54 50.93 0.80
C LEU A 226 29.67 52.08 -0.22
N THR A 227 29.51 53.32 0.24
CA THR A 227 29.69 54.48 -0.65
C THR A 227 31.09 54.53 -1.32
N ASN A 228 32.13 54.36 -0.53
CA ASN A 228 33.48 54.40 -1.06
C ASN A 228 33.67 53.29 -2.07
N LEU A 229 33.11 52.13 -1.74
CA LEU A 229 33.24 50.96 -2.59
C LEU A 229 32.65 51.20 -3.97
N VAL A 230 31.45 51.75 -3.99
CA VAL A 230 30.70 51.98 -5.21
C VAL A 230 31.32 53.10 -6.01
N VAL A 231 31.74 54.16 -5.33
CA VAL A 231 32.39 55.26 -6.05
C VAL A 231 33.64 54.72 -6.73
N LYS A 232 34.38 53.89 -5.99
CA LYS A 232 35.59 53.28 -6.48
C LYS A 232 35.37 52.48 -7.77
N LEU A 233 34.51 51.46 -7.72
CA LEU A 233 34.39 50.53 -8.85
C LEU A 233 33.56 51.10 -9.99
N PHE A 234 32.63 52.02 -9.72
CA PHE A 234 31.72 52.45 -10.78
C PHE A 234 31.88 53.85 -11.37
N SER A 235 32.71 54.69 -10.79
CA SER A 235 32.75 56.04 -11.31
C SER A 235 33.60 56.13 -12.58
N GLU A 236 34.31 55.05 -12.90
CA GLU A 236 35.07 54.99 -14.15
C GLU A 236 34.22 54.54 -15.36
N VAL A 237 32.97 54.15 -15.11
CA VAL A 237 32.06 53.87 -16.22
C VAL A 237 31.85 55.17 -16.97
N GLU A 238 31.93 55.12 -18.29
CA GLU A 238 31.97 56.34 -19.08
C GLU A 238 30.60 56.90 -19.41
N ASN A 239 30.46 58.21 -19.35
CA ASN A 239 29.18 58.85 -19.69
C ASN A 239 29.11 59.32 -21.14
N LYS A 240 28.23 58.71 -21.91
CA LYS A 240 28.05 59.07 -23.31
C LYS A 240 26.79 59.88 -23.53
N ASN A 241 26.11 60.25 -22.44
CA ASN A 241 24.91 61.08 -22.49
C ASN A 241 23.89 60.61 -23.49
N VAL A 242 23.58 59.32 -23.46
CA VAL A 242 22.64 58.72 -24.37
C VAL A 242 21.24 59.18 -24.03
N PRO A 243 20.52 59.72 -25.02
CA PRO A 243 19.13 60.08 -24.73
C PRO A 243 18.29 58.83 -24.47
N LEU A 244 17.44 58.88 -23.46
CA LEU A 244 16.61 57.74 -23.14
C LEU A 244 15.60 57.47 -24.25
N PRO A 245 15.58 56.23 -24.79
CA PRO A 245 14.62 55.90 -25.85
C PRO A 245 13.20 56.12 -25.36
N GLU A 246 12.35 56.74 -26.18
CA GLU A 246 10.93 56.86 -25.89
C GLU A 246 10.08 56.45 -27.08
N PHE A 247 8.87 55.96 -26.81
CA PHE A 247 8.03 55.44 -27.88
C PHE A 247 6.62 56.02 -27.77
N PRO A 248 6.47 57.29 -28.14
CA PRO A 248 5.21 58.01 -27.94
C PRO A 248 4.08 57.56 -28.87
N GLU A 249 4.46 57.00 -30.01
CA GLU A 249 3.48 56.50 -30.95
C GLU A 249 3.04 55.09 -30.56
N HIS A 250 1.73 54.87 -30.38
CA HIS A 250 1.28 53.53 -30.01
C HIS A 250 1.49 52.53 -31.15
N PRO A 251 1.96 51.32 -30.82
CA PRO A 251 2.13 50.25 -31.81
C PRO A 251 0.80 49.94 -32.48
N PHE A 252 -0.29 50.23 -31.78
CA PHE A 252 -1.61 49.95 -32.32
C PHE A 252 -2.28 51.25 -32.76
N GLN A 253 -2.33 51.45 -34.06
CA GLN A 253 -3.00 52.63 -34.61
C GLN A 253 -4.43 52.28 -35.02
N GLU A 254 -5.09 53.19 -35.74
CA GLU A 254 -6.49 52.95 -36.10
C GLU A 254 -6.69 51.63 -36.79
N GLU A 255 -5.86 51.34 -37.79
CA GLU A 255 -6.06 50.13 -38.59
C GLU A 255 -5.87 48.87 -37.77
N HIS A 256 -5.37 49.01 -36.54
CA HIS A 256 -5.15 47.83 -35.72
C HIS A 256 -6.23 47.68 -34.66
N LEU A 257 -7.27 48.50 -34.75
CA LEU A 257 -8.37 48.46 -33.79
C LEU A 257 -9.63 47.89 -34.43
N LYS A 258 -10.55 47.42 -33.57
CA LYS A 258 -11.74 46.69 -34.02
C LYS A 258 -11.31 45.48 -34.86
N GLN A 259 -10.23 44.83 -34.44
CA GLN A 259 -9.71 43.65 -35.11
C GLN A 259 -9.94 42.43 -34.24
N LEU A 260 -10.17 41.30 -34.89
CA LEU A 260 -10.37 40.00 -34.25
C LEU A 260 -9.31 39.04 -34.73
N TYR A 261 -8.69 38.31 -33.82
CA TYR A 261 -7.67 37.33 -34.19
C TYR A 261 -8.12 35.94 -33.74
N LYS A 262 -8.13 34.97 -34.65
CA LYS A 262 -8.47 33.61 -34.28
C LYS A 262 -7.21 32.78 -34.33
N ILE A 263 -6.83 32.22 -33.19
CA ILE A 263 -5.51 31.60 -33.01
C ILE A 263 -5.57 30.14 -32.58
N VAL A 264 -4.74 29.33 -33.23
CA VAL A 264 -4.58 27.93 -32.86
C VAL A 264 -3.49 27.72 -31.83
N PRO A 265 -3.87 27.16 -30.68
CA PRO A 265 -2.89 26.89 -29.62
C PRO A 265 -2.17 25.57 -29.81
N ILE A 266 -1.13 25.33 -29.02
CA ILE A 266 -0.43 24.05 -29.00
C ILE A 266 -1.19 23.16 -28.03
N LYS A 267 -1.39 23.67 -26.82
CA LYS A 267 -2.22 23.00 -25.85
C LYS A 267 -3.68 23.11 -26.22
N ASP A 268 -4.51 22.25 -25.65
CA ASP A 268 -5.96 22.36 -25.80
C ASP A 268 -6.48 23.35 -24.77
N ILE A 269 -6.37 24.63 -25.07
CA ILE A 269 -6.87 25.69 -24.19
C ILE A 269 -7.86 26.56 -24.93
N ARG A 270 -8.68 27.24 -24.14
CA ARG A 270 -9.72 28.09 -24.68
C ARG A 270 -9.62 29.45 -24.00
N ASN A 271 -9.12 30.44 -24.74
CA ASN A 271 -8.97 31.75 -24.13
C ASN A 271 -9.43 32.87 -25.00
N LEU A 272 -9.85 33.93 -24.33
CA LEU A 272 -10.23 35.19 -24.95
C LEU A 272 -9.48 36.38 -24.35
N TYR A 273 -8.80 37.12 -25.21
CA TYR A 273 -8.02 38.29 -24.80
C TYR A 273 -8.63 39.56 -25.38
N VAL A 274 -9.12 40.44 -24.51
CA VAL A 274 -9.60 41.75 -24.93
C VAL A 274 -8.60 42.82 -24.52
N THR A 275 -8.17 43.63 -25.47
CA THR A 275 -7.09 44.60 -25.27
C THR A 275 -7.48 45.98 -25.75
N PHE A 276 -7.18 46.98 -24.94
CA PHE A 276 -7.36 48.38 -25.29
C PHE A 276 -6.02 49.08 -25.21
N PRO A 277 -5.59 49.75 -26.29
CA PRO A 277 -4.41 50.61 -26.21
C PRO A 277 -4.70 51.80 -25.32
N ILE A 278 -3.78 52.13 -24.42
CA ILE A 278 -3.94 53.30 -23.58
C ILE A 278 -2.62 54.09 -23.52
N PRO A 279 -2.68 55.36 -23.12
CA PRO A 279 -1.44 56.11 -22.91
C PRO A 279 -0.58 55.55 -21.75
N ASP A 280 0.64 56.05 -21.65
CA ASP A 280 1.55 55.68 -20.58
C ASP A 280 1.09 56.26 -19.25
N LEU A 281 0.73 55.40 -18.31
CA LEU A 281 0.18 55.83 -17.03
C LEU A 281 1.26 55.92 -15.94
N GLN A 282 2.47 55.55 -16.28
CA GLN A 282 3.56 55.49 -15.30
C GLN A 282 3.77 56.78 -14.51
N LYS A 283 3.69 57.93 -15.15
CA LYS A 283 3.96 59.18 -14.44
C LYS A 283 2.92 59.44 -13.34
N TYR A 284 1.76 58.80 -13.48
CA TYR A 284 0.65 58.98 -12.53
C TYR A 284 0.72 58.00 -11.33
N TYR A 285 1.91 57.55 -10.98
CA TYR A 285 2.04 56.54 -9.95
C TYR A 285 1.44 56.92 -8.59
N LYS A 286 1.26 58.20 -8.31
CA LYS A 286 0.74 58.54 -7.00
C LYS A 286 -0.79 58.37 -6.91
N SER A 287 -1.49 58.40 -8.05
CA SER A 287 -2.94 58.09 -8.06
C SER A 287 -3.25 56.68 -8.57
N ASN A 288 -2.44 56.23 -9.52
CA ASN A 288 -2.54 54.91 -10.09
C ASN A 288 -3.94 54.52 -10.62
N PRO A 289 -4.48 55.32 -11.55
CA PRO A 289 -5.82 55.13 -12.11
C PRO A 289 -6.04 53.81 -12.82
N GLY A 290 -5.03 53.27 -13.48
CA GLY A 290 -5.22 52.00 -14.15
C GLY A 290 -5.37 50.86 -13.17
N HIS A 291 -4.72 50.95 -12.02
CA HIS A 291 -4.88 49.92 -11.02
C HIS A 291 -6.23 50.01 -10.32
N TYR A 292 -6.72 51.24 -10.17
CA TYR A 292 -8.05 51.44 -9.62
C TYR A 292 -9.04 50.67 -10.49
N LEU A 293 -8.94 50.85 -11.80
CA LEU A 293 -9.87 50.20 -12.73
C LEU A 293 -9.64 48.69 -12.82
N GLY A 294 -8.38 48.28 -12.80
CA GLY A 294 -8.06 46.87 -12.80
C GLY A 294 -8.61 46.20 -11.56
N HIS A 295 -8.49 46.90 -10.44
CA HIS A 295 -9.06 46.39 -9.20
C HIS A 295 -10.53 46.08 -9.35
N LEU A 296 -11.28 46.97 -10.02
CA LEU A 296 -12.72 46.78 -10.13
C LEU A 296 -13.10 45.80 -11.22
N ILE A 297 -12.66 46.07 -12.43
CA ILE A 297 -12.95 45.19 -13.55
C ILE A 297 -12.44 43.78 -13.29
N GLY A 298 -11.36 43.65 -12.53
CA GLY A 298 -10.81 42.34 -12.25
C GLY A 298 -11.30 41.69 -10.96
N HIS A 299 -12.23 42.36 -10.27
CA HIS A 299 -12.73 41.86 -9.00
C HIS A 299 -13.40 40.49 -9.17
N GLU A 300 -13.30 39.66 -8.13
CA GLU A 300 -13.90 38.30 -8.16
C GLU A 300 -15.00 38.11 -7.10
N GLY A 301 -15.33 39.18 -6.40
CA GLY A 301 -16.34 39.09 -5.38
C GLY A 301 -17.76 39.22 -5.92
N PRO A 302 -18.72 39.23 -4.99
CA PRO A 302 -20.13 39.38 -5.38
C PRO A 302 -20.34 40.64 -6.20
N GLY A 303 -21.07 40.54 -7.29
CA GLY A 303 -21.44 41.74 -8.03
C GLY A 303 -20.53 41.91 -9.19
N SER A 304 -19.41 41.20 -9.17
CA SER A 304 -18.34 41.37 -10.16
C SER A 304 -18.70 40.82 -11.53
N LEU A 305 -17.96 41.28 -12.53
CA LEU A 305 -18.06 40.79 -13.89
C LEU A 305 -17.83 39.28 -13.98
N LEU A 306 -16.79 38.80 -13.31
CA LEU A 306 -16.46 37.38 -13.32
C LEU A 306 -17.60 36.57 -12.74
N SER A 307 -18.26 37.04 -11.68
CA SER A 307 -19.33 36.24 -11.09
C SER A 307 -20.40 35.92 -12.10
N GLU A 308 -20.82 36.94 -12.87
CA GLU A 308 -21.89 36.74 -13.82
C GLU A 308 -21.43 35.84 -14.95
N LEU A 309 -20.19 36.01 -15.39
CA LEU A 309 -19.66 35.17 -16.47
C LEU A 309 -19.55 33.71 -16.03
N LYS A 310 -19.27 33.50 -14.74
CA LYS A 310 -19.19 32.16 -14.17
C LYS A 310 -20.54 31.50 -14.09
N SER A 311 -21.51 32.27 -13.58
CA SER A 311 -22.89 31.81 -13.40
C SER A 311 -23.51 31.44 -14.73
N LYS A 312 -23.10 32.12 -15.80
CA LYS A 312 -23.66 31.83 -17.11
C LYS A 312 -22.93 30.62 -17.72
N GLY A 313 -21.88 30.14 -17.06
CA GLY A 313 -21.15 28.96 -17.50
C GLY A 313 -20.23 29.27 -18.68
N TRP A 314 -19.80 30.52 -18.79
CA TRP A 314 -19.01 30.92 -19.92
C TRP A 314 -17.52 30.99 -19.61
N VAL A 315 -17.17 31.46 -18.41
CA VAL A 315 -15.77 31.58 -18.05
C VAL A 315 -15.54 31.06 -16.63
N ASN A 316 -14.28 30.73 -16.33
CA ASN A 316 -13.89 30.27 -15.01
C ASN A 316 -12.98 31.27 -14.30
N THR A 317 -12.07 31.86 -15.06
CA THR A 317 -11.13 32.81 -14.50
C THR A 317 -11.10 34.07 -15.34
N LEU A 318 -10.68 35.16 -14.71
CA LEU A 318 -10.60 36.45 -15.36
C LEU A 318 -9.41 37.27 -14.83
N VAL A 319 -8.69 37.91 -15.73
CA VAL A 319 -7.63 38.84 -15.38
C VAL A 319 -7.93 40.18 -16.02
N GLY A 320 -7.87 41.26 -15.25
CA GLY A 320 -8.11 42.57 -15.80
C GLY A 320 -7.21 43.62 -15.20
N GLY A 321 -6.85 44.60 -16.01
CA GLY A 321 -6.05 45.69 -15.49
C GLY A 321 -5.04 46.16 -16.50
N GLN A 322 -4.15 47.01 -16.02
CA GLN A 322 -3.21 47.61 -16.94
C GLN A 322 -1.99 46.70 -17.17
N LYS A 323 -1.51 46.71 -18.40
CA LYS A 323 -0.39 45.87 -18.80
C LYS A 323 0.70 46.78 -19.39
N GLU A 324 1.95 46.57 -19.00
CA GLU A 324 3.02 47.46 -19.45
C GLU A 324 3.34 47.30 -20.91
N GLY A 325 3.80 48.40 -21.51
CA GLY A 325 4.28 48.39 -22.88
C GLY A 325 5.69 48.91 -22.88
N ALA A 326 5.87 50.21 -23.05
CA ALA A 326 7.18 50.84 -22.85
C ALA A 326 6.97 52.31 -22.53
N ARG A 327 8.07 53.06 -22.37
CA ARG A 327 7.93 54.51 -22.20
C ARG A 327 7.18 55.03 -23.41
N GLY A 328 5.93 55.44 -23.19
CA GLY A 328 5.09 56.00 -24.23
C GLY A 328 3.75 55.34 -24.51
N PHE A 329 3.60 54.08 -24.13
CA PHE A 329 2.36 53.34 -24.38
C PHE A 329 2.14 52.18 -23.39
N MET A 330 0.88 51.81 -23.19
CA MET A 330 0.49 50.76 -22.26
C MET A 330 -0.74 50.10 -22.84
N PHE A 331 -1.23 49.07 -22.17
CA PHE A 331 -2.45 48.43 -22.62
C PHE A 331 -3.38 48.28 -21.45
N PHE A 332 -4.66 48.14 -21.72
CA PHE A 332 -5.58 47.68 -20.70
C PHE A 332 -6.19 46.38 -21.19
N ILE A 333 -6.16 45.36 -20.35
CA ILE A 333 -6.61 44.05 -20.77
C ILE A 333 -7.70 43.46 -19.89
N ILE A 334 -8.51 42.62 -20.51
CA ILE A 334 -9.44 41.73 -19.82
C ILE A 334 -9.34 40.39 -20.47
N ASN A 335 -8.85 39.42 -19.71
CA ASN A 335 -8.58 38.09 -20.24
C ASN A 335 -9.33 37.07 -19.46
N VAL A 336 -10.05 36.19 -20.15
CA VAL A 336 -10.79 35.11 -19.51
C VAL A 336 -10.46 33.80 -20.17
N ASP A 337 -10.64 32.70 -19.46
CA ASP A 337 -10.63 31.40 -20.13
C ASP A 337 -12.05 31.12 -20.61
N LEU A 338 -12.22 30.11 -21.47
CA LEU A 338 -13.54 29.85 -22.03
C LEU A 338 -13.98 28.43 -21.79
N THR A 339 -15.22 28.28 -21.34
CA THR A 339 -15.86 26.96 -21.32
C THR A 339 -16.25 26.64 -22.75
N GLU A 340 -16.71 25.43 -22.99
CA GLU A 340 -17.17 25.10 -24.34
C GLU A 340 -18.38 25.99 -24.71
N GLU A 341 -19.24 26.34 -23.73
CA GLU A 341 -20.33 27.25 -24.07
C GLU A 341 -19.80 28.64 -24.31
N GLY A 342 -18.89 29.06 -23.44
CA GLY A 342 -18.30 30.38 -23.52
C GLY A 342 -17.73 30.65 -24.89
N LEU A 343 -17.15 29.61 -25.48
CA LEU A 343 -16.52 29.72 -26.79
C LEU A 343 -17.54 30.11 -27.84
N LEU A 344 -18.78 29.70 -27.63
CA LEU A 344 -19.87 30.01 -28.56
C LEU A 344 -20.54 31.33 -28.22
N HIS A 345 -20.03 32.01 -27.19
CA HIS A 345 -20.69 33.23 -26.70
C HIS A 345 -19.76 34.42 -26.47
N VAL A 346 -18.67 34.44 -27.23
CA VAL A 346 -17.71 35.52 -27.10
C VAL A 346 -18.36 36.90 -27.27
N GLU A 347 -19.26 37.02 -28.23
CA GLU A 347 -19.94 38.30 -28.41
C GLU A 347 -20.67 38.71 -27.14
N ASP A 348 -21.37 37.76 -26.52
CA ASP A 348 -22.09 38.05 -25.29
C ASP A 348 -21.12 38.33 -24.14
N ILE A 349 -20.05 37.53 -24.04
CA ILE A 349 -19.06 37.77 -22.99
C ILE A 349 -18.54 39.22 -23.08
N ILE A 350 -18.15 39.60 -24.29
CA ILE A 350 -17.64 40.95 -24.49
C ILE A 350 -18.71 42.03 -24.23
N LEU A 351 -19.97 41.74 -24.57
CA LEU A 351 -21.05 42.67 -24.24
C LEU A 351 -21.16 42.89 -22.74
N HIS A 352 -21.02 41.79 -21.98
CA HIS A 352 -21.08 41.90 -20.53
C HIS A 352 -19.95 42.74 -20.02
N MET A 353 -18.78 42.61 -20.65
CA MET A 353 -17.61 43.41 -20.27
C MET A 353 -17.90 44.90 -20.39
N PHE A 354 -18.50 45.26 -21.53
CA PHE A 354 -18.82 46.66 -21.80
C PHE A 354 -19.98 47.11 -20.95
N GLN A 355 -20.80 46.16 -20.52
CA GLN A 355 -21.85 46.48 -19.57
C GLN A 355 -21.27 46.84 -18.21
N TYR A 356 -20.31 46.04 -17.75
CA TYR A 356 -19.67 46.31 -16.47
C TYR A 356 -18.88 47.63 -16.53
N ILE A 357 -18.21 47.86 -17.64
CA ILE A 357 -17.48 49.10 -17.81
C ILE A 357 -18.47 50.28 -17.74
N GLN A 358 -19.62 50.12 -18.39
CA GLN A 358 -20.65 51.16 -18.35
C GLN A 358 -21.15 51.43 -16.93
N LYS A 359 -21.25 50.38 -16.12
CA LYS A 359 -21.66 50.56 -14.74
C LYS A 359 -20.66 51.48 -14.05
N LEU A 360 -19.37 51.29 -14.33
CA LEU A 360 -18.34 52.10 -13.70
C LEU A 360 -18.45 53.57 -14.09
N ARG A 361 -18.77 53.83 -15.35
CA ARG A 361 -19.05 55.20 -15.81
C ARG A 361 -20.25 55.79 -15.05
N ALA A 362 -21.31 55.00 -14.92
CA ALA A 362 -22.53 55.47 -14.29
C ALA A 362 -22.35 55.89 -12.83
N GLU A 363 -21.52 55.17 -12.09
CA GLU A 363 -21.36 55.43 -10.66
C GLU A 363 -20.33 56.51 -10.45
N GLY A 364 -19.42 56.66 -11.41
CA GLY A 364 -18.34 57.62 -11.28
C GLY A 364 -17.27 57.13 -10.33
N PRO A 365 -16.13 57.84 -10.27
CA PRO A 365 -15.02 57.49 -9.38
C PRO A 365 -15.44 57.46 -7.92
N GLN A 366 -14.94 56.49 -7.16
CA GLN A 366 -15.31 56.26 -5.77
C GLN A 366 -14.14 56.47 -4.83
N GLU A 367 -14.13 57.54 -4.05
CA GLU A 367 -13.02 57.78 -3.15
C GLU A 367 -12.87 56.69 -2.11
N TRP A 368 -13.99 56.12 -1.68
CA TRP A 368 -13.88 55.09 -0.66
C TRP A 368 -13.11 53.90 -1.22
N VAL A 369 -13.28 53.61 -2.52
CA VAL A 369 -12.52 52.54 -3.18
C VAL A 369 -11.03 52.89 -3.21
N PHE A 370 -10.73 54.09 -3.64
CA PHE A 370 -9.37 54.57 -3.60
C PHE A 370 -8.77 54.50 -2.20
N GLN A 371 -9.54 55.00 -1.24
CA GLN A 371 -9.11 55.00 0.15
C GLN A 371 -8.73 53.60 0.63
N GLU A 372 -9.56 52.62 0.25
CA GLU A 372 -9.32 51.23 0.62
C GLU A 372 -8.03 50.68 0.02
N LEU A 373 -7.82 50.91 -1.28
CA LEU A 373 -6.59 50.46 -1.93
C LEU A 373 -5.38 51.08 -1.25
N LYS A 374 -5.51 52.34 -0.89
CA LYS A 374 -4.48 53.08 -0.19
C LYS A 374 -4.12 52.47 1.16
N ASP A 375 -5.16 52.15 1.94
CA ASP A 375 -4.94 51.57 3.25
C ASP A 375 -4.30 50.22 3.21
N LEU A 376 -4.78 49.39 2.29
CA LEU A 376 -4.21 48.07 2.10
C LEU A 376 -2.75 48.14 1.72
N ASN A 377 -2.44 48.98 0.73
CA ASN A 377 -1.05 49.17 0.33
C ASN A 377 -0.21 49.69 1.47
N ALA A 378 -0.78 50.58 2.30
CA ALA A 378 -0.02 51.11 3.44
C ALA A 378 0.33 50.02 4.45
N VAL A 379 -0.65 49.17 4.75
CA VAL A 379 -0.45 48.06 5.66
C VAL A 379 0.55 47.09 5.04
N ALA A 380 0.39 46.79 3.76
CA ALA A 380 1.28 45.89 3.08
C ALA A 380 2.69 46.44 3.17
N PHE A 381 2.86 47.75 3.03
CA PHE A 381 4.22 48.27 3.06
C PHE A 381 4.85 48.26 4.45
N ARG A 382 4.06 48.65 5.43
CA ARG A 382 4.52 48.69 6.81
C ARG A 382 5.05 47.31 7.19
N PHE A 383 4.23 46.30 6.94
CA PHE A 383 4.52 44.96 7.40
C PHE A 383 5.07 44.07 6.30
N LYS A 384 5.75 44.67 5.34
CA LYS A 384 6.32 43.93 4.22
C LYS A 384 7.31 42.91 4.73
N ASP A 385 7.31 41.69 4.18
CA ASP A 385 8.31 40.70 4.57
C ASP A 385 9.70 41.14 4.14
N LYS A 386 10.71 40.85 4.94
CA LYS A 386 12.07 41.17 4.52
C LYS A 386 12.47 40.31 3.32
N GLU A 387 12.93 40.95 2.26
CA GLU A 387 13.23 40.29 0.98
C GLU A 387 14.58 39.59 1.01
N ARG A 388 14.73 38.54 0.20
CA ARG A 388 16.04 37.97 -0.07
C ARG A 388 16.82 39.01 -0.87
N PRO A 389 18.09 39.26 -0.51
CA PRO A 389 18.93 40.33 -1.09
C PRO A 389 18.99 40.33 -2.63
N ARG A 390 19.24 39.18 -3.23
CA ARG A 390 19.41 39.11 -4.68
C ARG A 390 18.19 39.66 -5.44
N GLY A 391 17.00 39.19 -5.12
CA GLY A 391 15.80 39.72 -5.76
C GLY A 391 15.58 41.19 -5.49
N TYR A 392 15.97 41.62 -4.30
CA TYR A 392 15.75 42.98 -3.83
C TYR A 392 16.60 44.01 -4.59
N THR A 393 17.89 43.73 -4.70
CA THR A 393 18.79 44.62 -5.44
C THR A 393 18.32 44.70 -6.90
N SER A 394 17.89 43.57 -7.46
CA SER A 394 17.45 43.53 -8.85
C SER A 394 16.22 44.41 -9.03
N LYS A 395 15.23 44.22 -8.16
CA LYS A 395 14.00 44.99 -8.24
C LYS A 395 14.26 46.48 -8.07
N ILE A 396 15.03 46.85 -7.07
CA ILE A 396 15.26 48.29 -6.81
C ILE A 396 16.10 48.96 -7.92
N ALA A 397 17.10 48.24 -8.42
CA ALA A 397 17.89 48.72 -9.54
C ALA A 397 17.02 49.05 -10.75
N GLY A 398 15.97 48.26 -10.97
CA GLY A 398 15.04 48.57 -12.03
C GLY A 398 14.25 49.84 -11.78
N ILE A 399 13.82 50.07 -10.54
CA ILE A 399 12.94 51.20 -10.28
C ILE A 399 13.68 52.47 -9.90
N LEU A 400 14.99 52.40 -9.73
CA LEU A 400 15.74 53.63 -9.53
C LEU A 400 15.61 54.54 -10.76
N HIS A 401 15.21 53.97 -11.88
CA HIS A 401 15.02 54.70 -13.13
C HIS A 401 13.71 55.48 -13.20
N TYR A 402 12.78 55.23 -12.29
CA TYR A 402 11.43 55.77 -12.44
C TYR A 402 11.01 56.70 -11.33
N TYR A 403 11.77 56.69 -10.24
CA TYR A 403 11.37 57.37 -9.02
C TYR A 403 12.53 58.10 -8.36
N PRO A 404 12.21 59.19 -7.66
CA PRO A 404 13.23 59.91 -6.89
C PRO A 404 13.89 59.00 -5.85
N LEU A 405 15.18 59.21 -5.55
CA LEU A 405 15.87 58.28 -4.68
C LEU A 405 15.12 58.05 -3.39
N GLU A 406 14.55 59.13 -2.86
CA GLU A 406 13.90 59.10 -1.56
C GLU A 406 12.64 58.24 -1.53
N GLU A 407 12.08 58.02 -2.71
CA GLU A 407 10.83 57.31 -2.89
C GLU A 407 10.95 55.89 -3.46
N VAL A 408 12.17 55.40 -3.74
CA VAL A 408 12.30 54.10 -4.42
C VAL A 408 11.67 52.98 -3.63
N LEU A 409 11.74 53.02 -2.31
CA LEU A 409 11.19 51.93 -1.52
C LEU A 409 9.66 52.04 -1.43
N THR A 410 9.14 53.27 -1.39
CA THR A 410 7.69 53.48 -1.21
C THR A 410 6.91 53.62 -2.52
N ALA A 411 7.56 54.05 -3.59
CA ALA A 411 6.85 54.50 -4.79
C ALA A 411 5.83 53.50 -5.33
N GLU A 412 6.12 52.20 -5.22
CA GLU A 412 5.24 51.22 -5.80
C GLU A 412 4.20 50.73 -4.80
N TYR A 413 4.15 51.36 -3.64
CA TYR A 413 3.20 50.99 -2.63
C TYR A 413 2.22 52.10 -2.28
N LEU A 414 2.72 53.29 -1.97
CA LEU A 414 1.86 54.28 -1.33
C LEU A 414 1.13 55.10 -2.37
N LEU A 415 -0.17 55.22 -2.11
CA LEU A 415 -1.05 56.07 -2.86
C LEU A 415 -1.20 57.37 -2.09
N GLU A 416 -1.36 58.44 -2.84
CA GLU A 416 -1.28 59.78 -2.35
C GLU A 416 -2.46 60.58 -2.81
N GLU A 417 -2.67 60.51 -4.12
CA GLU A 417 -3.61 61.36 -4.82
C GLU A 417 -4.87 60.63 -5.24
N PHE A 418 -6.04 61.19 -4.93
CA PHE A 418 -7.28 60.72 -5.53
C PHE A 418 -7.51 61.47 -6.85
N ARG A 419 -7.55 60.76 -7.99
CA ARG A 419 -7.70 61.47 -9.26
C ARG A 419 -8.88 61.01 -10.08
N PRO A 420 -10.07 61.46 -9.70
CA PRO A 420 -11.25 61.05 -10.46
C PRO A 420 -11.12 61.46 -11.92
N ASP A 421 -10.36 62.50 -12.21
CA ASP A 421 -10.16 62.95 -13.61
C ASP A 421 -9.38 61.94 -14.45
N LEU A 422 -8.33 61.36 -13.87
CA LEU A 422 -7.52 60.39 -14.60
C LEU A 422 -8.27 59.10 -14.74
N ILE A 423 -9.06 58.78 -13.72
CA ILE A 423 -9.88 57.57 -13.76
C ILE A 423 -10.89 57.64 -14.90
N GLU A 424 -11.53 58.79 -15.07
CA GLU A 424 -12.46 58.95 -16.19
C GLU A 424 -11.73 58.99 -17.50
N MET A 425 -10.51 59.54 -17.50
CA MET A 425 -9.72 59.61 -18.71
C MET A 425 -9.41 58.20 -19.24
N VAL A 426 -9.03 57.28 -18.35
CA VAL A 426 -8.69 55.92 -18.77
C VAL A 426 -9.93 55.14 -19.11
N LEU A 427 -10.97 55.32 -18.31
CA LEU A 427 -12.24 54.67 -18.54
C LEU A 427 -12.79 55.05 -19.93
N ASP A 428 -12.53 56.28 -20.37
CA ASP A 428 -12.94 56.73 -21.71
C ASP A 428 -12.25 56.00 -22.89
N LYS A 429 -11.16 55.33 -22.60
CA LYS A 429 -10.45 54.57 -23.60
C LYS A 429 -11.03 53.17 -23.70
N LEU A 430 -11.72 52.73 -22.66
CA LEU A 430 -12.20 51.36 -22.67
C LEU A 430 -13.52 51.27 -23.42
N ARG A 431 -13.44 51.46 -24.74
CA ARG A 431 -14.62 51.52 -25.58
C ARG A 431 -14.47 50.58 -26.77
N PRO A 432 -15.61 50.09 -27.32
CA PRO A 432 -15.59 49.14 -28.43
C PRO A 432 -14.82 49.62 -29.65
N GLU A 433 -14.86 50.92 -29.92
CA GLU A 433 -14.17 51.43 -31.11
C GLU A 433 -12.67 51.43 -30.93
N ASN A 434 -12.24 51.11 -29.72
CA ASN A 434 -10.83 51.10 -29.38
C ASN A 434 -10.37 49.67 -29.03
N VAL A 435 -11.17 48.65 -29.36
CA VAL A 435 -10.96 47.30 -28.85
C VAL A 435 -10.23 46.33 -29.79
N ARG A 436 -9.45 45.44 -29.20
CA ARG A 436 -8.80 44.34 -29.93
C ARG A 436 -9.20 43.02 -29.26
N VAL A 437 -9.58 42.04 -30.08
CA VAL A 437 -10.09 40.76 -29.58
C VAL A 437 -9.32 39.57 -30.16
N ALA A 438 -8.80 38.71 -29.29
CA ALA A 438 -8.14 37.46 -29.71
C ALA A 438 -8.80 36.27 -29.06
N ILE A 439 -9.15 35.26 -29.85
CA ILE A 439 -9.70 34.01 -29.34
C ILE A 439 -8.73 32.89 -29.63
N VAL A 440 -8.39 32.11 -28.60
CA VAL A 440 -7.46 30.98 -28.78
C VAL A 440 -8.24 29.69 -28.60
N SER A 441 -8.30 28.88 -29.65
CA SER A 441 -9.05 27.62 -29.58
C SER A 441 -8.63 26.65 -30.66
N LYS A 442 -8.66 25.36 -30.34
CA LYS A 442 -8.32 24.37 -31.34
C LYS A 442 -9.37 24.30 -32.44
N SER A 443 -10.55 24.87 -32.22
CA SER A 443 -11.60 24.84 -33.24
C SER A 443 -11.23 25.64 -34.50
N PHE A 444 -10.15 26.42 -34.42
CA PHE A 444 -9.72 27.23 -35.55
C PHE A 444 -8.72 26.44 -36.38
N GLU A 445 -8.38 25.27 -35.88
CA GLU A 445 -7.52 24.36 -36.63
C GLU A 445 -8.06 24.18 -38.04
N GLY A 446 -7.22 24.48 -39.04
CA GLY A 446 -7.58 24.32 -40.45
C GLY A 446 -8.27 25.50 -41.09
N LYS A 447 -8.66 26.48 -40.30
CA LYS A 447 -9.44 27.62 -40.78
C LYS A 447 -8.62 28.89 -40.77
N THR A 448 -7.30 28.75 -40.65
CA THR A 448 -6.43 29.92 -40.57
C THR A 448 -5.67 30.12 -41.90
N ASP A 449 -5.26 31.35 -42.18
CA ASP A 449 -4.52 31.67 -43.41
C ASP A 449 -3.20 32.43 -43.24
N ARG A 450 -2.80 32.69 -42.00
CA ARG A 450 -1.56 33.41 -41.72
C ARG A 450 -0.67 32.65 -40.75
N THR A 451 0.62 32.96 -40.81
CA THR A 451 1.61 32.27 -40.00
C THR A 451 2.56 33.29 -39.43
N GLU A 452 2.61 33.43 -38.11
CA GLU A 452 3.60 34.33 -37.51
C GLU A 452 4.99 33.73 -37.71
N GLU A 453 5.94 34.56 -38.13
CA GLU A 453 7.22 34.04 -38.65
C GLU A 453 8.19 33.45 -37.62
N TRP A 454 8.21 33.99 -36.41
CA TRP A 454 9.19 33.54 -35.45
C TRP A 454 8.80 32.26 -34.74
N TYR A 455 7.51 32.08 -34.45
CA TYR A 455 7.08 30.89 -33.74
C TYR A 455 6.29 29.92 -34.61
N GLY A 456 5.74 30.39 -35.72
CA GLY A 456 4.95 29.55 -36.62
C GLY A 456 3.46 29.52 -36.31
N THR A 457 3.04 30.43 -35.44
CA THR A 457 1.66 30.45 -34.96
C THR A 457 0.66 30.59 -36.10
N GLN A 458 -0.27 29.65 -36.17
CA GLN A 458 -1.35 29.67 -37.17
C GLN A 458 -2.49 30.57 -36.70
N TYR A 459 -2.85 31.56 -37.49
CA TYR A 459 -3.93 32.42 -37.08
C TYR A 459 -4.65 33.04 -38.26
N LYS A 460 -5.76 33.70 -37.94
CA LYS A 460 -6.58 34.39 -38.90
C LYS A 460 -6.94 35.76 -38.33
N GLN A 461 -7.00 36.77 -39.20
CA GLN A 461 -7.37 38.13 -38.81
C GLN A 461 -8.60 38.63 -39.54
N GLU A 462 -9.52 39.21 -38.79
CA GLU A 462 -10.76 39.71 -39.35
C GLU A 462 -11.10 41.05 -38.78
N ALA A 463 -11.85 41.85 -39.53
CA ALA A 463 -12.42 43.07 -38.96
C ALA A 463 -13.61 42.65 -38.10
N ILE A 464 -13.73 43.26 -36.93
CA ILE A 464 -14.95 43.09 -36.18
C ILE A 464 -16.01 43.91 -36.92
N PRO A 465 -17.15 43.28 -37.20
CA PRO A 465 -18.25 43.91 -37.94
C PRO A 465 -18.80 45.13 -37.22
N ASP A 466 -19.15 46.19 -37.95
CA ASP A 466 -19.66 47.44 -37.35
C ASP A 466 -20.92 47.19 -36.54
N GLU A 467 -21.72 46.25 -37.02
CA GLU A 467 -22.94 45.84 -36.35
C GLU A 467 -22.62 45.34 -34.93
N VAL A 468 -21.52 44.61 -34.81
CA VAL A 468 -21.06 44.08 -33.51
C VAL A 468 -20.48 45.20 -32.63
N ILE A 469 -19.73 46.10 -33.25
CA ILE A 469 -19.23 47.24 -32.51
C ILE A 469 -20.38 48.07 -31.94
N LYS A 470 -21.37 48.37 -32.78
CA LYS A 470 -22.54 49.16 -32.36
C LYS A 470 -23.26 48.46 -31.21
N LYS A 471 -23.43 47.15 -31.30
CA LYS A 471 -24.12 46.43 -30.23
C LYS A 471 -23.36 46.65 -28.89
N TRP A 472 -22.03 46.54 -28.93
CA TRP A 472 -21.20 46.77 -27.75
C TRP A 472 -21.30 48.23 -27.27
N GLN A 473 -21.35 49.16 -28.22
CA GLN A 473 -21.45 50.56 -27.85
C GLN A 473 -22.76 50.92 -27.17
N ASN A 474 -23.83 50.21 -27.48
CA ASN A 474 -25.13 50.53 -26.87
C ASN A 474 -25.45 49.70 -25.63
N ALA A 475 -24.41 49.22 -24.96
CA ALA A 475 -24.55 48.34 -23.79
C ALA A 475 -25.28 49.05 -22.65
N ASP A 476 -26.45 48.52 -22.31
CA ASP A 476 -27.27 49.05 -21.22
C ASP A 476 -26.65 48.67 -19.89
N LEU A 477 -27.33 49.01 -18.81
CA LEU A 477 -26.84 48.58 -17.52
C LEU A 477 -27.48 47.25 -17.17
N ASN A 478 -26.64 46.28 -16.86
CA ASN A 478 -27.05 44.99 -16.35
C ASN A 478 -27.13 45.01 -14.82
N GLY A 479 -28.30 44.67 -14.28
CA GLY A 479 -28.51 44.76 -12.84
C GLY A 479 -27.82 43.67 -12.05
N LYS A 480 -27.08 42.81 -12.74
CA LYS A 480 -26.34 41.75 -12.08
C LYS A 480 -25.00 42.32 -11.60
N PHE A 481 -24.63 43.48 -12.11
CA PHE A 481 -23.36 44.09 -11.77
C PHE A 481 -23.53 45.19 -10.72
N LYS A 482 -23.03 44.93 -9.50
CA LYS A 482 -22.99 45.92 -8.43
C LYS A 482 -21.49 46.13 -8.10
N LEU A 483 -21.07 47.33 -7.71
CA LEU A 483 -19.71 47.56 -7.21
C LEU A 483 -19.45 46.74 -5.96
N PRO A 484 -18.19 46.44 -5.64
CA PRO A 484 -17.95 45.69 -4.40
C PRO A 484 -18.29 46.51 -3.16
N THR A 485 -18.63 45.85 -2.07
CA THR A 485 -18.89 46.53 -0.80
C THR A 485 -17.60 46.59 0.01
N LYS A 486 -17.62 47.32 1.12
CA LYS A 486 -16.45 47.46 1.97
C LYS A 486 -15.91 46.06 2.27
N ASN A 487 -14.59 45.96 2.23
CA ASN A 487 -13.85 44.73 2.50
C ASN A 487 -13.73 44.50 4.01
N GLU A 488 -14.43 43.49 4.52
CA GLU A 488 -14.50 43.30 5.96
C GLU A 488 -13.34 42.47 6.44
N PHE A 489 -12.49 42.01 5.52
CA PHE A 489 -11.35 41.21 5.92
C PHE A 489 -10.12 42.06 6.15
N ILE A 490 -10.24 43.35 5.92
CA ILE A 490 -9.14 44.26 6.17
C ILE A 490 -8.76 44.19 7.65
N PRO A 491 -7.50 43.92 7.92
CA PRO A 491 -7.00 43.73 9.29
C PRO A 491 -6.84 45.03 10.08
N THR A 492 -7.07 44.97 11.38
CA THR A 492 -6.96 46.15 12.24
C THR A 492 -6.13 45.88 13.48
N ASN A 493 -6.02 44.61 13.86
CA ASN A 493 -5.24 44.22 15.03
C ASN A 493 -3.83 43.74 14.68
N PHE A 494 -2.86 44.64 14.77
CA PHE A 494 -1.48 44.29 14.44
C PHE A 494 -0.59 44.12 15.67
N GLU A 495 -1.25 43.83 16.78
CA GLU A 495 -0.53 43.68 18.02
C GLU A 495 0.35 42.46 17.96
N ILE A 496 1.61 42.66 18.33
CA ILE A 496 2.55 41.57 18.46
C ILE A 496 2.51 41.04 19.89
N LEU A 497 2.05 39.80 20.07
CA LEU A 497 1.91 39.20 21.41
C LEU A 497 3.29 38.98 22.02
N PRO A 498 3.44 39.32 23.31
CA PRO A 498 4.75 39.18 23.95
C PRO A 498 5.21 37.74 23.92
N LEU A 499 6.52 37.55 23.82
CA LEU A 499 7.12 36.22 23.78
C LEU A 499 6.83 35.47 25.09
N GLU A 500 6.18 34.31 25.00
CA GLU A 500 5.83 33.50 26.19
C GLU A 500 7.07 32.99 26.89
N LYS A 501 6.94 32.69 28.19
CA LYS A 501 8.09 32.20 28.97
C LYS A 501 8.59 30.84 28.46
N GLU A 502 7.67 29.89 28.24
CA GLU A 502 8.04 28.55 27.77
C GLU A 502 8.11 28.48 26.23
N ALA A 503 8.56 29.56 25.60
CA ALA A 503 8.65 29.61 24.15
C ALA A 503 9.94 28.94 23.68
N THR A 504 9.89 28.30 22.52
CA THR A 504 11.01 27.53 22.00
C THR A 504 11.58 28.03 20.67
N PRO A 505 12.88 27.78 20.42
CA PRO A 505 13.57 28.15 19.17
C PRO A 505 13.10 27.31 17.97
N TYR A 506 12.66 26.08 18.23
CA TYR A 506 12.13 25.21 17.20
C TYR A 506 10.69 24.83 17.52
N PRO A 507 9.97 24.29 16.53
CA PRO A 507 8.60 23.87 16.82
C PRO A 507 8.58 22.82 17.92
N ALA A 508 7.58 22.91 18.77
CA ALA A 508 7.45 21.92 19.83
C ALA A 508 6.22 21.12 19.56
N LEU A 509 6.28 19.82 19.83
CA LEU A 509 5.11 18.98 19.71
C LEU A 509 4.22 19.22 20.92
N ILE A 510 3.11 19.92 20.73
CA ILE A 510 2.31 20.32 21.87
C ILE A 510 0.99 19.59 21.91
N LYS A 511 0.77 18.71 20.94
CA LYS A 511 -0.38 17.82 20.93
C LYS A 511 -0.04 16.58 20.11
N ASP A 512 -0.32 15.40 20.66
CA ASP A 512 0.05 14.13 20.02
C ASP A 512 -1.05 13.12 20.30
N THR A 513 -2.17 13.29 19.63
CA THR A 513 -3.29 12.39 19.81
C THR A 513 -3.49 11.49 18.60
N ALA A 514 -4.53 10.66 18.67
CA ALA A 514 -4.78 9.69 17.62
C ALA A 514 -5.18 10.40 16.35
N MET A 515 -5.82 11.55 16.52
CA MET A 515 -6.28 12.33 15.40
C MET A 515 -5.32 13.42 14.96
N SER A 516 -4.62 14.03 15.92
CA SER A 516 -3.82 15.22 15.66
C SER A 516 -2.41 15.18 16.20
N LYS A 517 -1.51 15.73 15.39
CA LYS A 517 -0.15 15.98 15.80
C LYS A 517 0.10 17.46 15.53
N LEU A 518 0.19 18.27 16.58
CA LEU A 518 0.30 19.72 16.45
C LEU A 518 1.67 20.23 16.83
N TRP A 519 2.40 20.71 15.82
CA TRP A 519 3.68 21.38 16.04
C TRP A 519 3.46 22.89 16.10
N PHE A 520 4.09 23.53 17.08
CA PHE A 520 3.87 24.95 17.30
C PHE A 520 5.16 25.72 17.60
N LYS A 521 5.26 26.92 17.04
CA LYS A 521 6.28 27.85 17.46
C LYS A 521 5.80 29.27 17.32
N GLN A 522 5.96 30.02 18.40
CA GLN A 522 5.69 31.43 18.39
C GLN A 522 6.86 32.14 17.73
N ASP A 523 6.58 33.00 16.77
CA ASP A 523 7.62 33.75 16.08
C ASP A 523 8.52 34.49 17.06
N ASP A 524 9.82 34.25 16.97
CA ASP A 524 10.82 34.92 17.82
C ASP A 524 11.87 35.69 17.00
N LYS A 525 11.49 36.05 15.78
CA LYS A 525 12.48 36.57 14.84
C LYS A 525 12.01 37.80 14.08
N PHE A 526 10.79 37.76 13.55
CA PHE A 526 10.35 38.74 12.54
C PHE A 526 9.39 39.78 13.04
N PHE A 527 8.55 39.40 14.00
CA PHE A 527 7.67 40.31 14.72
C PHE A 527 6.76 41.15 13.84
N LEU A 528 6.22 40.49 12.82
CA LEU A 528 5.17 41.06 12.01
C LEU A 528 3.89 40.36 12.40
N PRO A 529 2.73 41.04 12.29
CA PRO A 529 1.44 40.48 12.71
C PRO A 529 0.90 39.48 11.71
N LYS A 530 1.61 38.38 11.55
CA LYS A 530 1.29 37.38 10.56
C LYS A 530 1.50 36.00 11.13
N ALA A 531 0.82 35.02 10.56
CA ALA A 531 1.07 33.62 10.94
C ALA A 531 0.87 32.69 9.75
N ASN A 532 1.53 31.55 9.82
CA ASN A 532 1.35 30.49 8.84
C ASN A 532 0.72 29.30 9.54
N LEU A 533 -0.39 28.81 9.01
CA LEU A 533 -1.10 27.65 9.55
C LEU A 533 -1.11 26.55 8.50
N ASN A 534 -0.29 25.52 8.70
CA ASN A 534 -0.17 24.40 7.77
C ASN A 534 -0.81 23.11 8.30
N PHE A 535 -1.54 22.40 7.45
CA PHE A 535 -2.19 21.16 7.87
C PHE A 535 -2.00 20.08 6.82
N GLU A 536 -1.55 18.90 7.24
CA GLU A 536 -1.57 17.74 6.36
C GLU A 536 -2.72 16.85 6.82
N PHE A 537 -3.64 16.56 5.92
CA PHE A 537 -4.72 15.62 6.20
C PHE A 537 -4.38 14.28 5.54
N PHE A 538 -4.24 13.19 6.33
CA PHE A 538 -3.97 11.87 5.73
C PHE A 538 -5.23 11.08 5.59
N SER A 539 -5.48 10.61 4.37
CA SER A 539 -6.48 9.58 4.14
C SER A 539 -5.93 8.58 3.18
N PRO A 540 -6.07 7.29 3.51
CA PRO A 540 -5.65 6.30 2.52
C PRO A 540 -6.53 6.33 1.27
N PHE A 541 -7.61 7.09 1.32
CA PHE A 541 -8.55 7.12 0.21
C PHE A 541 -8.34 8.26 -0.76
N ALA A 542 -7.26 9.02 -0.60
CA ALA A 542 -7.01 10.12 -1.52
C ALA A 542 -6.23 9.63 -2.74
N TYR A 543 -5.63 8.46 -2.62
CA TYR A 543 -4.70 8.01 -3.66
C TYR A 543 -4.73 6.48 -3.81
N VAL A 544 -5.77 5.85 -3.30
CA VAL A 544 -5.87 4.40 -3.33
C VAL A 544 -5.93 3.85 -4.75
N ASP A 545 -6.63 4.54 -5.64
CA ASP A 545 -6.57 4.24 -7.06
C ASP A 545 -6.68 5.52 -7.89
N PRO A 546 -6.53 5.40 -9.21
CA PRO A 546 -6.68 6.57 -10.09
C PRO A 546 -8.00 7.25 -9.91
N LEU A 547 -9.08 6.50 -9.83
CA LEU A 547 -10.41 7.09 -9.69
C LEU A 547 -10.50 8.00 -8.47
N HIS A 548 -10.02 7.52 -7.33
CA HIS A 548 -10.06 8.32 -6.10
C HIS A 548 -9.10 9.48 -6.19
N SER A 549 -7.99 9.29 -6.88
CA SER A 549 -7.07 10.38 -7.03
C SER A 549 -7.77 11.48 -7.84
N ASN A 550 -8.46 11.11 -8.90
CA ASN A 550 -9.25 12.08 -9.64
C ASN A 550 -10.28 12.76 -8.77
N MET A 551 -10.95 11.99 -7.93
CA MET A 551 -12.03 12.55 -7.14
C MET A 551 -11.51 13.51 -6.05
N ALA A 552 -10.39 13.18 -5.44
CA ALA A 552 -9.79 14.06 -4.44
C ALA A 552 -9.52 15.41 -5.08
N TYR A 553 -8.94 15.38 -6.28
CA TYR A 553 -8.64 16.59 -7.02
C TYR A 553 -9.91 17.39 -7.32
N LEU A 554 -10.91 16.76 -7.94
CA LEU A 554 -12.12 17.49 -8.35
C LEU A 554 -12.83 18.11 -7.16
N TYR A 555 -12.88 17.34 -6.08
CA TYR A 555 -13.44 17.83 -4.83
C TYR A 555 -12.78 19.15 -4.44
N LEU A 556 -11.45 19.14 -4.29
CA LEU A 556 -10.80 20.36 -3.86
C LEU A 556 -10.89 21.49 -4.88
N GLU A 557 -10.88 21.18 -6.17
CA GLU A 557 -11.10 22.22 -7.17
C GLU A 557 -12.49 22.79 -7.03
N LEU A 558 -13.48 21.92 -6.85
CA LEU A 558 -14.86 22.36 -6.70
C LEU A 558 -15.00 23.19 -5.44
N LEU A 559 -14.30 22.78 -4.40
CA LEU A 559 -14.37 23.50 -3.14
C LEU A 559 -13.79 24.91 -3.28
N LYS A 560 -12.62 25.02 -3.92
CA LYS A 560 -12.00 26.32 -4.15
C LYS A 560 -12.85 27.22 -5.07
N ASP A 561 -13.45 26.62 -6.09
CA ASP A 561 -14.30 27.38 -7.00
C ASP A 561 -15.49 27.97 -6.25
N SER A 562 -15.93 27.26 -5.22
CA SER A 562 -17.12 27.63 -4.49
C SER A 562 -16.88 28.69 -3.42
N LEU A 563 -15.64 28.75 -2.93
CA LEU A 563 -15.25 29.69 -1.87
C LEU A 563 -14.68 30.96 -2.45
N ASN A 564 -14.44 30.94 -3.76
CA ASN A 564 -13.68 31.98 -4.40
C ASN A 564 -14.22 33.37 -4.17
N GLU A 565 -15.51 33.58 -4.44
CA GLU A 565 -16.10 34.88 -4.22
C GLU A 565 -15.89 35.41 -2.79
N TYR A 566 -16.04 34.50 -1.84
CA TYR A 566 -15.90 34.86 -0.45
C TYR A 566 -14.45 35.10 -0.06
N ALA A 567 -13.56 34.28 -0.59
CA ALA A 567 -12.18 34.32 -0.16
C ALA A 567 -11.41 35.44 -0.83
N TYR A 568 -11.99 36.02 -1.88
CA TYR A 568 -11.27 37.02 -2.66
C TYR A 568 -10.95 38.26 -1.81
N ALA A 569 -11.94 38.71 -1.05
CA ALA A 569 -11.76 39.83 -0.12
C ALA A 569 -10.59 39.54 0.82
N ALA A 570 -10.54 38.31 1.32
CA ALA A 570 -9.46 37.93 2.23
C ALA A 570 -8.13 38.07 1.49
N GLU A 571 -8.10 37.60 0.25
CA GLU A 571 -6.89 37.66 -0.55
C GLU A 571 -6.36 39.12 -0.68
N LEU A 572 -7.23 40.05 -1.06
CA LEU A 572 -6.83 41.44 -1.20
C LEU A 572 -6.35 42.00 0.14
N ALA A 573 -6.86 41.42 1.22
CA ALA A 573 -6.53 41.87 2.55
C ALA A 573 -5.33 41.11 3.13
N GLY A 574 -4.58 40.43 2.28
CA GLY A 574 -3.33 39.81 2.70
C GLY A 574 -3.54 38.56 3.52
N LEU A 575 -4.61 37.84 3.19
CA LEU A 575 -4.94 36.62 3.87
C LEU A 575 -5.26 35.58 2.83
N SER A 576 -4.32 34.71 2.52
CA SER A 576 -4.51 33.74 1.44
C SER A 576 -4.53 32.32 1.95
N TYR A 577 -5.03 31.40 1.14
CA TYR A 577 -5.00 30.00 1.50
C TYR A 577 -4.67 29.16 0.30
N ASP A 578 -4.10 28.00 0.58
CA ASP A 578 -3.70 27.05 -0.43
C ASP A 578 -4.32 25.71 -0.06
N LEU A 579 -5.00 25.08 -1.01
CA LEU A 579 -5.71 23.83 -0.74
C LEU A 579 -5.62 22.88 -1.94
N GLN A 580 -4.82 21.81 -1.79
CA GLN A 580 -4.65 20.83 -2.84
C GLN A 580 -4.59 19.40 -2.33
N ASN A 581 -4.91 18.45 -3.20
CA ASN A 581 -4.79 17.04 -2.88
C ASN A 581 -3.36 16.52 -3.02
N THR A 582 -2.98 15.53 -2.22
CA THR A 582 -1.65 14.94 -2.31
C THR A 582 -1.75 13.44 -2.43
N ILE A 583 -0.62 12.76 -2.59
CA ILE A 583 -0.60 11.31 -2.62
C ILE A 583 -1.00 10.71 -1.28
N TYR A 584 -0.94 11.49 -0.21
CA TYR A 584 -1.30 10.95 1.08
C TYR A 584 -2.61 11.49 1.56
N GLY A 585 -3.05 12.58 0.96
CA GLY A 585 -4.24 13.19 1.45
C GLY A 585 -4.75 14.44 0.81
N MET A 586 -4.81 15.42 1.71
CA MET A 586 -5.06 16.83 1.52
C MET A 586 -4.05 17.74 2.25
N TYR A 587 -3.74 18.86 1.63
CA TYR A 587 -2.84 19.85 2.19
C TYR A 587 -3.56 21.18 2.19
N LEU A 588 -3.51 21.85 3.34
CA LEU A 588 -4.12 23.17 3.51
C LEU A 588 -3.14 24.11 4.15
N SER A 589 -2.94 25.26 3.53
CA SER A 589 -2.12 26.30 4.15
C SER A 589 -2.84 27.61 4.15
N VAL A 590 -2.91 28.22 5.31
CA VAL A 590 -3.48 29.55 5.47
C VAL A 590 -2.37 30.48 5.94
N LYS A 591 -2.10 31.53 5.16
CA LYS A 591 -0.98 32.47 5.44
C LYS A 591 -1.46 33.92 5.44
N GLY A 592 -0.82 34.77 6.24
CA GLY A 592 -1.11 36.19 6.20
C GLY A 592 -1.28 36.84 7.55
N TYR A 593 -1.88 38.02 7.57
CA TYR A 593 -2.16 38.72 8.82
C TYR A 593 -3.00 37.82 9.69
N ASN A 594 -2.57 37.67 10.95
CA ASN A 594 -3.18 36.70 11.85
C ASN A 594 -4.56 37.13 12.34
N ASP A 595 -4.85 38.43 12.26
CA ASP A 595 -6.06 39.02 12.82
C ASP A 595 -7.35 38.28 12.44
N LYS A 596 -7.64 38.21 11.15
CA LYS A 596 -8.89 37.65 10.70
C LYS A 596 -8.75 36.19 10.21
N GLN A 597 -7.61 35.58 10.52
CA GLN A 597 -7.25 34.25 10.05
C GLN A 597 -8.16 33.12 10.50
N PRO A 598 -8.50 33.08 11.79
CA PRO A 598 -9.39 32.00 12.27
C PRO A 598 -10.73 32.03 11.56
N ILE A 599 -11.19 33.21 11.16
CA ILE A 599 -12.45 33.30 10.45
C ILE A 599 -12.38 32.59 9.10
N LEU A 600 -11.35 32.86 8.32
CA LEU A 600 -11.21 32.24 7.01
C LEU A 600 -11.00 30.72 7.15
N LEU A 601 -10.14 30.34 8.09
CA LEU A 601 -9.86 28.92 8.34
C LEU A 601 -11.13 28.15 8.69
N LYS A 602 -11.94 28.70 9.59
CA LYS A 602 -13.17 28.04 9.98
C LYS A 602 -14.09 27.84 8.77
N LYS A 603 -14.20 28.87 7.94
CA LYS A 603 -15.06 28.80 6.77
C LYS A 603 -14.59 27.68 5.83
N ILE A 604 -13.28 27.57 5.62
CA ILE A 604 -12.78 26.51 4.75
C ILE A 604 -13.13 25.11 5.27
N ILE A 605 -12.91 24.86 6.56
CA ILE A 605 -13.21 23.56 7.13
C ILE A 605 -14.72 23.30 7.12
N GLU A 606 -15.52 24.30 7.51
CA GLU A 606 -16.95 24.12 7.43
C GLU A 606 -17.35 23.74 6.03
N LYS A 607 -16.80 24.45 5.06
CA LYS A 607 -17.17 24.22 3.67
C LYS A 607 -16.77 22.81 3.25
N MET A 608 -15.57 22.37 3.66
CA MET A 608 -15.11 21.03 3.33
C MET A 608 -16.09 19.98 3.77
N ALA A 609 -16.59 20.15 4.99
CA ALA A 609 -17.35 19.09 5.63
C ALA A 609 -18.84 19.11 5.37
N THR A 610 -19.32 20.15 4.69
CA THR A 610 -20.73 20.27 4.41
C THR A 610 -20.94 20.62 2.97
N PHE A 611 -20.00 20.19 2.16
CA PHE A 611 -19.93 20.62 0.78
C PHE A 611 -21.08 20.08 -0.06
N GLU A 612 -21.79 20.99 -0.70
CA GLU A 612 -22.80 20.63 -1.70
C GLU A 612 -22.30 21.02 -3.08
N ILE A 613 -22.32 20.06 -3.99
CA ILE A 613 -21.73 20.26 -5.29
C ILE A 613 -22.74 20.75 -6.31
N ASP A 614 -22.36 21.78 -7.06
CA ASP A 614 -23.17 22.29 -8.17
C ASP A 614 -22.90 21.47 -9.40
N GLU A 615 -23.92 20.80 -9.92
CA GLU A 615 -23.70 19.94 -11.07
C GLU A 615 -23.08 20.69 -12.26
N LYS A 616 -23.50 21.92 -12.53
CA LYS A 616 -22.95 22.64 -13.68
C LYS A 616 -21.45 22.91 -13.45
N ARG A 617 -21.11 23.30 -12.23
CA ARG A 617 -19.71 23.54 -11.86
C ARG A 617 -18.91 22.26 -11.98
N PHE A 618 -19.51 21.15 -11.58
CA PHE A 618 -18.88 19.83 -11.67
C PHE A 618 -18.50 19.45 -13.11
N GLU A 619 -19.45 19.60 -14.04
CA GLU A 619 -19.21 19.21 -15.40
C GLU A 619 -18.12 20.06 -16.09
N ILE A 620 -18.09 21.35 -15.74
CA ILE A 620 -17.15 22.28 -16.37
C ILE A 620 -15.73 22.04 -15.86
N ILE A 621 -15.61 21.95 -14.56
CA ILE A 621 -14.31 21.69 -13.94
C ILE A 621 -13.76 20.32 -14.36
N LYS A 622 -14.63 19.31 -14.40
CA LYS A 622 -14.23 17.99 -14.93
C LYS A 622 -13.70 18.10 -16.36
N GLU A 623 -14.38 18.87 -17.21
CA GLU A 623 -13.97 18.99 -18.59
C GLU A 623 -12.58 19.68 -18.69
N ALA A 624 -12.34 20.67 -17.83
CA ALA A 624 -11.06 21.38 -17.85
C ALA A 624 -9.93 20.46 -17.40
N TYR A 625 -10.26 19.61 -16.44
CA TYR A 625 -9.30 18.68 -15.86
C TYR A 625 -8.92 17.64 -16.88
N MET A 626 -9.90 17.24 -17.68
CA MET A 626 -9.66 16.32 -18.79
C MET A 626 -8.58 16.90 -19.70
N ARG A 627 -8.78 18.15 -20.12
CA ARG A 627 -7.83 18.81 -21.01
C ARG A 627 -6.48 18.96 -20.34
N SER A 628 -6.54 19.37 -19.08
CA SER A 628 -5.34 19.56 -18.30
C SER A 628 -4.44 18.30 -18.28
N LEU A 629 -5.05 17.14 -18.08
CA LEU A 629 -4.31 15.89 -18.14
C LEU A 629 -3.72 15.71 -19.53
N ASN A 630 -4.57 15.88 -20.53
CA ASN A 630 -4.11 15.78 -21.90
C ASN A 630 -2.98 16.72 -22.25
N ASN A 631 -3.03 17.92 -21.71
CA ASN A 631 -2.05 18.93 -22.11
C ASN A 631 -0.64 18.64 -21.61
N PHE A 632 -0.49 17.61 -20.81
CA PHE A 632 0.82 17.27 -20.31
C PHE A 632 1.71 16.87 -21.47
N ARG A 633 1.08 16.44 -22.56
CA ARG A 633 1.84 16.04 -23.74
C ARG A 633 2.65 17.20 -24.29
N ALA A 634 2.25 18.42 -23.95
CA ALA A 634 2.90 19.61 -24.48
C ALA A 634 3.89 20.23 -23.48
N GLU A 635 4.13 19.61 -22.34
CA GLU A 635 5.18 20.07 -21.43
C GLU A 635 6.57 19.80 -22.02
N GLN A 636 7.58 20.49 -21.48
CA GLN A 636 8.97 20.37 -21.97
C GLN A 636 9.53 18.96 -21.79
N PRO A 637 10.38 18.55 -22.73
CA PRO A 637 11.06 17.24 -22.62
C PRO A 637 11.74 16.99 -21.26
N HIS A 638 12.45 17.97 -20.73
CA HIS A 638 13.09 17.76 -19.44
C HIS A 638 12.02 17.54 -18.36
N GLN A 639 10.88 18.21 -18.49
CA GLN A 639 9.78 17.99 -17.54
C GLN A 639 9.23 16.56 -17.63
N HIS A 640 9.12 16.05 -18.85
CA HIS A 640 8.73 14.67 -19.05
C HIS A 640 9.74 13.76 -18.38
N ALA A 641 11.02 14.02 -18.58
CA ALA A 641 12.07 13.17 -17.98
C ALA A 641 11.90 13.11 -16.45
N MET A 642 11.79 14.27 -15.80
CA MET A 642 11.59 14.30 -14.37
C MET A 642 10.34 13.53 -13.97
N TYR A 643 9.26 13.74 -14.70
CA TYR A 643 8.01 13.04 -14.44
C TYR A 643 8.20 11.50 -14.50
N TYR A 644 8.71 10.99 -15.61
CA TYR A 644 8.90 9.55 -15.76
C TYR A 644 9.74 8.92 -14.65
N LEU A 645 10.81 9.62 -14.27
CA LEU A 645 11.66 9.13 -13.20
C LEU A 645 10.89 9.05 -11.88
N ARG A 646 10.10 10.08 -11.58
CA ARG A 646 9.29 10.10 -10.38
C ARG A 646 8.35 8.89 -10.38
N LEU A 647 7.76 8.59 -11.53
CA LEU A 647 6.91 7.41 -11.66
C LEU A 647 7.67 6.12 -11.44
N LEU A 648 8.90 6.05 -11.96
CA LEU A 648 9.66 4.80 -11.90
C LEU A 648 10.15 4.47 -10.48
N MET A 649 10.58 5.48 -9.73
CA MET A 649 11.26 5.27 -8.45
C MET A 649 10.35 5.27 -7.21
N THR A 650 9.06 5.59 -7.39
CA THR A 650 8.14 5.61 -6.26
C THR A 650 7.30 4.36 -6.24
N GLU A 651 7.06 3.86 -5.04
CA GLU A 651 6.32 2.63 -4.81
C GLU A 651 4.97 2.66 -5.56
N VAL A 652 4.18 3.69 -5.30
CA VAL A 652 2.89 3.83 -5.97
C VAL A 652 2.82 5.18 -6.68
N ALA A 653 2.36 5.17 -7.94
CA ALA A 653 2.22 6.39 -8.72
C ALA A 653 1.33 6.19 -9.94
N TRP A 654 0.23 6.92 -10.00
CA TRP A 654 -0.70 6.81 -11.11
C TRP A 654 -0.27 7.70 -12.28
N THR A 655 -0.21 7.14 -13.49
CA THR A 655 0.20 7.91 -14.67
C THR A 655 -0.91 8.84 -15.15
N LYS A 656 -0.55 9.83 -15.99
CA LYS A 656 -1.55 10.74 -16.58
C LYS A 656 -2.54 9.96 -17.41
N ASP A 657 -2.07 8.94 -18.12
CA ASP A 657 -3.00 8.13 -18.89
C ASP A 657 -3.96 7.41 -17.98
N GLU A 658 -3.43 6.80 -16.90
CA GLU A 658 -4.30 6.12 -15.95
C GLU A 658 -5.35 7.03 -15.35
N LEU A 659 -4.93 8.23 -14.95
CA LEU A 659 -5.88 9.20 -14.40
C LEU A 659 -6.93 9.60 -15.44
N LYS A 660 -6.50 9.84 -16.67
CA LYS A 660 -7.40 10.31 -17.72
C LYS A 660 -8.44 9.24 -18.04
N GLU A 661 -7.98 8.00 -18.14
CA GLU A 661 -8.85 6.89 -18.44
C GLU A 661 -9.92 6.79 -17.35
N ALA A 662 -9.49 6.87 -16.10
CA ALA A 662 -10.40 6.73 -14.98
C ALA A 662 -11.31 7.96 -14.83
N LEU A 663 -11.00 9.05 -15.51
CA LEU A 663 -11.80 10.25 -15.34
C LEU A 663 -13.22 10.13 -15.94
N ASP A 664 -13.39 9.34 -16.99
CA ASP A 664 -14.71 9.19 -17.61
C ASP A 664 -15.70 8.52 -16.65
N ASP A 665 -15.17 7.77 -15.70
CA ASP A 665 -16.01 7.06 -14.74
C ASP A 665 -16.36 7.87 -13.49
N VAL A 666 -15.86 9.09 -13.41
CA VAL A 666 -16.20 9.93 -12.26
C VAL A 666 -17.55 10.60 -12.49
N THR A 667 -18.59 10.12 -11.81
CA THR A 667 -19.90 10.71 -11.97
C THR A 667 -20.20 11.55 -10.77
N LEU A 668 -21.26 12.35 -10.87
CA LEU A 668 -21.66 13.19 -9.75
C LEU A 668 -22.03 12.33 -8.53
N PRO A 669 -22.83 11.28 -8.71
CA PRO A 669 -23.12 10.41 -7.57
C PRO A 669 -21.86 9.86 -6.92
N ARG A 670 -20.92 9.37 -7.74
CA ARG A 670 -19.69 8.82 -7.18
C ARG A 670 -18.91 9.84 -6.39
N LEU A 671 -18.84 11.06 -6.92
CA LEU A 671 -18.11 12.12 -6.24
C LEU A 671 -18.78 12.51 -4.91
N LYS A 672 -20.11 12.61 -4.90
CA LYS A 672 -20.85 12.90 -3.66
C LYS A 672 -20.60 11.83 -2.62
N ALA A 673 -20.55 10.57 -3.04
CA ALA A 673 -20.28 9.47 -2.11
C ALA A 673 -18.84 9.46 -1.59
N PHE A 674 -17.91 9.90 -2.43
CA PHE A 674 -16.49 9.90 -2.10
C PHE A 674 -16.11 10.82 -0.95
N ILE A 675 -16.69 12.02 -0.96
CA ILE A 675 -16.30 13.07 -0.04
C ILE A 675 -16.49 12.67 1.42
N PRO A 676 -17.69 12.19 1.78
CA PRO A 676 -17.83 11.78 3.18
C PRO A 676 -16.96 10.58 3.54
N GLN A 677 -16.66 9.73 2.57
CA GLN A 677 -15.73 8.61 2.78
C GLN A 677 -14.34 9.16 3.08
N LEU A 678 -13.88 10.10 2.27
CA LEU A 678 -12.55 10.68 2.43
C LEU A 678 -12.36 11.32 3.80
N LEU A 679 -13.41 11.97 4.27
CA LEU A 679 -13.37 12.67 5.54
C LEU A 679 -13.65 11.77 6.74
N SER A 680 -14.09 10.53 6.50
CA SER A 680 -14.59 9.68 7.59
C SER A 680 -13.51 9.33 8.61
N ARG A 681 -12.30 9.05 8.13
CA ARG A 681 -11.13 8.79 8.97
C ARG A 681 -9.91 9.59 8.49
N LEU A 682 -9.32 10.34 9.42
CA LEU A 682 -8.21 11.26 9.13
C LEU A 682 -7.17 11.30 10.23
N HIS A 683 -5.95 11.65 9.86
CA HIS A 683 -4.97 12.09 10.82
C HIS A 683 -4.53 13.48 10.36
N ILE A 684 -4.34 14.40 11.29
CA ILE A 684 -3.97 15.76 10.94
C ILE A 684 -2.62 16.08 11.57
N GLU A 685 -1.68 16.48 10.74
CA GLU A 685 -0.41 16.96 11.25
C GLU A 685 -0.27 18.41 10.83
N ALA A 686 -0.05 19.27 11.81
CA ALA A 686 -0.05 20.70 11.58
C ALA A 686 1.19 21.39 12.11
N LEU A 687 1.55 22.45 11.43
CA LEU A 687 2.55 23.37 11.94
C LEU A 687 1.87 24.73 12.04
N LEU A 688 1.73 25.25 13.26
CA LEU A 688 1.19 26.60 13.45
C LEU A 688 2.35 27.49 13.92
N HIS A 689 2.66 28.52 13.13
CA HIS A 689 3.90 29.30 13.31
C HIS A 689 3.69 30.77 13.00
N GLY A 690 3.94 31.64 13.98
CA GLY A 690 3.84 33.07 13.75
C GLY A 690 3.42 33.90 14.96
N ASN A 691 2.65 34.96 14.73
CA ASN A 691 2.21 35.84 15.81
C ASN A 691 1.01 35.22 16.52
N ILE A 692 1.23 34.10 17.20
CA ILE A 692 0.19 33.44 17.96
C ILE A 692 0.76 32.76 19.18
N THR A 693 -0.11 32.50 20.16
CA THR A 693 0.28 31.84 21.41
C THR A 693 -0.06 30.34 21.36
N LYS A 694 0.51 29.59 22.30
CA LYS A 694 0.24 28.16 22.41
C LYS A 694 -1.28 27.90 22.57
N GLN A 695 -1.94 28.72 23.37
CA GLN A 695 -3.35 28.56 23.61
C GLN A 695 -4.18 28.85 22.37
N ALA A 696 -3.78 29.85 21.58
CA ALA A 696 -4.51 30.14 20.35
C ALA A 696 -4.28 29.00 19.37
N ALA A 697 -3.06 28.47 19.34
CA ALA A 697 -2.72 27.34 18.47
C ALA A 697 -3.54 26.09 18.81
N LEU A 698 -3.57 25.74 20.10
CA LEU A 698 -4.39 24.61 20.54
C LEU A 698 -5.84 24.83 20.17
N GLY A 699 -6.29 26.07 20.24
CA GLY A 699 -7.68 26.36 19.91
C GLY A 699 -7.95 26.26 18.42
N ILE A 700 -7.02 26.78 17.62
CA ILE A 700 -7.17 26.69 16.17
C ILE A 700 -7.23 25.24 15.74
N MET A 701 -6.32 24.44 16.29
CA MET A 701 -6.25 23.03 15.94
C MET A 701 -7.51 22.31 16.37
N GLN A 702 -7.93 22.57 17.60
CA GLN A 702 -9.08 21.87 18.12
C GLN A 702 -10.35 22.29 17.39
N MET A 703 -10.38 23.56 17.00
CA MET A 703 -11.48 24.06 16.20
C MET A 703 -11.58 23.31 14.85
N VAL A 704 -10.44 23.09 14.18
CA VAL A 704 -10.46 22.33 12.95
C VAL A 704 -11.01 20.93 13.19
N GLU A 705 -10.46 20.22 14.17
CA GLU A 705 -10.99 18.89 14.51
C GLU A 705 -12.48 18.89 14.80
N ASP A 706 -12.91 19.76 15.72
CA ASP A 706 -14.30 19.82 16.16
C ASP A 706 -15.24 20.05 14.99
N THR A 707 -14.81 20.90 14.06
CA THR A 707 -15.62 21.13 12.87
C THR A 707 -15.74 19.84 12.04
N LEU A 708 -14.63 19.12 11.85
CA LEU A 708 -14.67 17.89 11.06
C LEU A 708 -15.52 16.87 11.76
N ILE A 709 -15.36 16.74 13.07
CA ILE A 709 -16.14 15.80 13.90
C ILE A 709 -17.64 16.08 13.85
N GLU A 710 -18.03 17.34 13.98
CA GLU A 710 -19.45 17.64 14.02
C GLU A 710 -20.11 17.35 12.69
N HIS A 711 -19.48 17.75 11.59
CA HIS A 711 -20.16 17.73 10.30
C HIS A 711 -19.82 16.55 9.46
N ALA A 712 -18.67 15.93 9.70
CA ALA A 712 -18.21 14.83 8.84
C ALA A 712 -18.01 13.51 9.63
N HIS A 713 -18.23 13.56 10.94
CA HIS A 713 -18.13 12.41 11.86
C HIS A 713 -16.78 11.72 11.76
N THR A 714 -15.74 12.53 11.69
CA THR A 714 -14.40 12.07 11.46
C THR A 714 -13.89 11.30 12.66
N LYS A 715 -13.40 10.10 12.39
CA LYS A 715 -12.74 9.28 13.37
C LYS A 715 -11.24 9.22 13.02
N PRO A 716 -10.39 8.87 14.00
CA PRO A 716 -8.93 8.78 13.84
C PRO A 716 -8.46 7.63 12.95
N LEU A 717 -7.29 7.78 12.34
CA LEU A 717 -6.66 6.67 11.64
C LEU A 717 -5.80 5.85 12.61
N LEU A 718 -5.41 4.66 12.21
CA LEU A 718 -4.51 3.86 13.03
C LEU A 718 -3.09 4.22 12.65
N PRO A 719 -2.18 4.16 13.63
CA PRO A 719 -0.77 4.47 13.33
C PRO A 719 -0.22 3.62 12.20
N SER A 720 -0.62 2.36 12.12
CA SER A 720 -0.15 1.48 11.03
C SER A 720 -0.66 1.90 9.67
N GLN A 721 -1.73 2.68 9.64
CA GLN A 721 -2.27 3.15 8.37
C GLN A 721 -1.46 4.29 7.82
N LEU A 722 -0.64 4.92 8.66
CA LEU A 722 0.10 6.12 8.29
C LEU A 722 1.35 5.75 7.45
N VAL A 723 1.08 5.09 6.33
CA VAL A 723 2.14 4.51 5.51
C VAL A 723 2.70 5.53 4.52
N ARG A 724 3.97 5.84 4.64
CA ARG A 724 4.64 6.62 3.60
C ARG A 724 5.17 5.69 2.51
N TYR A 725 5.33 6.21 1.30
CA TYR A 725 5.80 5.41 0.18
C TYR A 725 7.32 5.28 0.16
N ARG A 726 7.80 4.16 -0.38
CA ARG A 726 9.24 3.89 -0.45
C ARG A 726 9.81 4.14 -1.84
N GLU A 727 11.12 4.36 -1.91
CA GLU A 727 11.81 4.42 -3.19
C GLU A 727 12.37 3.04 -3.57
N VAL A 728 12.22 2.71 -4.85
CA VAL A 728 12.76 1.49 -5.43
C VAL A 728 14.25 1.39 -5.19
N GLN A 729 14.71 0.22 -4.76
CA GLN A 729 16.13 0.02 -4.48
C GLN A 729 16.90 -0.59 -5.64
N LEU A 730 17.72 0.22 -6.29
CA LEU A 730 18.46 -0.24 -7.44
C LEU A 730 19.62 -1.16 -7.02
N PRO A 731 19.90 -2.19 -7.84
CA PRO A 731 20.95 -3.17 -7.56
C PRO A 731 22.35 -2.65 -7.83
N ASP A 732 23.32 -3.13 -7.05
CA ASP A 732 24.71 -2.77 -7.29
C ASP A 732 25.07 -3.05 -8.74
N ARG A 733 25.66 -2.04 -9.39
CA ARG A 733 26.16 -2.11 -10.77
C ARG A 733 25.06 -2.15 -11.81
N GLY A 734 23.84 -1.87 -11.42
CA GLY A 734 22.76 -1.86 -12.37
C GLY A 734 22.68 -0.57 -13.16
N TRP A 735 22.24 -0.69 -14.41
CA TRP A 735 21.89 0.47 -15.22
C TRP A 735 20.60 0.20 -15.98
N PHE A 736 19.58 1.02 -15.73
CA PHE A 736 18.32 0.89 -16.43
C PHE A 736 18.07 2.15 -17.25
N VAL A 737 17.52 1.97 -18.45
CA VAL A 737 17.07 3.08 -19.29
C VAL A 737 15.57 2.94 -19.54
N TYR A 738 14.85 4.05 -19.38
CA TYR A 738 13.46 4.12 -19.78
C TYR A 738 13.37 5.18 -20.88
N GLN A 739 12.69 4.84 -21.99
CA GLN A 739 12.70 5.70 -23.16
C GLN A 739 11.30 6.05 -23.66
N GLN A 740 11.09 7.34 -23.93
CA GLN A 740 9.80 7.83 -24.38
C GLN A 740 10.00 8.94 -25.42
N ARG A 741 8.93 9.36 -26.06
CA ARG A 741 9.02 10.42 -27.06
C ARG A 741 8.12 11.59 -26.67
N ASN A 742 8.65 12.80 -26.82
CA ASN A 742 7.84 14.02 -26.70
C ASN A 742 7.28 14.37 -28.07
N GLU A 743 5.96 14.40 -28.18
CA GLU A 743 5.33 14.59 -29.49
C GLU A 743 5.22 16.05 -29.97
N VAL A 744 5.57 16.99 -29.11
CA VAL A 744 5.32 18.40 -29.40
C VAL A 744 6.59 19.16 -29.68
N HIS A 745 7.59 18.96 -28.81
CA HIS A 745 8.85 19.69 -28.91
C HIS A 745 9.91 18.94 -29.70
N ASN A 746 10.74 19.68 -30.42
CA ASN A 746 11.80 19.06 -31.19
C ASN A 746 13.12 19.13 -30.47
N ASN A 747 13.08 18.96 -29.16
CA ASN A 747 14.32 18.82 -28.39
C ASN A 747 14.21 17.53 -27.63
N SER A 748 15.34 16.99 -27.18
CA SER A 748 15.26 15.81 -26.36
C SER A 748 15.47 16.20 -24.89
N GLY A 749 15.08 15.31 -23.99
CA GLY A 749 15.35 15.55 -22.59
C GLY A 749 16.00 14.31 -22.02
N ILE A 750 16.78 14.49 -20.96
CA ILE A 750 17.38 13.36 -20.29
C ILE A 750 17.47 13.68 -18.81
N GLU A 751 17.15 12.68 -17.97
CA GLU A 751 17.55 12.74 -16.57
C GLU A 751 18.33 11.49 -16.17
N ILE A 752 19.51 11.71 -15.60
CA ILE A 752 20.33 10.63 -15.08
C ILE A 752 20.38 10.67 -13.56
N TYR A 753 20.04 9.54 -12.95
CA TYR A 753 19.98 9.46 -11.49
C TYR A 753 20.92 8.37 -11.03
N TYR A 754 21.94 8.80 -10.31
CA TYR A 754 22.88 7.92 -9.62
C TYR A 754 22.41 7.82 -8.19
N GLN A 755 21.64 6.77 -7.89
CA GLN A 755 21.10 6.55 -6.56
C GLN A 755 22.26 6.23 -5.63
N THR A 756 22.29 6.85 -4.46
CA THR A 756 23.37 6.54 -3.53
C THR A 756 22.85 5.69 -2.36
N ASP A 757 22.32 6.34 -1.33
CA ASP A 757 21.84 5.58 -0.19
C ASP A 757 20.78 6.39 0.57
N MET A 758 20.30 5.82 1.67
CA MET A 758 19.32 6.46 2.51
C MET A 758 19.85 7.82 2.98
N GLN A 759 18.98 8.79 3.18
CA GLN A 759 19.42 10.05 3.74
C GLN A 759 19.93 9.80 5.14
N SER A 760 20.93 10.59 5.53
CA SER A 760 21.72 10.31 6.72
C SER A 760 22.74 11.44 6.88
N THR A 761 23.12 11.77 8.10
CA THR A 761 24.05 12.87 8.27
C THR A 761 25.25 12.71 7.36
N SER A 762 25.88 11.54 7.42
CA SER A 762 27.05 11.30 6.58
C SER A 762 26.73 11.23 5.08
N GLU A 763 25.74 10.45 4.68
CA GLU A 763 25.45 10.34 3.27
C GLU A 763 24.94 11.67 2.70
N ASN A 764 24.24 12.46 3.52
CA ASN A 764 23.73 13.76 3.06
C ASN A 764 24.84 14.72 2.68
N MET A 765 25.87 14.78 3.51
CA MET A 765 26.94 15.74 3.31
C MET A 765 27.96 15.22 2.30
N PHE A 766 28.12 13.89 2.17
CA PHE A 766 28.96 13.40 1.08
C PHE A 766 28.40 13.87 -0.26
N LEU A 767 27.10 13.61 -0.46
CA LEU A 767 26.39 14.00 -1.67
C LEU A 767 26.41 15.51 -1.88
N GLU A 768 26.00 16.26 -0.86
CA GLU A 768 25.89 17.71 -0.97
C GLU A 768 27.23 18.36 -1.28
N LEU A 769 28.33 17.82 -0.75
CA LEU A 769 29.65 18.42 -0.98
C LEU A 769 30.14 18.09 -2.38
N PHE A 770 29.93 16.85 -2.80
CA PHE A 770 30.27 16.49 -4.14
C PHE A 770 29.48 17.33 -5.14
N ALA A 771 28.19 17.54 -4.86
CA ALA A 771 27.31 18.33 -5.73
C ALA A 771 27.81 19.76 -5.77
N GLN A 772 28.26 20.27 -4.64
CA GLN A 772 28.81 21.62 -4.57
C GLN A 772 30.03 21.78 -5.44
N ILE A 773 30.93 20.81 -5.39
CA ILE A 773 32.18 20.84 -6.12
C ILE A 773 31.95 20.79 -7.63
N ILE A 774 30.97 19.99 -8.06
CA ILE A 774 30.77 19.76 -9.47
C ILE A 774 29.75 20.73 -10.05
N SER A 775 29.07 21.47 -9.18
CA SER A 775 27.99 22.36 -9.60
C SER A 775 28.37 23.33 -10.73
N GLU A 776 29.33 24.20 -10.50
CA GLU A 776 29.69 25.17 -11.51
C GLU A 776 30.37 24.48 -12.72
N PRO A 777 31.36 23.62 -12.46
CA PRO A 777 31.97 22.94 -13.61
C PRO A 777 30.99 22.18 -14.50
N ALA A 778 29.90 21.62 -13.95
CA ALA A 778 28.93 20.92 -14.79
C ALA A 778 28.28 21.88 -15.77
N PHE A 779 27.90 23.05 -15.28
CA PHE A 779 27.31 24.08 -16.13
C PHE A 779 28.34 24.58 -17.14
N ASN A 780 29.54 24.87 -16.65
CA ASN A 780 30.56 25.41 -17.52
C ASN A 780 31.00 24.43 -18.61
N THR A 781 31.07 23.15 -18.26
CA THR A 781 31.47 22.09 -19.20
C THR A 781 30.34 21.70 -20.16
N LEU A 782 29.18 21.35 -19.62
CA LEU A 782 28.10 20.81 -20.45
C LEU A 782 27.36 21.87 -21.25
N ARG A 783 27.30 23.10 -20.73
CA ARG A 783 26.69 24.17 -21.49
C ARG A 783 27.71 25.11 -22.13
N THR A 784 28.46 25.82 -21.32
CA THR A 784 29.32 26.88 -21.86
C THR A 784 30.32 26.37 -22.89
N LYS A 785 31.02 25.27 -22.59
CA LYS A 785 31.96 24.72 -23.56
C LYS A 785 31.26 23.84 -24.59
N GLU A 786 30.58 22.78 -24.16
CA GLU A 786 30.02 21.79 -25.09
C GLU A 786 28.69 22.22 -25.70
N GLN A 787 28.04 23.17 -25.05
CA GLN A 787 26.80 23.73 -25.57
C GLN A 787 25.73 22.69 -25.94
N LEU A 788 25.46 21.77 -25.00
CA LEU A 788 24.47 20.72 -25.20
C LEU A 788 23.08 21.31 -25.12
N GLY A 789 22.90 22.32 -24.29
CA GLY A 789 21.63 23.00 -24.24
C GLY A 789 21.59 24.20 -23.32
N TYR A 790 20.48 24.91 -23.38
CA TYR A 790 20.21 26.02 -22.48
C TYR A 790 20.05 25.49 -21.07
N ILE A 791 19.30 24.39 -20.97
CA ILE A 791 19.02 23.77 -19.69
C ILE A 791 20.02 22.69 -19.36
N VAL A 792 20.88 23.00 -18.41
CA VAL A 792 21.81 22.02 -17.86
C VAL A 792 21.78 22.15 -16.36
N PHE A 793 21.38 21.06 -15.71
CA PHE A 793 21.24 21.11 -14.27
C PHE A 793 21.91 19.89 -13.64
N SER A 794 22.49 20.09 -12.46
CA SER A 794 22.99 18.98 -11.65
C SER A 794 22.77 19.30 -10.16
N GLY A 795 22.72 18.26 -9.34
CA GLY A 795 22.55 18.44 -7.91
C GLY A 795 21.97 17.22 -7.21
N PRO A 796 21.73 17.32 -5.89
CA PRO A 796 21.11 16.20 -5.17
C PRO A 796 19.70 15.97 -5.65
N ARG A 797 19.27 14.72 -5.60
CA ARG A 797 17.87 14.39 -5.69
C ARG A 797 17.51 13.72 -4.39
N ARG A 798 16.41 14.17 -3.80
CA ARG A 798 15.85 13.62 -2.56
C ARG A 798 14.39 13.24 -2.75
N ALA A 799 14.05 12.00 -2.47
CA ALA A 799 12.66 11.57 -2.48
C ALA A 799 12.51 10.38 -1.54
N ASN A 800 11.41 10.36 -0.80
CA ASN A 800 11.06 9.23 0.05
C ASN A 800 12.18 8.73 0.98
N GLY A 801 13.02 9.65 1.45
CA GLY A 801 14.06 9.33 2.41
C GLY A 801 15.36 8.85 1.78
N ILE A 802 15.34 8.74 0.45
CA ILE A 802 16.50 8.28 -0.29
C ILE A 802 17.08 9.42 -1.10
N GLN A 803 18.30 9.24 -1.60
CA GLN A 803 18.92 10.31 -2.36
C GLN A 803 19.92 9.79 -3.39
N GLY A 804 20.45 10.71 -4.18
CA GLY A 804 21.41 10.38 -5.20
C GLY A 804 21.73 11.64 -5.96
N LEU A 805 22.57 11.51 -6.98
CA LEU A 805 22.99 12.63 -7.79
C LEU A 805 22.23 12.60 -9.10
N ARG A 806 21.73 13.75 -9.52
CA ARG A 806 20.96 13.81 -10.75
C ARG A 806 21.54 14.81 -11.75
N PHE A 807 21.45 14.46 -13.03
CA PHE A 807 21.77 15.39 -14.11
C PHE A 807 20.52 15.57 -14.94
N ILE A 808 20.17 16.81 -15.29
CA ILE A 808 19.04 17.04 -16.19
C ILE A 808 19.47 17.98 -17.32
N ILE A 809 19.26 17.54 -18.55
CA ILE A 809 19.63 18.28 -19.74
C ILE A 809 18.54 18.24 -20.80
N GLN A 810 18.33 19.37 -21.47
CA GLN A 810 17.45 19.43 -22.64
C GLN A 810 18.29 19.90 -23.82
N SER A 811 18.24 19.14 -24.90
CA SER A 811 19.19 19.29 -25.98
C SER A 811 18.63 19.02 -27.38
N GLU A 812 19.45 19.32 -28.37
CA GLU A 812 19.09 19.02 -29.75
C GLU A 812 19.70 17.65 -30.11
N LYS A 813 20.79 17.31 -29.41
CA LYS A 813 21.47 16.01 -29.52
C LYS A 813 20.61 14.92 -28.86
N PRO A 814 20.72 13.68 -29.36
CA PRO A 814 20.05 12.49 -28.82
C PRO A 814 20.52 12.12 -27.40
N PRO A 815 19.62 11.56 -26.58
CA PRO A 815 19.99 11.22 -25.19
C PRO A 815 21.23 10.32 -25.04
N HIS A 816 21.43 9.36 -25.94
CA HIS A 816 22.59 8.48 -25.78
C HIS A 816 23.86 9.29 -25.90
N TYR A 817 23.82 10.39 -26.65
CA TYR A 817 25.00 11.24 -26.76
C TYR A 817 25.20 12.03 -25.47
N LEU A 818 24.12 12.58 -24.93
CA LEU A 818 24.18 13.31 -23.67
C LEU A 818 24.77 12.42 -22.56
N GLU A 819 24.34 11.16 -22.53
CA GLU A 819 24.88 10.17 -21.60
C GLU A 819 26.41 10.14 -21.59
N SER A 820 27.02 10.02 -22.77
CA SER A 820 28.47 9.86 -22.78
C SER A 820 29.17 11.15 -22.37
N ARG A 821 28.57 12.29 -22.70
CA ARG A 821 29.19 13.56 -22.30
C ARG A 821 29.12 13.80 -20.79
N VAL A 822 28.01 13.38 -20.18
CA VAL A 822 27.89 13.47 -18.73
C VAL A 822 28.90 12.49 -18.07
N GLU A 823 29.04 11.31 -18.68
CA GLU A 823 30.00 10.34 -18.17
C GLU A 823 31.44 10.84 -18.33
N ALA A 824 31.70 11.49 -19.47
CA ALA A 824 33.01 12.10 -19.70
C ALA A 824 33.23 13.19 -18.67
N PHE A 825 32.17 13.91 -18.35
CA PHE A 825 32.32 14.98 -17.38
C PHE A 825 32.70 14.45 -15.98
N LEU A 826 32.07 13.37 -15.53
CA LEU A 826 32.35 12.82 -14.21
C LEU A 826 33.81 12.44 -14.03
N ILE A 827 34.42 11.90 -15.08
CA ILE A 827 35.81 11.52 -15.00
C ILE A 827 36.71 12.74 -14.83
N THR A 828 36.41 13.78 -15.58
CA THR A 828 37.03 15.09 -15.39
C THR A 828 36.97 15.62 -13.95
N MET A 829 35.80 15.52 -13.32
CA MET A 829 35.65 15.94 -11.93
C MET A 829 36.50 15.11 -10.98
N GLU A 830 36.60 13.81 -11.21
CA GLU A 830 37.46 12.99 -10.36
C GLU A 830 38.89 13.54 -10.42
N LYS A 831 39.39 13.83 -11.63
CA LYS A 831 40.76 14.37 -11.80
C LYS A 831 40.85 15.73 -11.13
N SER A 832 39.78 16.50 -11.27
CA SER A 832 39.73 17.84 -10.74
C SER A 832 39.82 17.82 -9.22
N ILE A 833 39.17 16.84 -8.60
CA ILE A 833 39.23 16.74 -7.15
C ILE A 833 40.64 16.29 -6.73
N GLU A 834 41.24 15.40 -7.50
CA GLU A 834 42.61 14.98 -7.23
C GLU A 834 43.61 16.13 -7.38
N ASP A 835 43.43 16.95 -8.41
CA ASP A 835 44.35 18.03 -8.68
C ASP A 835 44.11 19.28 -7.85
N MET A 836 42.96 19.36 -7.20
CA MET A 836 42.57 20.57 -6.47
C MET A 836 43.30 20.75 -5.12
N THR A 837 43.62 22.00 -4.78
CA THR A 837 44.38 22.28 -3.56
C THR A 837 43.49 22.09 -2.32
N GLU A 838 44.13 21.92 -1.17
CA GLU A 838 43.41 21.80 0.08
C GLU A 838 42.57 23.04 0.33
N GLU A 839 43.12 24.18 -0.05
CA GLU A 839 42.43 25.46 0.17
C GLU A 839 41.22 25.49 -0.72
N ALA A 840 41.40 25.01 -1.95
CA ALA A 840 40.29 25.00 -2.88
C ALA A 840 39.20 24.10 -2.36
N PHE A 841 39.59 22.97 -1.76
CA PHE A 841 38.63 22.05 -1.16
C PHE A 841 37.86 22.67 0.03
N GLN A 842 38.58 23.37 0.90
CA GLN A 842 37.96 24.00 2.06
C GLN A 842 37.05 25.16 1.66
N LYS A 843 37.33 25.74 0.50
CA LYS A 843 36.52 26.81 -0.02
C LYS A 843 35.12 26.28 -0.29
N HIS A 844 35.07 25.09 -0.89
CA HIS A 844 33.82 24.44 -1.21
C HIS A 844 33.06 24.04 0.06
N ILE A 845 33.76 23.50 1.05
CA ILE A 845 33.15 23.21 2.35
C ILE A 845 32.53 24.49 2.91
N GLN A 846 33.31 25.56 2.86
CA GLN A 846 32.89 26.84 3.37
C GLN A 846 31.71 27.42 2.59
N ALA A 847 31.71 27.23 1.28
CA ALA A 847 30.64 27.72 0.43
C ALA A 847 29.31 26.99 0.77
N LEU A 848 29.35 25.66 0.81
CA LEU A 848 28.18 24.85 1.19
C LEU A 848 27.71 25.22 2.60
N ALA A 849 28.66 25.37 3.52
CA ALA A 849 28.33 25.76 4.88
C ALA A 849 27.50 27.06 4.91
N ILE A 850 28.00 28.11 4.25
CA ILE A 850 27.29 29.36 4.16
C ILE A 850 25.86 29.14 3.62
N ARG A 851 25.74 28.36 2.55
CA ARG A 851 24.43 28.12 1.95
C ARG A 851 23.46 27.41 2.90
N ARG A 852 23.94 26.40 3.61
CA ARG A 852 23.09 25.68 4.52
C ARG A 852 22.70 26.54 5.73
N LEU A 853 23.60 27.41 6.18
CA LEU A 853 23.36 28.18 7.40
C LEU A 853 22.70 29.52 7.13
N ASP A 854 22.44 29.84 5.87
CA ASP A 854 21.79 31.09 5.49
C ASP A 854 20.45 31.19 6.22
N LYS A 855 20.28 32.23 7.02
CA LYS A 855 19.08 32.39 7.84
C LYS A 855 17.87 32.86 7.00
N PRO A 856 16.69 32.27 7.24
CA PRO A 856 15.49 32.79 6.57
C PRO A 856 15.24 34.24 6.96
N LYS A 857 14.83 35.05 6.00
CA LYS A 857 14.61 36.47 6.27
C LYS A 857 13.14 36.79 6.56
N LYS A 858 12.24 35.88 6.21
CA LYS A 858 10.82 36.07 6.44
C LYS A 858 10.23 34.79 7.07
N LEU A 859 9.08 34.94 7.71
CA LEU A 859 8.42 33.85 8.39
C LEU A 859 8.18 32.62 7.51
N SER A 860 7.65 32.81 6.29
CA SER A 860 7.34 31.67 5.42
C SER A 860 8.54 30.82 5.08
N ALA A 861 9.70 31.46 4.97
CA ALA A 861 10.90 30.71 4.65
C ALA A 861 11.28 29.77 5.79
N GLU A 862 11.16 30.27 7.02
CA GLU A 862 11.43 29.49 8.23
C GLU A 862 10.40 28.37 8.37
N SER A 863 9.13 28.72 8.17
CA SER A 863 8.05 27.74 8.18
C SER A 863 8.30 26.61 7.21
N ALA A 864 8.78 26.96 6.02
CA ALA A 864 9.06 25.98 4.98
C ALA A 864 10.09 24.97 5.44
N LYS A 865 11.17 25.44 6.08
CA LYS A 865 12.19 24.55 6.64
C LYS A 865 11.57 23.53 7.57
N TYR A 866 10.80 24.00 8.53
CA TYR A 866 10.15 23.12 9.49
C TYR A 866 9.20 22.17 8.80
N TRP A 867 8.41 22.71 7.87
CA TRP A 867 7.42 21.91 7.18
C TRP A 867 8.07 20.73 6.45
N GLY A 868 9.27 20.92 5.92
CA GLY A 868 10.00 19.85 5.28
C GLY A 868 10.39 18.76 6.24
N GLU A 869 10.85 19.19 7.41
CA GLU A 869 11.25 18.26 8.44
C GLU A 869 10.02 17.47 8.86
N ILE A 870 8.88 18.12 8.85
CA ILE A 870 7.66 17.45 9.30
C ILE A 870 7.08 16.53 8.26
N ILE A 871 6.89 16.97 7.02
CA ILE A 871 6.27 16.08 6.05
C ILE A 871 7.18 14.94 5.64
N SER A 872 8.49 15.10 5.79
CA SER A 872 9.42 14.01 5.49
C SER A 872 9.48 13.04 6.69
N GLN A 873 8.84 13.43 7.79
CA GLN A 873 8.77 12.63 9.02
C GLN A 873 10.14 12.40 9.62
N GLN A 874 11.05 13.34 9.41
CA GLN A 874 12.40 13.25 9.94
C GLN A 874 12.56 14.15 11.16
N TYR A 875 11.82 15.26 11.21
CA TYR A 875 11.72 16.09 12.42
C TYR A 875 13.07 16.55 12.97
N ASN A 876 13.99 16.86 12.07
CA ASN A 876 15.34 17.25 12.44
C ASN A 876 15.54 18.76 12.37
N PHE A 877 14.98 19.45 13.36
CA PHE A 877 14.95 20.90 13.36
C PHE A 877 16.31 21.55 13.51
N ASP A 878 17.26 20.87 14.14
CA ASP A 878 18.59 21.44 14.31
C ASP A 878 19.51 20.87 13.23
N ARG A 879 18.92 20.36 12.16
CA ARG A 879 19.69 19.65 11.15
C ARG A 879 20.87 20.43 10.62
N ASP A 880 20.67 21.73 10.37
CA ASP A 880 21.70 22.56 9.74
C ASP A 880 23.01 22.69 10.54
N ASN A 881 22.92 22.89 11.85
CA ASN A 881 24.13 23.02 12.68
C ASN A 881 24.84 21.68 12.74
N THR A 882 24.05 20.63 12.90
CA THR A 882 24.55 19.28 12.98
C THR A 882 25.28 18.88 11.71
N GLU A 883 24.62 19.11 10.56
CA GLU A 883 25.14 18.67 9.28
C GLU A 883 26.33 19.50 8.83
N VAL A 884 26.33 20.79 9.14
CA VAL A 884 27.49 21.60 8.79
C VAL A 884 28.72 21.18 9.64
N ALA A 885 28.51 20.86 10.92
CA ALA A 885 29.61 20.39 11.77
C ALA A 885 30.25 19.13 11.19
N TYR A 886 29.42 18.20 10.74
CA TYR A 886 29.94 16.98 10.13
C TYR A 886 30.68 17.32 8.82
N LEU A 887 30.06 18.16 8.00
CA LEU A 887 30.64 18.61 6.75
C LEU A 887 32.09 19.08 6.90
N LYS A 888 32.35 19.85 7.95
CA LYS A 888 33.67 20.45 8.11
C LYS A 888 34.79 19.46 8.41
N THR A 889 34.43 18.24 8.82
CA THR A 889 35.43 17.21 9.09
C THR A 889 35.80 16.38 7.89
N LEU A 890 35.15 16.60 6.75
CA LEU A 890 35.37 15.81 5.56
C LEU A 890 36.64 16.20 4.81
N THR A 891 37.25 15.23 4.14
CA THR A 891 38.50 15.46 3.45
C THR A 891 38.43 15.06 1.98
N LYS A 892 39.32 15.64 1.19
CA LYS A 892 39.43 15.32 -0.23
C LYS A 892 39.39 13.82 -0.42
N GLU A 893 40.06 13.10 0.48
CA GLU A 893 40.12 11.66 0.42
C GLU A 893 38.75 11.04 0.59
N ASP A 894 37.94 11.63 1.47
CA ASP A 894 36.60 11.11 1.75
C ASP A 894 35.68 11.22 0.55
N ILE A 895 35.78 12.33 -0.18
CA ILE A 895 34.93 12.57 -1.32
C ILE A 895 35.36 11.67 -2.48
N ILE A 896 36.66 11.50 -2.64
CA ILE A 896 37.18 10.64 -3.69
C ILE A 896 36.77 9.19 -3.44
N LYS A 897 36.77 8.78 -2.18
CA LYS A 897 36.36 7.43 -1.82
C LYS A 897 34.89 7.22 -2.11
N PHE A 898 34.10 8.23 -1.81
CA PHE A 898 32.69 8.24 -2.09
C PHE A 898 32.43 8.27 -3.57
N TYR A 899 33.25 8.95 -4.33
CA TYR A 899 33.06 8.94 -5.77
C TYR A 899 33.35 7.56 -6.33
N LYS A 900 34.46 6.98 -5.87
CA LYS A 900 34.91 5.68 -6.35
C LYS A 900 33.98 4.56 -5.94
N GLU A 901 33.32 4.70 -4.80
CA GLU A 901 32.49 3.63 -4.32
C GLU A 901 31.06 3.67 -4.87
N MET A 902 30.54 4.87 -5.14
CA MET A 902 29.13 5.02 -5.48
C MET A 902 28.89 5.61 -6.85
N LEU A 903 29.82 6.41 -7.37
CA LEU A 903 29.52 7.20 -8.57
C LEU A 903 30.36 6.87 -9.81
N ALA A 904 31.61 6.50 -9.62
CA ALA A 904 32.48 6.26 -10.77
C ALA A 904 31.90 5.16 -11.65
N VAL A 905 32.24 5.21 -12.92
CA VAL A 905 31.73 4.23 -13.88
C VAL A 905 31.95 2.75 -13.49
N ASP A 906 33.04 2.44 -12.80
CA ASP A 906 33.27 1.06 -12.35
C ASP A 906 33.12 0.98 -10.82
N ALA A 907 32.27 1.86 -10.30
CA ALA A 907 31.98 1.85 -8.89
C ALA A 907 31.19 0.61 -8.56
N PRO A 908 31.57 -0.06 -7.47
CA PRO A 908 30.94 -1.30 -6.99
C PRO A 908 29.48 -1.14 -6.55
N ARG A 909 29.09 0.05 -6.15
CA ARG A 909 27.73 0.28 -5.70
C ARG A 909 27.06 1.36 -6.55
N ARG A 910 27.36 1.35 -7.85
CA ARG A 910 26.74 2.28 -8.75
C ARG A 910 25.31 1.84 -8.98
N HIS A 911 24.40 2.79 -8.84
CA HIS A 911 22.98 2.54 -8.99
C HIS A 911 22.45 3.57 -9.95
N LYS A 912 22.41 3.20 -11.23
CA LYS A 912 22.12 4.18 -12.26
C LYS A 912 20.81 3.92 -12.98
N VAL A 913 19.99 4.95 -13.06
CA VAL A 913 18.79 4.89 -13.88
C VAL A 913 18.68 6.16 -14.75
N SER A 914 18.38 5.97 -16.02
CA SER A 914 18.35 7.04 -17.00
C SER A 914 17.00 7.11 -17.66
N VAL A 915 16.49 8.33 -17.78
CA VAL A 915 15.28 8.58 -18.54
C VAL A 915 15.60 9.34 -19.83
N HIS A 916 15.32 8.73 -20.96
CA HIS A 916 15.50 9.38 -22.25
C HIS A 916 14.17 9.86 -22.83
N VAL A 917 14.05 11.16 -23.06
CA VAL A 917 12.88 11.65 -23.78
C VAL A 917 13.33 12.11 -25.17
N LEU A 918 12.93 11.37 -26.19
CA LEU A 918 13.31 11.68 -27.56
C LEU A 918 12.58 12.92 -28.08
N ALA A 919 13.23 13.69 -28.93
CA ALA A 919 12.59 14.82 -29.59
C ALA A 919 11.53 14.34 -30.57
N ARG A 920 10.60 15.22 -30.95
CA ARG A 920 9.51 14.91 -31.89
C ARG A 920 9.95 14.08 -33.11
N GLU A 921 10.98 14.55 -33.83
CA GLU A 921 11.36 13.91 -35.09
C GLU A 921 12.48 12.84 -35.00
N MET A 922 12.94 12.53 -33.80
CA MET A 922 14.05 11.58 -33.64
C MET A 922 13.60 10.16 -34.04
N ILE A 937 37.71 14.78 -30.87
CA ILE A 937 37.81 16.21 -31.16
C ILE A 937 38.51 16.94 -30.01
N ASN A 938 38.13 18.19 -29.80
CA ASN A 938 38.58 18.98 -28.64
C ASN A 938 37.91 18.50 -27.32
N LEU A 939 37.05 17.48 -27.43
CA LEU A 939 36.26 16.93 -26.31
C LEU A 939 36.98 15.85 -25.50
N SER A 940 36.79 15.88 -24.19
CA SER A 940 37.26 14.81 -23.28
C SER A 940 36.74 13.46 -23.73
N GLN A 941 37.46 12.41 -23.35
CA GLN A 941 37.10 11.05 -23.73
C GLN A 941 36.02 10.49 -22.82
N ALA A 942 34.97 9.95 -23.43
CA ALA A 942 33.90 9.32 -22.67
C ALA A 942 34.23 7.86 -22.47
N PRO A 943 33.91 7.30 -21.30
CA PRO A 943 34.21 5.91 -21.01
C PRO A 943 33.23 5.00 -21.72
N ALA A 944 33.61 3.74 -21.91
CA ALA A 944 32.70 2.75 -22.48
C ALA A 944 31.66 2.36 -21.43
N LEU A 945 30.39 2.36 -21.84
CA LEU A 945 29.32 2.04 -20.91
C LEU A 945 28.81 0.64 -21.13
N PRO A 946 28.30 0.01 -20.07
CA PRO A 946 27.71 -1.32 -20.16
C PRO A 946 26.39 -1.32 -20.91
N GLN A 947 25.94 -2.48 -21.34
CA GLN A 947 24.63 -2.61 -21.96
C GLN A 947 23.56 -2.36 -20.89
N PRO A 948 22.66 -1.41 -21.14
CA PRO A 948 21.65 -1.12 -20.12
C PRO A 948 20.47 -2.06 -20.24
N GLU A 949 19.80 -2.33 -19.13
CA GLU A 949 18.52 -3.02 -19.21
C GLU A 949 17.44 -1.98 -19.53
N VAL A 950 16.78 -2.16 -20.66
CA VAL A 950 15.73 -1.24 -21.07
C VAL A 950 14.43 -1.59 -20.39
N ILE A 951 13.91 -0.64 -19.60
CA ILE A 951 12.63 -0.83 -18.95
C ILE A 951 11.46 -0.80 -19.95
N GLN A 952 10.72 -1.90 -19.99
CA GLN A 952 9.60 -2.04 -20.92
C GLN A 952 8.29 -1.73 -20.24
N ASN A 953 8.23 -1.94 -18.93
CA ASN A 953 7.00 -1.84 -18.20
C ASN A 953 7.28 -1.39 -16.77
N MET A 954 6.73 -0.25 -16.37
CA MET A 954 7.07 0.33 -15.07
C MET A 954 6.69 -0.57 -13.92
N THR A 955 5.55 -1.24 -14.05
CA THR A 955 5.11 -2.16 -13.01
C THR A 955 6.03 -3.37 -12.86
N GLU A 956 6.45 -3.98 -13.97
CA GLU A 956 7.33 -5.12 -13.87
C GLU A 956 8.67 -4.72 -13.25
N PHE A 957 9.15 -3.56 -13.65
CA PHE A 957 10.38 -2.99 -13.12
C PHE A 957 10.32 -2.90 -11.60
N LYS A 958 9.29 -2.26 -11.06
CA LYS A 958 9.14 -2.15 -9.61
C LYS A 958 9.00 -3.50 -8.87
N ARG A 959 8.21 -4.42 -9.44
CA ARG A 959 8.00 -5.71 -8.81
C ARG A 959 9.30 -6.50 -8.65
N GLY A 960 10.20 -6.38 -9.63
CA GLY A 960 11.43 -7.14 -9.65
C GLY A 960 12.53 -6.59 -8.76
N LEU A 961 12.23 -5.49 -8.06
CA LEU A 961 13.24 -4.87 -7.19
C LEU A 961 12.80 -4.72 -5.75
N PRO A 962 13.78 -4.62 -4.85
CA PRO A 962 13.45 -4.36 -3.44
C PRO A 962 13.00 -2.92 -3.24
N LEU A 963 12.36 -2.65 -2.11
CA LEU A 963 12.04 -1.29 -1.71
C LEU A 963 12.91 -0.93 -0.53
N PHE A 964 13.41 0.30 -0.52
CA PHE A 964 14.20 0.82 0.58
C PHE A 964 13.35 0.87 1.84
N PRO A 965 14.02 0.99 3.00
CA PRO A 965 13.34 1.33 4.26
C PRO A 965 12.89 2.77 4.18
N LEU A 966 12.14 3.21 5.18
CA LEU A 966 11.84 4.62 5.40
C LEU A 966 12.83 5.14 6.47
N VAL A 967 13.06 6.45 6.49
CA VAL A 967 14.02 7.03 7.43
C VAL A 967 13.43 7.01 8.83
N LYS A 968 14.22 6.64 9.83
CA LYS A 968 13.74 6.70 11.21
C LYS A 968 13.70 8.19 11.60
N PRO A 969 12.63 8.60 12.31
CA PRO A 969 12.44 9.95 12.87
C PRO A 969 13.56 10.36 13.84
N HIS A 970 13.73 11.66 14.05
CA HIS A 970 14.78 12.16 14.92
C HIS A 970 14.42 12.04 16.41
N ASN B 3 -2.68 -73.62 3.71
CA ASN B 3 -2.03 -72.76 4.72
C ASN B 3 -2.77 -72.73 6.07
N PRO B 4 -2.10 -73.22 7.12
CA PRO B 4 -2.66 -73.37 8.47
C PRO B 4 -2.63 -72.09 9.29
N ALA B 5 -1.92 -71.06 8.82
CA ALA B 5 -1.83 -69.78 9.54
C ALA B 5 -3.01 -68.91 9.16
N ILE B 6 -3.71 -69.33 8.10
CA ILE B 6 -4.91 -68.63 7.64
C ILE B 6 -6.14 -69.45 7.98
N LYS B 7 -7.01 -68.88 8.81
CA LYS B 7 -8.26 -69.52 9.19
C LYS B 7 -9.25 -69.45 8.05
N ARG B 8 -9.28 -68.33 7.34
CA ARG B 8 -10.23 -68.22 6.25
C ARG B 8 -9.87 -67.12 5.27
N ILE B 9 -10.27 -67.29 4.01
CA ILE B 9 -10.04 -66.25 3.03
C ILE B 9 -11.33 -65.76 2.40
N GLY B 10 -11.52 -64.45 2.39
CA GLY B 10 -12.65 -63.81 1.76
C GLY B 10 -12.37 -63.24 0.38
N ASN B 11 -12.54 -63.90 -0.75
CA ASN B 11 -12.42 -62.98 -1.87
C ASN B 11 -13.81 -62.33 -2.08
N HIS B 12 -13.88 -61.51 -3.12
CA HIS B 12 -15.05 -60.69 -3.41
C HIS B 12 -15.32 -59.76 -2.22
N ILE B 13 -14.44 -58.78 -2.08
CA ILE B 13 -14.61 -57.66 -1.16
C ILE B 13 -15.41 -56.66 -1.99
N THR B 14 -16.66 -56.43 -1.64
CA THR B 14 -17.47 -55.55 -2.46
C THR B 14 -16.85 -54.16 -2.48
N LYS B 15 -16.65 -53.63 -3.68
CA LYS B 15 -16.03 -52.32 -3.80
C LYS B 15 -16.79 -51.48 -4.82
N SER B 16 -16.47 -50.19 -4.87
CA SER B 16 -17.05 -49.31 -5.86
C SER B 16 -16.53 -49.67 -7.24
N PRO B 17 -17.42 -49.62 -8.25
CA PRO B 17 -17.00 -49.93 -9.64
C PRO B 17 -15.94 -49.01 -10.23
N GLU B 18 -15.69 -47.84 -9.63
CA GLU B 18 -14.64 -46.95 -10.12
C GLU B 18 -13.30 -47.23 -9.43
N ASP B 19 -13.31 -48.15 -8.46
CA ASP B 19 -12.12 -48.45 -7.68
C ASP B 19 -11.27 -49.51 -8.38
N LYS B 20 -10.08 -49.10 -8.82
CA LYS B 20 -9.19 -49.98 -9.57
C LYS B 20 -8.31 -50.83 -8.65
N ARG B 21 -8.25 -50.46 -7.38
CA ARG B 21 -7.52 -51.22 -6.37
C ARG B 21 -8.10 -52.63 -6.20
N GLU B 22 -7.23 -53.56 -5.79
CA GLU B 22 -7.64 -54.95 -5.59
C GLU B 22 -7.62 -55.33 -4.12
N TYR B 23 -8.54 -56.22 -3.75
CA TYR B 23 -8.77 -56.50 -2.35
C TYR B 23 -8.85 -57.98 -2.01
N ARG B 24 -8.37 -58.34 -0.83
CA ARG B 24 -8.53 -59.67 -0.27
C ARG B 24 -8.65 -59.55 1.25
N GLY B 25 -9.66 -60.20 1.80
CA GLY B 25 -9.85 -60.23 3.24
C GLY B 25 -9.42 -61.58 3.78
N LEU B 26 -8.93 -61.60 5.02
CA LEU B 26 -8.51 -62.83 5.67
C LEU B 26 -8.87 -62.80 7.12
N GLU B 27 -9.01 -63.99 7.69
CA GLU B 27 -8.87 -64.13 9.12
C GLU B 27 -7.71 -65.08 9.41
N LEU B 28 -6.71 -64.62 10.15
CA LEU B 28 -5.61 -65.48 10.52
C LEU B 28 -6.03 -66.51 11.55
N ALA B 29 -5.19 -67.51 11.76
CA ALA B 29 -5.50 -68.57 12.71
C ALA B 29 -5.56 -67.98 14.13
N ASN B 30 -4.79 -66.94 14.38
CA ASN B 30 -4.81 -66.30 15.68
C ASN B 30 -5.98 -65.28 15.90
N GLY B 31 -6.78 -65.05 14.88
CA GLY B 31 -7.99 -64.25 15.06
C GLY B 31 -7.93 -62.83 14.50
N ILE B 32 -6.76 -62.44 13.98
CA ILE B 32 -6.62 -61.13 13.40
C ILE B 32 -7.40 -61.05 12.09
N LYS B 33 -8.29 -60.07 11.99
CA LYS B 33 -8.96 -59.78 10.73
C LYS B 33 -8.06 -58.91 9.86
N VAL B 34 -7.90 -59.29 8.60
CA VAL B 34 -6.97 -58.59 7.71
C VAL B 34 -7.66 -58.14 6.41
N LEU B 35 -7.42 -56.90 6.00
CA LEU B 35 -7.73 -56.50 4.62
C LEU B 35 -6.44 -56.15 3.90
N LEU B 36 -6.25 -56.76 2.74
CA LEU B 36 -5.11 -56.47 1.89
C LEU B 36 -5.56 -55.63 0.70
N ILE B 37 -4.79 -54.60 0.39
CA ILE B 37 -5.11 -53.74 -0.72
C ILE B 37 -3.93 -53.66 -1.65
N SER B 38 -4.14 -54.11 -2.88
CA SER B 38 -3.08 -54.04 -3.87
C SER B 38 -3.32 -52.87 -4.84
N ASP B 39 -2.39 -51.93 -4.85
CA ASP B 39 -2.40 -50.80 -5.76
C ASP B 39 -1.03 -50.62 -6.40
N PRO B 40 -0.87 -51.19 -7.60
CA PRO B 40 0.41 -51.18 -8.31
C PRO B 40 0.84 -49.79 -8.78
N THR B 41 0.00 -48.76 -8.59
CA THR B 41 0.36 -47.39 -8.99
C THR B 41 0.88 -46.56 -7.82
N THR B 42 0.62 -47.02 -6.60
CA THR B 42 0.82 -46.19 -5.42
C THR B 42 2.29 -45.81 -5.22
N ASP B 43 2.52 -44.56 -4.83
CA ASP B 43 3.87 -44.11 -4.53
C ASP B 43 4.21 -44.42 -3.09
N LYS B 44 3.23 -44.31 -2.20
CA LYS B 44 3.43 -44.72 -0.82
C LYS B 44 2.59 -45.91 -0.49
N SER B 45 3.18 -46.84 0.24
CA SER B 45 2.47 -48.00 0.76
C SER B 45 2.14 -47.71 2.22
N SER B 46 1.21 -48.48 2.79
CA SER B 46 0.72 -48.17 4.13
C SER B 46 0.22 -49.39 4.88
N ALA B 47 0.29 -49.32 6.20
CA ALA B 47 -0.37 -50.30 7.02
C ALA B 47 -0.92 -49.64 8.26
N ALA B 48 -1.93 -50.28 8.83
CA ALA B 48 -2.52 -49.83 10.08
C ALA B 48 -2.99 -51.06 10.84
N LEU B 49 -2.98 -50.97 12.16
CA LEU B 49 -3.52 -52.01 13.03
C LEU B 49 -4.40 -51.34 14.08
N ASP B 50 -5.57 -51.91 14.32
CA ASP B 50 -6.49 -51.34 15.31
C ASP B 50 -6.76 -52.38 16.37
N VAL B 51 -6.44 -52.04 17.62
CA VAL B 51 -6.72 -52.90 18.74
C VAL B 51 -8.02 -52.46 19.37
N HIS B 52 -8.94 -53.39 19.52
CA HIS B 52 -10.24 -53.04 20.06
C HIS B 52 -10.27 -52.88 21.58
N ILE B 53 -9.25 -52.18 22.09
CA ILE B 53 -9.20 -51.80 23.50
C ILE B 53 -8.75 -50.35 23.54
N GLY B 54 -9.30 -49.58 24.49
CA GLY B 54 -8.96 -48.17 24.65
C GLY B 54 -9.14 -47.66 26.07
N SER B 55 -9.40 -46.38 26.23
CA SER B 55 -9.38 -45.71 27.54
C SER B 55 -10.40 -46.28 28.53
N LEU B 56 -11.54 -46.75 28.02
CA LEU B 56 -12.59 -47.27 28.90
C LEU B 56 -12.11 -48.50 29.70
N SER B 57 -10.98 -49.07 29.26
CA SER B 57 -10.40 -50.23 29.92
C SER B 57 -9.15 -49.88 30.76
N ASP B 58 -8.88 -48.59 30.91
CA ASP B 58 -7.80 -48.15 31.75
C ASP B 58 -8.03 -48.64 33.18
N PRO B 59 -6.95 -48.99 33.89
CA PRO B 59 -7.13 -49.31 35.31
C PRO B 59 -7.72 -48.11 36.03
N PRO B 60 -8.63 -48.33 36.99
CA PRO B 60 -9.27 -47.20 37.67
C PRO B 60 -8.26 -46.33 38.42
N ASN B 61 -7.15 -46.93 38.86
CA ASN B 61 -6.12 -46.22 39.62
C ASN B 61 -4.95 -45.71 38.77
N ILE B 62 -5.04 -45.91 37.45
CA ILE B 62 -4.06 -45.32 36.56
C ILE B 62 -4.73 -44.75 35.29
N ALA B 63 -5.38 -43.60 35.44
CA ALA B 63 -6.04 -42.98 34.32
C ALA B 63 -4.99 -42.65 33.23
N GLY B 64 -5.31 -43.02 32.00
CA GLY B 64 -4.49 -42.68 30.85
C GLY B 64 -3.50 -43.74 30.44
N LEU B 65 -3.54 -44.90 31.09
CA LEU B 65 -2.56 -45.94 30.80
C LEU B 65 -2.51 -46.37 29.34
N SER B 66 -3.69 -46.60 28.73
CA SER B 66 -3.71 -47.05 27.33
C SER B 66 -3.20 -46.01 26.35
N HIS B 67 -3.52 -44.73 26.60
CA HIS B 67 -2.98 -43.61 25.80
C HIS B 67 -1.48 -43.54 25.94
N PHE B 68 -1.02 -43.69 27.18
CA PHE B 68 0.40 -43.69 27.50
C PHE B 68 1.08 -44.86 26.78
N LEU B 69 0.44 -46.02 26.87
CA LEU B 69 0.93 -47.21 26.19
C LEU B 69 1.18 -46.96 24.71
N GLN B 70 0.19 -46.30 24.09
CA GLN B 70 0.25 -45.91 22.70
C GLN B 70 1.48 -45.08 22.39
N HIS B 71 1.79 -44.11 23.24
CA HIS B 71 2.99 -43.33 23.03
C HIS B 71 4.25 -44.20 23.12
N MET B 72 4.24 -45.13 24.05
CA MET B 72 5.44 -45.88 24.34
C MET B 72 5.74 -46.96 23.32
N LEU B 73 4.75 -47.39 22.57
CA LEU B 73 5.04 -48.41 21.59
C LEU B 73 6.00 -47.95 20.51
N PHE B 74 6.12 -46.64 20.32
CA PHE B 74 7.02 -46.11 19.30
C PHE B 74 8.49 -46.11 19.73
N LEU B 75 8.74 -46.34 21.02
CA LEU B 75 10.06 -46.03 21.56
C LEU B 75 10.97 -47.25 21.80
N GLY B 76 10.79 -48.29 20.99
CA GLY B 76 11.68 -49.43 21.04
C GLY B 76 11.05 -50.80 21.25
N THR B 77 11.52 -51.76 20.46
CA THR B 77 11.12 -53.15 20.64
C THR B 77 12.35 -54.04 20.80
N LYS B 78 12.10 -55.32 21.08
CA LYS B 78 13.20 -56.24 21.32
C LYS B 78 14.08 -56.35 20.05
N LYS B 79 13.44 -56.56 18.90
CA LYS B 79 14.16 -56.66 17.63
C LYS B 79 14.75 -55.30 17.21
N TYR B 80 14.06 -54.20 17.48
CA TYR B 80 14.58 -52.89 17.11
C TYR B 80 14.64 -51.99 18.35
N PRO B 81 15.68 -52.18 19.16
CA PRO B 81 15.82 -51.52 20.46
C PRO B 81 16.23 -50.05 20.37
N LYS B 82 16.73 -49.58 19.22
CA LYS B 82 17.09 -48.17 19.12
C LYS B 82 15.83 -47.33 19.29
N GLU B 83 15.82 -46.44 20.28
CA GLU B 83 14.60 -45.72 20.66
C GLU B 83 13.81 -45.12 19.50
N ASN B 84 14.52 -44.53 18.54
CA ASN B 84 13.86 -43.85 17.44
C ASN B 84 14.08 -44.55 16.08
N GLU B 85 14.43 -45.83 16.14
CA GLU B 85 14.69 -46.58 14.92
C GLU B 85 13.46 -46.57 14.00
N TYR B 86 12.28 -46.66 14.60
CA TYR B 86 11.05 -46.68 13.83
C TYR B 86 10.82 -45.36 13.09
N SER B 87 10.76 -44.26 13.82
CA SER B 87 10.64 -42.94 13.22
C SER B 87 11.72 -42.66 12.16
N GLN B 88 12.98 -42.94 12.51
CA GLN B 88 14.10 -42.61 11.64
C GLN B 88 13.99 -43.40 10.34
N PHE B 89 13.64 -44.67 10.44
CA PHE B 89 13.43 -45.46 9.23
C PHE B 89 12.33 -44.86 8.34
N LEU B 90 11.21 -44.48 8.94
CA LEU B 90 10.13 -43.88 8.15
C LEU B 90 10.63 -42.55 7.55
N SER B 91 11.37 -41.79 8.34
CA SER B 91 11.87 -40.52 7.84
C SER B 91 12.82 -40.67 6.66
N GLU B 92 13.66 -41.68 6.69
CA GLU B 92 14.65 -41.92 5.64
C GLU B 92 14.01 -42.57 4.41
N HIS B 93 12.72 -42.87 4.50
CA HIS B 93 12.04 -43.50 3.37
C HIS B 93 10.70 -42.87 3.06
N ALA B 94 10.62 -41.56 3.25
CA ALA B 94 9.46 -40.78 2.84
C ALA B 94 8.18 -41.22 3.55
N GLY B 95 8.32 -41.76 4.76
CA GLY B 95 7.17 -42.24 5.46
C GLY B 95 6.83 -41.36 6.63
N SER B 96 5.76 -41.70 7.33
CA SER B 96 5.33 -40.92 8.47
C SER B 96 4.40 -41.83 9.27
N SER B 97 4.21 -41.54 10.55
CA SER B 97 3.39 -42.41 11.38
C SER B 97 2.60 -41.64 12.43
N ASN B 98 1.53 -42.23 12.92
CA ASN B 98 0.86 -41.67 14.09
C ASN B 98 -0.09 -42.68 14.68
N ALA B 99 -0.81 -42.29 15.72
CA ALA B 99 -1.73 -43.21 16.37
C ALA B 99 -2.70 -42.41 17.22
N PHE B 100 -3.82 -43.03 17.59
CA PHE B 100 -4.73 -42.37 18.51
C PHE B 100 -5.37 -43.40 19.43
N THR B 101 -5.73 -42.94 20.62
CA THR B 101 -6.45 -43.78 21.56
C THR B 101 -7.85 -43.22 21.82
N SER B 102 -8.87 -44.02 21.49
CA SER B 102 -10.24 -43.66 21.85
C SER B 102 -10.73 -44.56 22.97
N GLY B 103 -12.03 -44.52 23.26
CA GLY B 103 -12.56 -45.30 24.37
C GLY B 103 -12.43 -46.81 24.19
N GLU B 104 -12.56 -47.28 22.95
CA GLU B 104 -12.59 -48.71 22.64
C GLU B 104 -11.54 -49.15 21.61
N HIS B 105 -10.68 -48.25 21.16
CA HIS B 105 -9.73 -48.57 20.10
C HIS B 105 -8.39 -47.90 20.32
N THR B 106 -7.33 -48.59 19.93
CA THR B 106 -6.04 -47.93 19.79
C THR B 106 -5.58 -48.24 18.38
N ASN B 107 -5.37 -47.19 17.61
CA ASN B 107 -5.22 -47.29 16.17
C ASN B 107 -3.84 -46.75 15.76
N TYR B 108 -3.01 -47.62 15.20
CA TYR B 108 -1.65 -47.25 14.79
C TYR B 108 -1.56 -47.33 13.27
N TYR B 109 -0.85 -46.39 12.67
CA TYR B 109 -0.75 -46.37 11.20
C TYR B 109 0.50 -45.67 10.70
N PHE B 110 0.99 -46.11 9.55
CA PHE B 110 2.13 -45.48 8.90
C PHE B 110 1.97 -45.54 7.41
N ASP B 111 2.64 -44.63 6.71
CA ASP B 111 2.92 -44.84 5.30
C ASP B 111 4.43 -44.74 5.07
N VAL B 112 4.87 -45.20 3.90
CA VAL B 112 6.26 -45.26 3.53
C VAL B 112 6.37 -45.41 2.01
N SER B 113 7.51 -45.02 1.45
CA SER B 113 7.79 -45.27 0.05
C SER B 113 7.47 -46.75 -0.26
N HIS B 114 6.82 -47.02 -1.40
CA HIS B 114 6.31 -48.37 -1.68
C HIS B 114 7.39 -49.43 -1.71
N GLU B 115 8.63 -49.02 -1.98
CA GLU B 115 9.73 -49.96 -2.07
C GLU B 115 10.19 -50.46 -0.71
N HIS B 116 9.64 -49.90 0.36
CA HIS B 116 10.15 -50.22 1.70
C HIS B 116 9.04 -50.63 2.65
N LEU B 117 7.97 -51.17 2.07
CA LEU B 117 6.85 -51.65 2.85
C LEU B 117 7.27 -52.74 3.86
N GLU B 118 8.01 -53.76 3.43
CA GLU B 118 8.37 -54.85 4.35
C GLU B 118 9.18 -54.41 5.58
N GLY B 119 10.16 -53.53 5.36
CA GLY B 119 10.97 -53.08 6.47
C GLY B 119 10.20 -52.19 7.43
N ALA B 120 9.29 -51.38 6.90
CA ALA B 120 8.49 -50.57 7.78
C ALA B 120 7.55 -51.47 8.54
N LEU B 121 6.96 -52.41 7.80
CA LEU B 121 5.92 -53.26 8.39
C LEU B 121 6.51 -54.18 9.46
N ASP B 122 7.75 -54.60 9.26
CA ASP B 122 8.40 -55.45 10.23
C ASP B 122 8.63 -54.70 11.55
N ARG B 123 9.17 -53.50 11.42
CA ARG B 123 9.44 -52.64 12.56
C ARG B 123 8.14 -52.35 13.32
N PHE B 124 7.11 -52.04 12.53
CA PHE B 124 5.75 -51.79 13.02
C PHE B 124 5.22 -52.98 13.80
N ALA B 125 5.34 -54.17 13.21
CA ALA B 125 4.74 -55.37 13.80
C ALA B 125 5.27 -55.64 15.22
N GLN B 126 6.50 -55.21 15.49
CA GLN B 126 7.11 -55.52 16.77
C GLN B 126 6.42 -54.78 17.93
N PHE B 127 5.72 -53.68 17.62
CA PHE B 127 4.93 -52.95 18.63
C PHE B 127 4.02 -53.93 19.34
N PHE B 128 3.61 -54.95 18.58
CA PHE B 128 2.56 -55.85 19.04
C PHE B 128 3.09 -57.19 19.47
N LEU B 129 4.41 -57.29 19.55
CA LEU B 129 5.04 -58.53 19.93
C LEU B 129 5.86 -58.34 21.22
N SER B 130 6.87 -57.47 21.18
CA SER B 130 7.71 -57.25 22.36
C SER B 130 8.24 -55.81 22.46
N PRO B 131 7.37 -54.89 22.89
CA PRO B 131 7.78 -53.51 23.16
C PRO B 131 8.67 -53.42 24.38
N LEU B 132 9.64 -52.51 24.38
CA LEU B 132 10.55 -52.41 25.51
C LEU B 132 9.94 -51.77 26.74
N PHE B 133 9.08 -50.77 26.55
CA PHE B 133 8.62 -49.96 27.66
C PHE B 133 9.82 -49.62 28.52
N ASP B 134 10.87 -49.15 27.86
CA ASP B 134 12.11 -48.78 28.51
C ASP B 134 11.89 -47.82 29.67
N GLU B 135 12.54 -48.09 30.81
CA GLU B 135 12.37 -47.25 32.01
C GLU B 135 12.74 -45.78 31.80
N SER B 136 13.83 -45.56 31.08
CA SER B 136 14.30 -44.22 30.83
C SER B 136 13.33 -43.46 29.93
N ALA B 137 12.90 -44.13 28.86
CA ALA B 137 11.96 -43.55 27.92
C ALA B 137 10.59 -43.27 28.59
N LYS B 138 10.15 -44.14 29.48
CA LYS B 138 8.89 -43.94 30.20
C LYS B 138 8.92 -42.62 31.01
N ASP B 139 10.01 -42.44 31.75
CA ASP B 139 10.22 -41.25 32.56
C ASP B 139 10.26 -39.96 31.73
N ARG B 140 10.68 -40.08 30.46
CA ARG B 140 10.73 -38.91 29.60
C ARG B 140 9.41 -38.67 28.93
N GLU B 141 8.89 -39.68 28.24
CA GLU B 141 7.67 -39.55 27.44
C GLU B 141 6.43 -39.18 28.25
N VAL B 142 6.44 -39.44 29.56
CA VAL B 142 5.27 -39.10 30.38
C VAL B 142 5.04 -37.59 30.35
N ASN B 143 6.13 -36.85 30.14
CA ASN B 143 6.05 -35.40 30.01
C ASN B 143 5.36 -34.93 28.75
N ALA B 144 5.51 -35.70 27.68
CA ALA B 144 4.85 -35.40 26.42
C ALA B 144 3.34 -35.57 26.60
N VAL B 145 2.94 -36.62 27.32
CA VAL B 145 1.53 -36.81 27.61
C VAL B 145 1.04 -35.68 28.51
N ASP B 146 1.85 -35.31 29.48
CA ASP B 146 1.52 -34.17 30.32
C ASP B 146 1.30 -32.88 29.50
N SER B 147 2.15 -32.57 28.49
CA SER B 147 1.87 -31.39 27.64
C SER B 147 0.60 -31.52 26.87
N GLU B 148 0.35 -32.72 26.35
CA GLU B 148 -0.82 -32.97 25.53
C GLU B 148 -2.00 -32.52 26.38
N HIS B 149 -2.02 -32.92 27.65
CA HIS B 149 -3.13 -32.54 28.50
C HIS B 149 -3.18 -31.06 28.82
N GLU B 150 -2.03 -30.50 29.19
CA GLU B 150 -1.90 -29.10 29.55
C GLU B 150 -2.47 -28.21 28.45
N LYS B 151 -2.20 -28.60 27.21
CA LYS B 151 -2.69 -27.93 26.03
C LYS B 151 -4.21 -27.93 25.98
N ASN B 152 -4.83 -29.00 26.48
CA ASN B 152 -6.27 -29.15 26.43
C ASN B 152 -7.00 -28.50 27.56
N VAL B 153 -6.31 -28.28 28.68
CA VAL B 153 -6.94 -27.85 29.92
C VAL B 153 -7.82 -26.62 29.74
N MET B 154 -7.28 -25.59 29.11
CA MET B 154 -8.03 -24.38 28.89
C MET B 154 -8.74 -24.34 27.51
N ASN B 155 -8.97 -25.51 26.91
CA ASN B 155 -9.74 -25.62 25.67
C ASN B 155 -11.22 -25.98 25.92
N ASP B 156 -12.14 -25.14 25.47
CA ASP B 156 -13.58 -25.34 25.78
C ASP B 156 -14.16 -26.68 25.37
N ALA B 157 -13.73 -27.20 24.24
CA ALA B 157 -14.26 -28.46 23.74
C ALA B 157 -13.85 -29.63 24.67
N TRP B 158 -12.57 -29.68 25.08
CA TRP B 158 -12.12 -30.73 26.02
C TRP B 158 -12.79 -30.62 27.37
N ARG B 159 -12.94 -29.40 27.87
CA ARG B 159 -13.59 -29.17 29.16
C ARG B 159 -15.00 -29.73 29.15
N LEU B 160 -15.73 -29.45 28.08
CA LEU B 160 -17.09 -29.95 27.94
C LEU B 160 -17.12 -31.47 27.81
N PHE B 161 -16.19 -32.00 27.04
CA PHE B 161 -16.04 -33.43 26.84
C PHE B 161 -15.98 -34.14 28.19
N GLN B 162 -15.08 -33.65 29.05
CA GLN B 162 -14.87 -34.29 30.32
C GLN B 162 -15.97 -33.98 31.32
N LEU B 163 -16.54 -32.79 31.21
CA LEU B 163 -17.64 -32.41 32.10
C LEU B 163 -18.84 -33.34 31.96
N GLU B 164 -19.16 -33.75 30.72
CA GLU B 164 -20.27 -34.69 30.50
C GLU B 164 -20.00 -36.01 31.25
N LYS B 165 -18.77 -36.52 31.10
CA LYS B 165 -18.38 -37.74 31.77
C LYS B 165 -18.46 -37.62 33.28
N ALA B 166 -18.24 -36.40 33.77
CA ALA B 166 -18.23 -36.13 35.20
C ALA B 166 -19.63 -36.03 35.80
N THR B 167 -20.64 -35.92 34.95
CA THR B 167 -22.00 -35.65 35.43
C THR B 167 -22.92 -36.84 35.27
N GLY B 168 -22.34 -37.95 34.82
CA GLY B 168 -23.06 -39.21 34.74
C GLY B 168 -22.64 -40.05 35.93
N ASN B 169 -22.94 -41.34 35.84
CA ASN B 169 -22.60 -42.30 36.88
C ASN B 169 -21.09 -42.46 37.13
N PRO B 170 -20.62 -42.13 38.35
CA PRO B 170 -19.18 -42.13 38.61
C PRO B 170 -18.61 -43.53 38.63
N LYS B 171 -19.47 -44.53 38.76
CA LYS B 171 -19.01 -45.90 38.79
C LYS B 171 -18.75 -46.42 37.38
N HIS B 172 -19.35 -45.75 36.40
CA HIS B 172 -19.26 -46.14 34.98
C HIS B 172 -17.94 -45.74 34.32
N PRO B 173 -17.36 -46.63 33.51
CA PRO B 173 -16.10 -46.33 32.80
C PRO B 173 -16.16 -45.05 31.96
N PHE B 174 -17.37 -44.62 31.62
CA PHE B 174 -17.52 -43.41 30.85
C PHE B 174 -16.93 -42.21 31.58
N SER B 175 -16.87 -42.30 32.90
CA SER B 175 -16.40 -41.19 33.73
C SER B 175 -14.90 -41.00 33.74
N LYS B 176 -14.19 -41.98 33.20
CA LYS B 176 -12.72 -41.98 33.25
C LYS B 176 -12.06 -40.86 32.48
N PHE B 177 -11.02 -40.31 33.09
CA PHE B 177 -10.14 -39.36 32.44
C PHE B 177 -9.19 -40.14 31.55
N GLY B 178 -9.32 -39.94 30.23
CA GLY B 178 -8.62 -40.79 29.27
C GLY B 178 -7.22 -40.37 28.86
N THR B 179 -6.95 -39.06 28.85
CA THR B 179 -5.66 -38.54 28.41
C THR B 179 -4.54 -38.99 29.36
N GLY B 180 -4.80 -38.88 30.66
CA GLY B 180 -3.77 -39.06 31.67
C GLY B 180 -2.91 -37.82 31.77
N ASN B 181 -2.10 -37.77 32.82
CA ASN B 181 -1.10 -36.72 32.92
C ASN B 181 0.02 -37.15 33.86
N LYS B 182 0.96 -36.25 34.15
CA LYS B 182 2.11 -36.56 35.00
C LYS B 182 1.65 -37.05 36.35
N TYR B 183 0.54 -36.49 36.85
CA TYR B 183 0.02 -36.90 38.13
C TYR B 183 -0.47 -38.36 38.08
N THR B 184 -1.28 -38.67 37.08
CA THR B 184 -1.89 -39.99 37.02
C THR B 184 -0.95 -41.07 36.53
N LEU B 185 0.03 -40.70 35.71
CA LEU B 185 0.92 -41.70 35.13
C LEU B 185 2.29 -41.80 35.86
N GLU B 186 2.62 -40.84 36.72
CA GLU B 186 3.90 -40.88 37.47
C GLU B 186 3.73 -40.59 38.94
N THR B 187 3.31 -39.37 39.28
CA THR B 187 3.29 -38.92 40.65
C THR B 187 2.41 -39.78 41.56
N ARG B 188 1.12 -39.89 41.26
CA ARG B 188 0.21 -40.68 42.09
C ARG B 188 0.64 -42.16 42.19
N PRO B 189 1.05 -42.76 41.07
CA PRO B 189 1.49 -44.16 41.12
C PRO B 189 2.71 -44.38 42.01
N ASN B 190 3.64 -43.43 42.04
CA ASN B 190 4.82 -43.56 42.90
C ASN B 190 4.39 -43.52 44.35
N GLN B 191 3.42 -42.65 44.65
CA GLN B 191 2.94 -42.52 46.01
C GLN B 191 2.26 -43.80 46.47
N GLU B 192 1.65 -44.51 45.54
CA GLU B 192 0.90 -45.71 45.84
C GLU B 192 1.66 -47.01 45.60
N GLY B 193 2.96 -46.93 45.39
CA GLY B 193 3.79 -48.11 45.23
C GLY B 193 3.61 -48.85 43.92
N ILE B 194 2.99 -48.20 42.94
CA ILE B 194 2.76 -48.82 41.65
C ILE B 194 3.98 -48.74 40.74
N ASP B 195 4.27 -49.84 40.04
CA ASP B 195 5.30 -49.89 39.00
C ASP B 195 4.67 -49.66 37.62
N VAL B 196 4.78 -48.45 37.09
CA VAL B 196 4.09 -48.15 35.85
C VAL B 196 4.61 -48.98 34.68
N ARG B 197 5.91 -49.25 34.64
CA ARG B 197 6.41 -50.10 33.58
C ARG B 197 5.76 -51.49 33.62
N GLN B 198 5.62 -52.04 34.83
CA GLN B 198 4.97 -53.33 34.97
C GLN B 198 3.50 -53.18 34.51
N GLU B 199 2.87 -52.08 34.88
CA GLU B 199 1.49 -51.87 34.50
C GLU B 199 1.29 -51.77 32.96
N LEU B 200 2.23 -51.11 32.29
CA LEU B 200 2.23 -51.07 30.83
C LEU B 200 2.36 -52.45 30.23
N LEU B 201 3.35 -53.20 30.71
CA LEU B 201 3.55 -54.58 30.26
C LEU B 201 2.34 -55.46 30.57
N LYS B 202 1.77 -55.30 31.76
CA LYS B 202 0.58 -56.04 32.16
C LYS B 202 -0.56 -55.77 31.20
N PHE B 203 -0.79 -54.49 30.92
CA PHE B 203 -1.88 -54.07 30.05
C PHE B 203 -1.65 -54.57 28.64
N HIS B 204 -0.44 -54.43 28.16
CA HIS B 204 -0.12 -54.91 26.82
C HIS B 204 -0.38 -56.41 26.70
N SER B 205 0.08 -57.15 27.69
CA SER B 205 -0.04 -58.59 27.68
C SER B 205 -1.50 -59.02 27.76
N ALA B 206 -2.28 -58.33 28.56
CA ALA B 206 -3.65 -58.73 28.82
C ALA B 206 -4.59 -58.36 27.67
N TYR B 207 -4.36 -57.20 27.06
CA TYR B 207 -5.33 -56.65 26.12
C TYR B 207 -4.83 -56.62 24.67
N TYR B 208 -3.53 -56.56 24.47
CA TYR B 208 -3.04 -56.56 23.10
C TYR B 208 -2.98 -57.96 22.53
N SER B 209 -4.17 -58.53 22.40
CA SER B 209 -4.31 -59.89 21.93
C SER B 209 -4.78 -59.92 20.50
N SER B 210 -4.30 -60.91 19.76
CA SER B 210 -4.59 -61.01 18.35
C SER B 210 -6.09 -61.04 18.08
N ASN B 211 -6.87 -61.59 19.00
CA ASN B 211 -8.30 -61.73 18.73
C ASN B 211 -9.01 -60.37 18.74
N LEU B 212 -8.34 -59.36 19.29
CA LEU B 212 -8.93 -58.02 19.34
C LEU B 212 -8.28 -57.10 18.32
N MET B 213 -7.56 -57.67 17.36
CA MET B 213 -6.82 -56.86 16.43
C MET B 213 -7.32 -56.98 15.00
N ALA B 214 -7.28 -55.87 14.26
CA ALA B 214 -7.53 -55.88 12.81
C ALA B 214 -6.40 -55.16 12.10
N VAL B 215 -5.93 -55.74 11.00
CA VAL B 215 -4.83 -55.17 10.24
C VAL B 215 -5.21 -54.89 8.81
N VAL B 216 -4.78 -53.74 8.31
CA VAL B 216 -4.90 -53.42 6.89
C VAL B 216 -3.55 -53.05 6.27
N VAL B 217 -3.25 -53.65 5.12
CA VAL B 217 -1.99 -53.39 4.43
C VAL B 217 -2.19 -53.03 2.96
N LEU B 218 -1.57 -51.95 2.53
CA LEU B 218 -1.72 -51.45 1.17
C LEU B 218 -0.36 -51.26 0.55
N GLY B 219 -0.14 -51.89 -0.57
CA GLY B 219 1.14 -51.79 -1.25
C GLY B 219 0.98 -52.07 -2.73
N ARG B 220 2.09 -51.99 -3.44
CA ARG B 220 2.13 -52.30 -4.86
C ARG B 220 2.11 -53.82 -5.12
N GLU B 221 2.52 -54.61 -4.15
CA GLU B 221 2.63 -56.06 -4.30
C GLU B 221 1.30 -56.71 -4.66
N SER B 222 1.35 -57.90 -5.23
CA SER B 222 0.15 -58.65 -5.55
C SER B 222 -0.54 -59.07 -4.27
N LEU B 223 -1.83 -59.40 -4.36
CA LEU B 223 -2.57 -59.91 -3.21
C LEU B 223 -1.87 -61.15 -2.63
N ASP B 224 -1.39 -62.05 -3.49
CA ASP B 224 -0.70 -63.25 -2.96
C ASP B 224 0.52 -62.87 -2.12
N ASP B 225 1.35 -61.98 -2.63
CA ASP B 225 2.53 -61.57 -1.91
C ASP B 225 2.21 -60.81 -0.63
N LEU B 226 1.23 -59.91 -0.70
CA LEU B 226 0.82 -59.22 0.51
C LEU B 226 0.35 -60.22 1.54
N THR B 227 -0.36 -61.24 1.08
CA THR B 227 -0.80 -62.30 1.97
C THR B 227 0.38 -62.95 2.70
N ASN B 228 1.42 -63.31 1.95
CA ASN B 228 2.60 -63.93 2.56
C ASN B 228 3.29 -63.04 3.56
N LEU B 229 3.38 -61.77 3.19
CA LEU B 229 4.04 -60.76 4.00
C LEU B 229 3.38 -60.64 5.35
N VAL B 230 2.05 -60.55 5.33
CA VAL B 230 1.28 -60.34 6.54
C VAL B 230 1.26 -61.57 7.42
N VAL B 231 1.11 -62.75 6.79
CA VAL B 231 1.12 -64.01 7.53
C VAL B 231 2.45 -64.17 8.23
N LYS B 232 3.50 -63.84 7.52
CA LYS B 232 4.85 -63.92 8.06
C LYS B 232 4.93 -63.09 9.34
N LEU B 233 4.63 -61.79 9.20
CA LEU B 233 4.89 -60.85 10.29
C LEU B 233 3.84 -60.86 11.41
N PHE B 234 2.59 -61.23 11.12
CA PHE B 234 1.57 -61.09 12.16
C PHE B 234 0.99 -62.36 12.78
N SER B 235 1.31 -63.55 12.25
CA SER B 235 0.66 -64.77 12.79
C SER B 235 1.36 -65.20 14.05
N GLU B 236 2.49 -64.59 14.34
CA GLU B 236 3.17 -64.89 15.58
C GLU B 236 2.61 -64.06 16.75
N VAL B 237 1.72 -63.10 16.47
CA VAL B 237 1.00 -62.40 17.55
C VAL B 237 0.13 -63.36 18.31
N GLU B 238 0.18 -63.28 19.62
CA GLU B 238 -0.43 -64.29 20.48
C GLU B 238 -1.90 -64.04 20.77
N ASN B 239 -2.68 -65.13 20.76
CA ASN B 239 -4.11 -65.07 21.08
C ASN B 239 -4.40 -65.40 22.54
N LYS B 240 -4.92 -64.41 23.27
CA LYS B 240 -5.26 -64.61 24.67
C LYS B 240 -6.76 -64.71 24.85
N ASN B 241 -7.48 -64.74 23.74
CA ASN B 241 -8.94 -64.87 23.79
C ASN B 241 -9.57 -63.89 24.76
N VAL B 242 -9.22 -62.62 24.61
CA VAL B 242 -9.78 -61.61 25.48
C VAL B 242 -11.24 -61.33 25.12
N PRO B 243 -12.12 -61.43 26.11
CA PRO B 243 -13.49 -61.05 25.78
C PRO B 243 -13.57 -59.54 25.51
N LEU B 244 -14.28 -59.21 24.45
CA LEU B 244 -14.47 -57.83 24.07
C LEU B 244 -15.31 -57.10 25.11
N PRO B 245 -14.79 -55.99 25.65
CA PRO B 245 -15.53 -55.20 26.66
C PRO B 245 -16.87 -54.74 26.12
N GLU B 246 -17.93 -54.84 26.91
CA GLU B 246 -19.19 -54.23 26.50
C GLU B 246 -19.74 -53.41 27.67
N PHE B 247 -20.51 -52.37 27.40
CA PHE B 247 -21.04 -51.44 28.43
C PHE B 247 -22.54 -51.25 28.27
N PRO B 248 -23.32 -52.27 28.66
CA PRO B 248 -24.76 -52.28 28.42
C PRO B 248 -25.54 -51.31 29.31
N GLU B 249 -25.00 -50.94 30.48
CA GLU B 249 -25.65 -49.98 31.36
C GLU B 249 -25.28 -48.55 30.92
N HIS B 250 -26.28 -47.72 30.65
CA HIS B 250 -26.01 -46.34 30.23
C HIS B 250 -25.39 -45.54 31.34
N PRO B 251 -24.37 -44.74 31.01
CA PRO B 251 -23.73 -43.84 31.96
C PRO B 251 -24.76 -42.88 32.55
N PHE B 252 -25.85 -42.67 31.81
CA PHE B 252 -26.90 -41.79 32.29
C PHE B 252 -28.12 -42.60 32.74
N GLN B 253 -28.30 -42.68 34.06
CA GLN B 253 -29.44 -43.39 34.62
C GLN B 253 -30.55 -42.39 34.95
N GLU B 254 -31.59 -42.82 35.66
CA GLU B 254 -32.73 -41.96 35.95
C GLU B 254 -32.29 -40.64 36.61
N GLU B 255 -31.46 -40.73 37.64
CA GLU B 255 -31.09 -39.54 38.41
C GLU B 255 -30.27 -38.51 37.62
N HIS B 256 -29.84 -38.90 36.41
CA HIS B 256 -29.03 -38.03 35.54
C HIS B 256 -29.84 -37.43 34.41
N LEU B 257 -31.16 -37.62 34.46
CA LEU B 257 -32.04 -37.11 33.42
C LEU B 257 -32.84 -35.96 33.98
N LYS B 258 -33.38 -35.11 33.09
CA LYS B 258 -34.04 -33.87 33.50
C LYS B 258 -33.13 -32.99 34.34
N GLN B 259 -31.85 -32.94 33.97
CA GLN B 259 -30.86 -32.12 34.63
C GLN B 259 -30.44 -30.97 33.72
N LEU B 260 -30.13 -29.84 34.34
CA LEU B 260 -29.66 -28.68 33.62
C LEU B 260 -28.26 -28.32 34.12
N TYR B 261 -27.34 -28.05 33.21
CA TYR B 261 -25.98 -27.68 33.59
C TYR B 261 -25.66 -26.30 33.05
N LYS B 262 -25.23 -25.41 33.94
CA LYS B 262 -24.83 -24.07 33.56
C LYS B 262 -23.32 -23.95 33.65
N ILE B 263 -22.70 -23.67 32.52
CA ILE B 263 -21.27 -23.80 32.42
C ILE B 263 -20.59 -22.51 31.99
N VAL B 264 -19.51 -22.15 32.67
CA VAL B 264 -18.68 -21.01 32.28
C VAL B 264 -17.60 -21.45 31.30
N PRO B 265 -17.59 -20.87 30.09
CA PRO B 265 -16.58 -21.19 29.08
C PRO B 265 -15.32 -20.38 29.29
N ILE B 266 -14.26 -20.71 28.57
CA ILE B 266 -13.04 -19.92 28.59
C ILE B 266 -13.21 -18.81 27.58
N LYS B 267 -13.57 -19.18 26.36
CA LYS B 267 -13.92 -18.20 25.33
C LYS B 267 -15.30 -17.56 25.62
N ASP B 268 -15.54 -16.41 24.99
CA ASP B 268 -16.86 -15.80 25.04
C ASP B 268 -17.73 -16.46 23.96
N ILE B 269 -18.26 -17.63 24.30
CA ILE B 269 -19.15 -18.38 23.42
C ILE B 269 -20.47 -18.64 24.11
N ARG B 270 -21.50 -18.86 23.31
CA ARG B 270 -22.85 -19.09 23.80
C ARG B 270 -23.42 -20.37 23.15
N ASN B 271 -23.51 -21.46 23.91
CA ASN B 271 -23.99 -22.71 23.32
C ASN B 271 -25.01 -23.41 24.20
N LEU B 272 -25.88 -24.18 23.55
CA LEU B 272 -26.86 -24.99 24.24
C LEU B 272 -26.74 -26.41 23.74
N TYR B 273 -26.53 -27.34 24.66
CA TYR B 273 -26.39 -28.73 24.28
C TYR B 273 -27.55 -29.51 24.84
N VAL B 274 -28.36 -30.07 23.95
CA VAL B 274 -29.45 -30.96 24.36
C VAL B 274 -29.10 -32.41 24.04
N THR B 275 -29.18 -33.26 25.05
CA THR B 275 -28.71 -34.63 24.93
C THR B 275 -29.75 -35.62 25.43
N PHE B 276 -29.98 -36.68 24.64
CA PHE B 276 -30.84 -37.77 25.06
C PHE B 276 -30.01 -39.04 25.04
N PRO B 277 -29.97 -39.78 26.16
CA PRO B 277 -29.36 -41.12 26.15
C PRO B 277 -30.17 -42.09 25.30
N ILE B 278 -29.49 -42.85 24.47
CA ILE B 278 -30.20 -43.87 23.71
C ILE B 278 -29.43 -45.18 23.76
N PRO B 279 -30.12 -46.29 23.46
CA PRO B 279 -29.43 -47.57 23.37
C PRO B 279 -28.43 -47.63 22.23
N ASP B 280 -27.61 -48.68 22.19
CA ASP B 280 -26.65 -48.85 21.10
C ASP B 280 -27.35 -49.17 19.77
N LEU B 281 -27.21 -48.29 18.78
CA LEU B 281 -27.92 -48.47 17.52
C LEU B 281 -27.05 -49.15 16.47
N GLN B 282 -25.81 -49.43 16.82
CA GLN B 282 -24.87 -50.00 15.86
C GLN B 282 -25.42 -51.25 15.15
N LYS B 283 -26.10 -52.16 15.87
CA LYS B 283 -26.55 -53.39 15.22
C LYS B 283 -27.58 -53.08 14.12
N TYR B 284 -28.23 -51.92 14.21
CA TYR B 284 -29.22 -51.54 13.20
C TYR B 284 -28.59 -50.82 12.03
N TYR B 285 -27.31 -51.05 11.78
CA TYR B 285 -26.59 -50.27 10.76
C TYR B 285 -27.14 -50.36 9.33
N LYS B 286 -27.94 -51.38 9.03
CA LYS B 286 -28.44 -51.51 7.66
C LYS B 286 -29.59 -50.56 7.41
N SER B 287 -30.30 -50.18 8.47
CA SER B 287 -31.37 -49.17 8.39
C SER B 287 -30.92 -47.80 8.89
N ASN B 288 -30.03 -47.76 9.88
CA ASN B 288 -29.53 -46.49 10.41
C ASN B 288 -30.62 -45.52 10.81
N PRO B 289 -31.49 -45.93 11.73
CA PRO B 289 -32.58 -45.05 12.14
C PRO B 289 -32.04 -43.72 12.71
N GLY B 290 -30.88 -43.74 13.37
CA GLY B 290 -30.31 -42.52 13.94
C GLY B 290 -29.83 -41.55 12.88
N HIS B 291 -29.35 -42.07 11.75
CA HIS B 291 -28.95 -41.19 10.65
C HIS B 291 -30.17 -40.58 9.97
N TYR B 292 -31.24 -41.37 9.89
CA TYR B 292 -32.49 -40.86 9.34
C TYR B 292 -33.02 -39.65 10.13
N LEU B 293 -33.05 -39.80 11.46
CA LEU B 293 -33.58 -38.75 12.33
C LEU B 293 -32.67 -37.54 12.40
N GLY B 294 -31.36 -37.78 12.41
CA GLY B 294 -30.39 -36.71 12.40
C GLY B 294 -30.49 -35.89 11.14
N HIS B 295 -30.70 -36.57 10.02
CA HIS B 295 -30.90 -35.89 8.74
C HIS B 295 -32.04 -34.88 8.86
N LEU B 296 -33.12 -35.28 9.53
CA LEU B 296 -34.27 -34.41 9.59
C LEU B 296 -34.13 -33.33 10.66
N ILE B 297 -33.89 -33.75 11.90
CA ILE B 297 -33.74 -32.78 12.97
C ILE B 297 -32.60 -31.81 12.69
N GLY B 298 -31.58 -32.27 11.96
CA GLY B 298 -30.48 -31.40 11.65
C GLY B 298 -30.56 -30.68 10.33
N HIS B 299 -31.67 -30.82 9.61
CA HIS B 299 -31.81 -30.18 8.29
C HIS B 299 -31.71 -28.65 8.37
N GLU B 300 -31.20 -28.04 7.31
CA GLU B 300 -31.07 -26.59 7.31
C GLU B 300 -31.91 -25.89 6.22
N GLY B 301 -32.72 -26.64 5.49
CA GLY B 301 -33.52 -26.07 4.43
C GLY B 301 -34.81 -25.48 4.96
N PRO B 302 -35.66 -25.00 4.06
CA PRO B 302 -36.95 -24.43 4.43
C PRO B 302 -37.78 -25.41 5.24
N GLY B 303 -38.39 -24.94 6.32
CA GLY B 303 -39.32 -25.78 7.05
C GLY B 303 -38.63 -26.36 8.25
N SER B 304 -37.30 -26.31 8.23
CA SER B 304 -36.50 -26.96 9.26
C SER B 304 -36.56 -26.26 10.60
N LEU B 305 -36.18 -27.01 11.63
CA LEU B 305 -36.06 -26.51 12.99
C LEU B 305 -35.09 -25.34 13.01
N LEU B 306 -33.97 -25.49 12.33
CA LEU B 306 -33.03 -24.39 12.31
C LEU B 306 -33.60 -23.10 11.71
N SER B 307 -34.36 -23.18 10.63
CA SER B 307 -34.90 -21.96 10.00
C SER B 307 -35.70 -21.15 10.96
N GLU B 308 -36.57 -21.80 11.71
CA GLU B 308 -37.44 -21.05 12.59
C GLU B 308 -36.63 -20.44 13.76
N LEU B 309 -35.65 -21.18 14.28
CA LEU B 309 -34.82 -20.65 15.35
C LEU B 309 -33.96 -19.46 14.87
N LYS B 310 -33.56 -19.48 13.61
CA LYS B 310 -32.80 -18.39 13.01
C LYS B 310 -33.71 -17.15 12.86
N SER B 311 -34.91 -17.38 12.34
CA SER B 311 -35.85 -16.31 12.09
C SER B 311 -36.22 -15.60 13.37
N LYS B 312 -36.20 -16.34 14.46
CA LYS B 312 -36.55 -15.75 15.72
C LYS B 312 -35.34 -15.02 16.31
N GLY B 313 -34.19 -15.18 15.65
CA GLY B 313 -32.97 -14.51 16.06
C GLY B 313 -32.34 -15.17 17.28
N TRP B 314 -32.57 -16.47 17.44
CA TRP B 314 -32.11 -17.17 18.61
C TRP B 314 -30.85 -17.96 18.39
N VAL B 315 -30.72 -18.59 17.24
CA VAL B 315 -29.55 -19.41 16.96
C VAL B 315 -29.03 -19.15 15.56
N ASN B 316 -27.77 -19.51 15.30
CA ASN B 316 -27.18 -19.35 13.96
C ASN B 316 -26.88 -20.70 13.30
N THR B 317 -26.41 -21.64 14.11
CA THR B 317 -26.07 -22.96 13.62
C THR B 317 -26.71 -24.03 14.51
N LEU B 318 -26.90 -25.21 13.94
CA LEU B 318 -27.51 -26.34 14.63
C LEU B 318 -26.88 -27.64 14.15
N VAL B 319 -26.58 -28.50 15.10
CA VAL B 319 -26.13 -29.84 14.81
C VAL B 319 -27.06 -30.82 15.48
N GLY B 320 -27.50 -31.81 14.73
CA GLY B 320 -28.37 -32.80 15.33
C GLY B 320 -28.09 -34.20 14.83
N GLY B 321 -28.29 -35.20 15.70
CA GLY B 321 -28.12 -36.57 15.26
C GLY B 321 -27.50 -37.49 16.29
N GLN B 322 -27.12 -38.68 15.85
CA GLN B 322 -26.61 -39.65 16.79
C GLN B 322 -25.14 -39.44 17.08
N LYS B 323 -24.78 -39.65 18.33
CA LYS B 323 -23.42 -39.45 18.78
C LYS B 323 -22.92 -40.76 19.43
N GLU B 324 -21.71 -41.15 19.10
CA GLU B 324 -21.16 -42.41 19.59
C GLU B 324 -20.90 -42.36 21.09
N GLY B 325 -21.05 -43.52 21.72
CA GLY B 325 -20.70 -43.70 23.12
C GLY B 325 -19.71 -44.87 23.20
N ALA B 326 -20.25 -46.06 23.40
CA ALA B 326 -19.46 -47.28 23.27
C ALA B 326 -20.41 -48.46 22.97
N ARG B 327 -19.87 -49.67 22.87
CA ARG B 327 -20.72 -50.86 22.74
C ARG B 327 -21.68 -50.91 23.92
N GLY B 328 -22.95 -50.67 23.67
CA GLY B 328 -23.92 -50.75 24.75
C GLY B 328 -24.69 -49.46 24.96
N PHE B 329 -24.11 -48.32 24.53
CA PHE B 329 -24.77 -47.04 24.72
C PHE B 329 -24.34 -45.98 23.70
N MET B 330 -25.26 -45.04 23.48
CA MET B 330 -25.12 -43.97 22.52
C MET B 330 -25.89 -42.74 22.99
N PHE B 331 -25.77 -41.65 22.23
CA PHE B 331 -26.52 -40.46 22.56
C PHE B 331 -27.23 -39.93 21.34
N PHE B 332 -28.27 -39.16 21.56
CA PHE B 332 -28.83 -38.35 20.50
C PHE B 332 -28.69 -36.91 20.93
N ILE B 333 -28.13 -36.07 20.07
CA ILE B 333 -27.90 -34.69 20.48
C ILE B 333 -28.52 -33.66 19.54
N ILE B 334 -28.86 -32.51 20.12
CA ILE B 334 -29.23 -31.33 19.35
C ILE B 334 -28.50 -30.17 19.97
N ASN B 335 -27.58 -29.60 19.19
CA ASN B 335 -26.71 -28.53 19.67
C ASN B 335 -26.83 -27.30 18.82
N VAL B 336 -27.04 -26.15 19.47
CA VAL B 336 -27.11 -24.88 18.76
C VAL B 336 -26.20 -23.86 19.43
N ASP B 337 -25.78 -22.85 18.68
CA ASP B 337 -25.17 -21.71 19.34
C ASP B 337 -26.31 -20.72 19.73
N LEU B 338 -26.02 -19.74 20.57
CA LEU B 338 -27.05 -18.83 21.03
C LEU B 338 -26.68 -17.39 20.75
N THR B 339 -27.64 -16.63 20.22
CA THR B 339 -27.55 -15.18 20.12
C THR B 339 -27.75 -14.62 21.51
N GLU B 340 -27.57 -13.31 21.70
CA GLU B 340 -27.81 -12.73 23.02
C GLU B 340 -29.27 -12.91 23.41
N GLU B 341 -30.16 -12.84 22.42
CA GLU B 341 -31.56 -13.09 22.66
C GLU B 341 -31.76 -14.55 22.95
N GLY B 342 -31.11 -15.40 22.15
CA GLY B 342 -31.25 -16.84 22.30
C GLY B 342 -30.97 -17.28 23.73
N LEU B 343 -29.98 -16.64 24.36
CA LEU B 343 -29.57 -16.96 25.73
C LEU B 343 -30.74 -16.70 26.70
N LEU B 344 -31.59 -15.73 26.37
CA LEU B 344 -32.73 -15.41 27.23
C LEU B 344 -33.95 -16.26 26.87
N HIS B 345 -33.82 -17.15 25.90
CA HIS B 345 -34.96 -17.93 25.40
C HIS B 345 -34.68 -19.43 25.27
N VAL B 346 -33.78 -19.95 26.09
CA VAL B 346 -33.46 -21.38 26.06
C VAL B 346 -34.72 -22.25 26.23
N GLU B 347 -35.61 -21.87 27.14
CA GLU B 347 -36.83 -22.61 27.31
C GLU B 347 -37.65 -22.68 26.01
N ASP B 348 -37.80 -21.55 25.32
CA ASP B 348 -38.57 -21.53 24.08
C ASP B 348 -37.88 -22.32 22.99
N ILE B 349 -36.56 -22.14 22.89
CA ILE B 349 -35.80 -22.88 21.90
C ILE B 349 -36.03 -24.36 22.06
N ILE B 350 -35.91 -24.86 23.28
CA ILE B 350 -36.11 -26.28 23.53
C ILE B 350 -37.56 -26.70 23.25
N LEU B 351 -38.51 -25.82 23.54
CA LEU B 351 -39.90 -26.10 23.19
C LEU B 351 -40.03 -26.30 21.71
N HIS B 352 -39.34 -25.47 20.95
CA HIS B 352 -39.36 -25.60 19.50
C HIS B 352 -38.75 -26.92 19.05
N MET B 353 -37.71 -27.35 19.74
CA MET B 353 -37.08 -28.62 19.43
C MET B 353 -38.10 -29.75 19.54
N PHE B 354 -38.85 -29.75 20.64
CA PHE B 354 -39.83 -30.80 20.87
C PHE B 354 -41.06 -30.66 19.97
N GLN B 355 -41.31 -29.46 19.49
CA GLN B 355 -42.37 -29.24 18.51
C GLN B 355 -41.98 -29.89 17.20
N TYR B 356 -40.74 -29.70 16.78
CA TYR B 356 -40.30 -30.33 15.54
C TYR B 356 -40.28 -31.85 15.70
N ILE B 357 -39.86 -32.31 16.87
CA ILE B 357 -39.88 -33.74 17.11
C ILE B 357 -41.31 -34.26 17.06
N GLN B 358 -42.22 -33.52 17.65
CA GLN B 358 -43.64 -33.91 17.61
C GLN B 358 -44.18 -33.98 16.18
N LYS B 359 -43.72 -33.07 15.32
CA LYS B 359 -44.11 -33.07 13.93
C LYS B 359 -43.70 -34.38 13.26
N LEU B 360 -42.50 -34.86 13.58
CA LEU B 360 -42.01 -36.11 12.99
C LEU B 360 -42.87 -37.31 13.45
N ARG B 361 -43.27 -37.29 14.71
CA ARG B 361 -44.17 -38.31 15.20
C ARG B 361 -45.48 -38.23 14.44
N ALA B 362 -46.01 -37.01 14.28
CA ALA B 362 -47.29 -36.84 13.62
C ALA B 362 -47.33 -37.34 12.18
N GLU B 363 -46.25 -37.13 11.43
CA GLU B 363 -46.21 -37.49 10.02
C GLU B 363 -45.82 -38.94 9.87
N GLY B 364 -45.10 -39.46 10.86
CA GLY B 364 -44.59 -40.81 10.80
C GLY B 364 -43.42 -40.93 9.85
N PRO B 365 -42.75 -42.08 9.88
CA PRO B 365 -41.60 -42.28 8.99
C PRO B 365 -41.96 -42.09 7.53
N GLN B 366 -41.06 -41.47 6.78
CA GLN B 366 -41.27 -41.12 5.38
C GLN B 366 -40.33 -41.94 4.57
N GLU B 367 -40.88 -42.90 3.85
CA GLU B 367 -40.06 -43.78 3.05
C GLU B 367 -39.29 -43.07 1.91
N TRP B 368 -39.89 -42.04 1.29
CA TRP B 368 -39.19 -41.35 0.19
C TRP B 368 -37.92 -40.67 0.69
N VAL B 369 -37.96 -40.17 1.91
CA VAL B 369 -36.80 -39.55 2.51
C VAL B 369 -35.70 -40.58 2.69
N PHE B 370 -36.06 -41.73 3.27
CA PHE B 370 -35.11 -42.83 3.40
C PHE B 370 -34.54 -43.21 2.02
N GLN B 371 -35.42 -43.38 1.04
CA GLN B 371 -34.98 -43.71 -0.33
C GLN B 371 -33.99 -42.70 -0.91
N GLU B 372 -34.24 -41.40 -0.68
CA GLU B 372 -33.34 -40.37 -1.19
C GLU B 372 -31.96 -40.52 -0.58
N LEU B 373 -31.91 -40.68 0.75
CA LEU B 373 -30.65 -40.89 1.43
C LEU B 373 -29.95 -42.13 0.88
N LYS B 374 -30.71 -43.20 0.63
CA LYS B 374 -30.10 -44.42 0.09
C LYS B 374 -29.49 -44.15 -1.30
N ASP B 375 -30.24 -43.46 -2.17
CA ASP B 375 -29.79 -43.14 -3.53
C ASP B 375 -28.57 -42.21 -3.57
N LEU B 376 -28.59 -41.17 -2.71
CA LEU B 376 -27.43 -40.27 -2.60
C LEU B 376 -26.19 -41.03 -2.17
N ASN B 377 -26.33 -41.86 -1.12
CA ASN B 377 -25.22 -42.68 -0.66
C ASN B 377 -24.74 -43.62 -1.77
N ALA B 378 -25.67 -44.14 -2.57
CA ALA B 378 -25.25 -45.03 -3.66
C ALA B 378 -24.39 -44.26 -4.66
N VAL B 379 -24.81 -43.05 -5.03
CA VAL B 379 -24.01 -42.24 -5.97
C VAL B 379 -22.66 -41.83 -5.37
N ALA B 380 -22.69 -41.42 -4.10
CA ALA B 380 -21.48 -40.99 -3.42
C ALA B 380 -20.44 -42.08 -3.40
N PHE B 381 -20.89 -43.32 -3.19
CA PHE B 381 -20.00 -44.47 -3.07
C PHE B 381 -19.45 -44.84 -4.44
N ARG B 382 -20.32 -44.80 -5.44
CA ARG B 382 -19.93 -45.12 -6.80
C ARG B 382 -18.79 -44.23 -7.25
N PHE B 383 -18.96 -42.92 -7.09
CA PHE B 383 -18.02 -41.94 -7.61
C PHE B 383 -17.10 -41.38 -6.54
N LYS B 384 -16.82 -42.20 -5.54
CA LYS B 384 -15.97 -41.87 -4.39
C LYS B 384 -14.57 -41.50 -4.84
N ASP B 385 -14.00 -40.45 -4.25
CA ASP B 385 -12.61 -40.10 -4.56
C ASP B 385 -11.63 -41.18 -4.04
N LYS B 386 -10.56 -41.44 -4.79
CA LYS B 386 -9.58 -42.37 -4.29
C LYS B 386 -8.89 -41.76 -3.06
N GLU B 387 -8.86 -42.50 -1.95
CA GLU B 387 -8.34 -42.00 -0.67
C GLU B 387 -6.82 -42.03 -0.59
N ARG B 388 -6.24 -41.16 0.24
CA ARG B 388 -4.83 -41.30 0.61
C ARG B 388 -4.64 -42.55 1.46
N PRO B 389 -3.61 -43.35 1.14
CA PRO B 389 -3.37 -44.65 1.78
C PRO B 389 -3.35 -44.65 3.30
N ARG B 390 -2.59 -43.73 3.90
CA ARG B 390 -2.43 -43.72 5.35
C ARG B 390 -3.78 -43.61 6.07
N GLY B 391 -4.57 -42.63 5.67
CA GLY B 391 -5.91 -42.46 6.22
C GLY B 391 -6.83 -43.63 5.93
N TYR B 392 -6.64 -44.24 4.75
CA TYR B 392 -7.51 -45.34 4.31
C TYR B 392 -7.30 -46.61 5.13
N THR B 393 -6.04 -47.02 5.31
CA THR B 393 -5.74 -48.20 6.12
C THR B 393 -6.23 -48.01 7.57
N SER B 394 -6.05 -46.80 8.09
CA SER B 394 -6.45 -46.48 9.45
C SER B 394 -7.97 -46.61 9.63
N LYS B 395 -8.71 -46.00 8.70
CA LYS B 395 -10.17 -46.04 8.77
C LYS B 395 -10.67 -47.49 8.71
N ILE B 396 -10.16 -48.23 7.74
CA ILE B 396 -10.61 -49.59 7.53
C ILE B 396 -10.20 -50.51 8.68
N ALA B 397 -8.99 -50.33 9.21
CA ALA B 397 -8.60 -51.12 10.36
C ALA B 397 -9.61 -50.93 11.50
N GLY B 398 -10.14 -49.73 11.64
CA GLY B 398 -11.16 -49.50 12.64
C GLY B 398 -12.46 -50.23 12.39
N ILE B 399 -12.91 -50.31 11.14
CA ILE B 399 -14.23 -50.90 10.92
C ILE B 399 -14.24 -52.41 10.62
N LEU B 400 -13.07 -53.02 10.49
CA LEU B 400 -12.98 -54.47 10.35
C LEU B 400 -13.55 -55.20 11.59
N HIS B 401 -13.65 -54.45 12.70
CA HIS B 401 -14.18 -54.93 13.97
C HIS B 401 -15.71 -55.00 13.98
N TYR B 402 -16.35 -54.39 13.00
CA TYR B 402 -17.80 -54.20 13.06
C TYR B 402 -18.55 -54.92 11.97
N TYR B 403 -17.83 -55.33 10.93
CA TYR B 403 -18.44 -55.87 9.71
C TYR B 403 -17.68 -57.06 9.20
N PRO B 404 -18.36 -58.01 8.54
CA PRO B 404 -17.74 -59.16 7.87
C PRO B 404 -16.76 -58.68 6.82
N LEU B 405 -15.69 -59.40 6.56
CA LEU B 405 -14.64 -58.91 5.69
C LEU B 405 -15.16 -58.42 4.34
N GLU B 406 -16.13 -59.11 3.78
CA GLU B 406 -16.64 -58.81 2.44
C GLU B 406 -17.39 -57.49 2.39
N GLU B 407 -17.81 -57.02 3.57
CA GLU B 407 -18.64 -55.83 3.67
C GLU B 407 -17.93 -54.57 4.18
N VAL B 408 -16.63 -54.64 4.50
CA VAL B 408 -15.97 -53.47 5.10
C VAL B 408 -15.99 -52.18 4.27
N LEU B 409 -15.90 -52.30 2.95
CA LEU B 409 -15.82 -51.09 2.12
C LEU B 409 -17.15 -50.42 1.97
N THR B 410 -18.23 -51.18 1.95
CA THR B 410 -19.53 -50.57 1.71
C THR B 410 -20.24 -50.15 2.99
N ALA B 411 -19.90 -50.81 4.10
CA ALA B 411 -20.68 -50.73 5.32
C ALA B 411 -20.95 -49.30 5.81
N GLU B 412 -20.00 -48.41 5.66
CA GLU B 412 -20.27 -47.08 6.20
C GLU B 412 -20.86 -46.10 5.16
N TYR B 413 -21.25 -46.62 3.98
CA TYR B 413 -21.87 -45.78 2.93
C TYR B 413 -23.28 -46.22 2.68
N LEU B 414 -23.47 -47.50 2.44
CA LEU B 414 -24.75 -47.94 1.91
C LEU B 414 -25.79 -48.27 2.98
N LEU B 415 -26.97 -47.72 2.74
CA LEU B 415 -28.19 -47.97 3.48
C LEU B 415 -28.99 -48.98 2.71
N GLU B 416 -29.75 -49.82 3.40
CA GLU B 416 -30.40 -50.90 2.70
C GLU B 416 -31.89 -51.09 3.02
N GLU B 417 -32.22 -51.19 4.29
CA GLU B 417 -33.58 -51.53 4.71
C GLU B 417 -34.26 -50.31 5.27
N PHE B 418 -35.48 -50.02 4.83
CA PHE B 418 -36.23 -49.01 5.55
C PHE B 418 -36.94 -49.66 6.72
N ARG B 419 -36.64 -49.23 7.93
CA ARG B 419 -37.25 -49.83 9.11
C ARG B 419 -37.97 -48.81 9.95
N PRO B 420 -39.19 -48.45 9.53
CA PRO B 420 -39.94 -47.44 10.28
C PRO B 420 -40.16 -47.83 11.74
N ASP B 421 -40.13 -49.11 12.07
CA ASP B 421 -40.28 -49.55 13.46
C ASP B 421 -39.12 -49.08 14.33
N LEU B 422 -37.88 -49.16 13.81
CA LEU B 422 -36.70 -48.73 14.58
C LEU B 422 -36.65 -47.21 14.70
N ILE B 423 -37.13 -46.54 13.66
CA ILE B 423 -37.19 -45.10 13.66
C ILE B 423 -38.10 -44.62 14.77
N GLU B 424 -39.24 -45.26 14.94
CA GLU B 424 -40.15 -44.88 16.01
C GLU B 424 -39.57 -45.24 17.35
N MET B 425 -38.80 -46.33 17.40
CA MET B 425 -38.21 -46.76 18.64
C MET B 425 -37.27 -45.68 19.17
N VAL B 426 -36.49 -45.09 18.27
CA VAL B 426 -35.54 -44.07 18.66
C VAL B 426 -36.23 -42.74 18.96
N LEU B 427 -37.21 -42.39 18.12
CA LEU B 427 -38.01 -41.17 18.31
C LEU B 427 -38.70 -41.17 19.66
N ASP B 428 -39.11 -42.36 20.10
CA ASP B 428 -39.72 -42.51 21.40
C ASP B 428 -38.75 -42.18 22.55
N LYS B 429 -37.45 -42.16 22.28
CA LYS B 429 -36.46 -41.80 23.30
C LYS B 429 -36.24 -40.27 23.36
N LEU B 430 -36.58 -39.57 22.30
CA LEU B 430 -36.31 -38.13 22.25
C LEU B 430 -37.44 -37.36 22.95
N ARG B 431 -37.54 -37.51 24.27
CA ARG B 431 -38.64 -36.92 25.05
C ARG B 431 -38.10 -36.13 26.23
N PRO B 432 -38.88 -35.14 26.69
CA PRO B 432 -38.45 -34.27 27.79
C PRO B 432 -38.05 -35.04 29.04
N GLU B 433 -38.71 -36.14 29.35
CA GLU B 433 -38.35 -36.87 30.57
C GLU B 433 -37.00 -37.62 30.44
N ASN B 434 -36.45 -37.64 29.24
CA ASN B 434 -35.20 -38.34 28.95
C ASN B 434 -34.10 -37.34 28.57
N VAL B 435 -34.35 -36.07 28.88
CA VAL B 435 -33.51 -34.99 28.37
C VAL B 435 -32.48 -34.49 29.36
N ARG B 436 -31.33 -34.10 28.82
CA ARG B 436 -30.25 -33.45 29.56
C ARG B 436 -29.93 -32.14 28.85
N VAL B 437 -29.80 -31.06 29.62
CA VAL B 437 -29.60 -29.74 29.03
C VAL B 437 -28.36 -29.05 29.58
N ALA B 438 -27.49 -28.60 28.69
CA ALA B 438 -26.33 -27.84 29.14
C ALA B 438 -26.27 -26.46 28.45
N ILE B 439 -26.11 -25.41 29.24
CA ILE B 439 -25.96 -24.07 28.69
C ILE B 439 -24.57 -23.53 29.01
N VAL B 440 -23.87 -23.06 27.96
CA VAL B 440 -22.53 -22.50 28.11
C VAL B 440 -22.55 -20.99 27.82
N SER B 441 -22.20 -20.19 28.83
CA SER B 441 -22.22 -18.73 28.67
C SER B 441 -21.37 -18.03 29.72
N LYS B 442 -20.74 -16.91 29.37
CA LYS B 442 -19.97 -16.18 30.37
C LYS B 442 -20.87 -15.57 31.44
N SER B 443 -22.17 -15.48 31.17
CA SER B 443 -23.12 -14.90 32.12
C SER B 443 -23.25 -15.68 33.43
N PHE B 444 -22.68 -16.88 33.48
CA PHE B 444 -22.76 -17.70 34.69
C PHE B 444 -21.53 -17.45 35.55
N GLU B 445 -20.59 -16.65 35.05
CA GLU B 445 -19.41 -16.29 35.84
C GLU B 445 -19.81 -15.78 37.24
N GLY B 446 -19.25 -16.45 38.24
CA GLY B 446 -19.50 -16.05 39.61
C GLY B 446 -20.76 -16.69 40.18
N LYS B 447 -21.54 -17.37 39.33
CA LYS B 447 -22.84 -17.90 39.78
C LYS B 447 -22.87 -19.43 39.84
N THR B 448 -21.70 -20.05 39.78
CA THR B 448 -21.58 -21.50 39.79
C THR B 448 -21.07 -21.97 41.15
N ASP B 449 -21.37 -23.21 41.53
CA ASP B 449 -20.93 -23.77 42.81
C ASP B 449 -20.16 -25.08 42.73
N ARG B 450 -19.89 -25.58 41.52
CA ARG B 450 -19.17 -26.83 41.32
C ARG B 450 -17.93 -26.70 40.43
N THR B 451 -16.99 -27.63 40.61
CA THR B 451 -15.73 -27.60 39.89
C THR B 451 -15.36 -28.99 39.37
N GLU B 452 -15.29 -29.19 38.06
CA GLU B 452 -14.84 -30.47 37.57
C GLU B 452 -13.35 -30.65 37.88
N GLU B 453 -12.99 -31.83 38.39
CA GLU B 453 -11.68 -31.98 39.01
C GLU B 453 -10.50 -32.00 38.02
N TRP B 454 -10.70 -32.50 36.82
CA TRP B 454 -9.58 -32.63 35.89
C TRP B 454 -9.22 -31.38 35.12
N TYR B 455 -10.23 -30.60 34.72
CA TYR B 455 -9.99 -29.37 33.94
C TYR B 455 -10.25 -28.10 34.75
N GLY B 456 -11.02 -28.23 35.83
CA GLY B 456 -11.32 -27.11 36.69
C GLY B 456 -12.55 -26.34 36.29
N THR B 457 -13.32 -26.92 35.36
CA THR B 457 -14.46 -26.28 34.76
C THR B 457 -15.48 -25.87 35.82
N GLN B 458 -15.83 -24.58 35.82
CA GLN B 458 -16.85 -24.03 36.74
C GLN B 458 -18.29 -24.24 36.24
N TYR B 459 -19.11 -24.89 37.07
CA TYR B 459 -20.49 -25.12 36.65
C TYR B 459 -21.47 -25.27 37.81
N LYS B 460 -22.73 -25.32 37.46
CA LYS B 460 -23.80 -25.49 38.40
C LYS B 460 -24.75 -26.55 37.81
N GLN B 461 -25.32 -27.38 38.68
CA GLN B 461 -26.26 -28.40 38.25
C GLN B 461 -27.61 -28.16 38.95
N GLU B 462 -28.68 -28.20 38.18
CA GLU B 462 -30.01 -27.97 38.75
C GLU B 462 -30.93 -29.00 38.16
N ALA B 463 -31.98 -29.34 38.89
CA ALA B 463 -33.04 -30.15 38.30
C ALA B 463 -33.89 -29.25 37.44
N ILE B 464 -34.27 -29.73 36.26
CA ILE B 464 -35.27 -29.01 35.48
C ILE B 464 -36.64 -29.22 36.16
N PRO B 465 -37.37 -28.11 36.41
CA PRO B 465 -38.69 -28.07 37.08
C PRO B 465 -39.78 -28.84 36.33
N ASP B 466 -40.64 -29.50 37.08
CA ASP B 466 -41.71 -30.31 36.48
C ASP B 466 -42.61 -29.49 35.57
N GLU B 467 -42.86 -28.23 35.95
CA GLU B 467 -43.67 -27.35 35.14
C GLU B 467 -43.09 -27.20 33.74
N VAL B 468 -41.76 -27.09 33.70
CA VAL B 468 -41.06 -26.94 32.43
C VAL B 468 -41.03 -28.24 31.66
N ILE B 469 -40.82 -29.35 32.37
CA ILE B 469 -40.87 -30.61 31.69
C ILE B 469 -42.23 -30.84 31.04
N LYS B 470 -43.32 -30.62 31.81
CA LYS B 470 -44.68 -30.80 31.30
C LYS B 470 -44.96 -29.91 30.09
N LYS B 471 -44.53 -28.65 30.13
CA LYS B 471 -44.79 -27.79 28.97
C LYS B 471 -44.17 -28.38 27.71
N TRP B 472 -42.95 -28.89 27.83
CA TRP B 472 -42.26 -29.52 26.73
C TRP B 472 -43.01 -30.78 26.26
N GLN B 473 -43.54 -31.55 27.22
CA GLN B 473 -44.26 -32.77 26.89
C GLN B 473 -45.54 -32.49 26.09
N ASN B 474 -46.13 -31.30 26.31
CA ASN B 474 -47.36 -30.90 25.63
C ASN B 474 -47.17 -30.07 24.37
N ALA B 475 -46.04 -30.22 23.72
CA ALA B 475 -45.74 -29.39 22.56
C ALA B 475 -46.74 -29.63 21.42
N ASP B 476 -47.49 -28.59 21.06
CA ASP B 476 -48.47 -28.69 19.97
C ASP B 476 -47.72 -28.70 18.64
N LEU B 477 -48.44 -28.70 17.54
CA LEU B 477 -47.77 -28.60 16.23
C LEU B 477 -47.65 -27.14 15.80
N ASN B 478 -46.42 -26.76 15.52
CA ASN B 478 -46.06 -25.48 14.97
C ASN B 478 -46.09 -25.54 13.44
N GLY B 479 -46.89 -24.67 12.83
CA GLY B 479 -47.06 -24.68 11.39
C GLY B 479 -45.85 -24.13 10.67
N LYS B 480 -44.82 -23.76 11.43
CA LYS B 480 -43.59 -23.25 10.81
C LYS B 480 -42.67 -24.41 10.39
N PHE B 481 -42.96 -25.59 10.93
CA PHE B 481 -42.15 -26.78 10.67
C PHE B 481 -42.77 -27.69 9.63
N LYS B 482 -42.13 -27.74 8.48
CA LYS B 482 -42.51 -28.64 7.41
C LYS B 482 -41.35 -29.61 7.15
N LEU B 483 -41.65 -30.84 6.75
CA LEU B 483 -40.60 -31.75 6.34
C LEU B 483 -39.90 -31.15 5.14
N PRO B 484 -38.66 -31.57 4.89
CA PRO B 484 -37.97 -31.03 3.71
C PRO B 484 -38.64 -31.49 2.43
N THR B 485 -38.48 -30.72 1.37
CA THR B 485 -39.04 -31.13 0.11
C THR B 485 -38.03 -31.95 -0.66
N LYS B 486 -38.48 -32.56 -1.75
CA LYS B 486 -37.57 -33.37 -2.58
C LYS B 486 -36.33 -32.54 -2.96
N ASN B 487 -35.18 -33.16 -2.91
CA ASN B 487 -33.94 -32.51 -3.23
C ASN B 487 -33.72 -32.39 -4.73
N GLU B 488 -33.79 -31.16 -5.21
CA GLU B 488 -33.76 -30.91 -6.65
C GLU B 488 -32.33 -30.80 -7.16
N PHE B 489 -31.37 -30.88 -6.26
CA PHE B 489 -29.97 -30.77 -6.67
C PHE B 489 -29.30 -32.08 -6.95
N ILE B 490 -30.05 -33.16 -6.78
CA ILE B 490 -29.54 -34.49 -7.06
C ILE B 490 -29.08 -34.59 -8.51
N PRO B 491 -27.82 -35.01 -8.71
CA PRO B 491 -27.23 -35.08 -10.05
C PRO B 491 -27.77 -36.28 -10.83
N THR B 492 -27.88 -36.11 -12.15
CA THR B 492 -28.41 -37.17 -12.99
C THR B 492 -27.52 -37.42 -14.18
N ASN B 493 -26.73 -36.42 -14.56
CA ASN B 493 -25.82 -36.60 -15.69
C ASN B 493 -24.38 -36.93 -15.26
N PHE B 494 -24.01 -38.21 -15.27
CA PHE B 494 -22.66 -38.61 -14.85
C PHE B 494 -21.79 -38.95 -16.03
N GLU B 495 -22.16 -38.42 -17.18
CA GLU B 495 -21.40 -38.70 -18.37
C GLU B 495 -19.99 -38.12 -18.29
N ILE B 496 -18.98 -38.94 -18.57
CA ILE B 496 -17.62 -38.43 -18.66
C ILE B 496 -17.38 -38.03 -20.10
N LEU B 497 -17.21 -36.73 -20.32
CA LEU B 497 -17.02 -36.20 -21.67
C LEU B 497 -15.69 -36.67 -22.23
N PRO B 498 -15.70 -37.09 -23.49
CA PRO B 498 -14.45 -37.59 -24.07
C PRO B 498 -13.36 -36.53 -24.10
N LEU B 499 -12.13 -37.00 -23.96
CA LEU B 499 -10.96 -36.15 -23.96
C LEU B 499 -10.78 -35.43 -25.28
N GLU B 500 -10.75 -34.10 -25.26
CA GLU B 500 -10.58 -33.32 -26.49
C GLU B 500 -9.23 -33.51 -27.15
N LYS B 501 -9.18 -33.23 -28.46
CA LYS B 501 -7.95 -33.38 -29.25
C LYS B 501 -6.89 -32.41 -28.73
N GLU B 502 -7.29 -31.15 -28.53
CA GLU B 502 -6.36 -30.13 -28.06
C GLU B 502 -6.28 -30.07 -26.51
N ALA B 503 -6.38 -31.22 -25.86
CA ALA B 503 -6.35 -31.27 -24.40
C ALA B 503 -4.92 -31.24 -23.86
N THR B 504 -4.76 -30.60 -22.70
CA THR B 504 -3.41 -30.42 -22.14
C THR B 504 -3.26 -31.12 -20.79
N PRO B 505 -2.04 -31.56 -20.48
CA PRO B 505 -1.65 -32.23 -19.23
C PRO B 505 -1.64 -31.28 -18.02
N TYR B 506 -1.37 -29.99 -18.27
CA TYR B 506 -1.41 -28.95 -17.25
C TYR B 506 -2.41 -27.91 -17.67
N PRO B 507 -2.80 -27.04 -16.73
CA PRO B 507 -3.77 -26.00 -17.09
C PRO B 507 -3.22 -25.12 -18.19
N ALA B 508 -4.09 -24.74 -19.10
CA ALA B 508 -3.71 -23.84 -20.18
C ALA B 508 -4.41 -22.53 -19.98
N LEU B 509 -3.71 -21.44 -20.29
CA LEU B 509 -4.32 -20.12 -20.21
C LEU B 509 -5.19 -19.94 -21.43
N ILE B 510 -6.51 -19.98 -21.25
CA ILE B 510 -7.39 -19.97 -22.41
C ILE B 510 -8.20 -18.70 -22.52
N LYS B 511 -8.03 -17.80 -21.57
CA LYS B 511 -8.64 -16.48 -21.67
C LYS B 511 -7.76 -15.53 -20.86
N ASP B 512 -7.40 -14.42 -21.48
CA ASP B 512 -6.47 -13.44 -20.88
C ASP B 512 -6.84 -12.02 -21.24
N THR B 513 -7.90 -11.52 -20.62
CA THR B 513 -8.33 -10.16 -20.86
C THR B 513 -8.02 -9.32 -19.64
N ALA B 514 -8.44 -8.06 -19.68
CA ALA B 514 -8.15 -7.11 -18.64
C ALA B 514 -8.91 -7.53 -17.41
N MET B 515 -10.05 -8.19 -17.65
CA MET B 515 -10.92 -8.64 -16.57
C MET B 515 -10.68 -10.06 -16.11
N SER B 516 -10.33 -10.95 -17.01
CA SER B 516 -10.28 -12.35 -16.64
C SER B 516 -8.99 -13.01 -17.08
N LYS B 517 -8.47 -13.86 -16.22
CA LYS B 517 -7.36 -14.74 -16.57
C LYS B 517 -7.88 -16.15 -16.25
N LEU B 518 -8.16 -16.92 -17.30
CA LEU B 518 -8.80 -18.23 -17.15
C LEU B 518 -7.89 -19.38 -17.44
N TRP B 519 -7.56 -20.14 -16.40
CA TRP B 519 -6.80 -21.37 -16.57
C TRP B 519 -7.77 -22.57 -16.66
N PHE B 520 -7.50 -23.47 -17.60
CA PHE B 520 -8.39 -24.58 -17.84
C PHE B 520 -7.62 -25.87 -18.03
N LYS B 521 -8.14 -26.95 -17.47
CA LYS B 521 -7.65 -28.29 -17.80
C LYS B 521 -8.77 -29.29 -17.69
N GLN B 522 -8.97 -30.08 -18.73
CA GLN B 522 -9.92 -31.19 -18.68
C GLN B 522 -9.30 -32.35 -17.94
N ASP B 523 -10.00 -32.91 -16.95
CA ASP B 523 -9.45 -34.04 -16.19
C ASP B 523 -9.01 -35.21 -17.10
N ASP B 524 -7.74 -35.61 -16.98
CA ASP B 524 -7.20 -36.74 -17.75
C ASP B 524 -6.66 -37.86 -16.86
N LYS B 525 -7.17 -37.96 -15.64
CA LYS B 525 -6.57 -38.85 -14.66
C LYS B 525 -7.64 -39.65 -13.93
N PHE B 526 -8.72 -38.99 -13.51
CA PHE B 526 -9.64 -39.60 -12.56
C PHE B 526 -10.99 -40.02 -13.17
N PHE B 527 -11.47 -39.30 -14.17
CA PHE B 527 -12.66 -39.72 -14.92
C PHE B 527 -13.87 -39.97 -14.08
N LEU B 528 -14.06 -39.08 -13.11
CA LEU B 528 -15.28 -39.02 -12.31
C LEU B 528 -16.13 -37.82 -12.75
N PRO B 529 -17.45 -37.92 -12.60
CA PRO B 529 -18.34 -36.84 -13.06
C PRO B 529 -18.32 -35.63 -12.09
N LYS B 530 -17.14 -35.03 -11.99
CA LYS B 530 -16.91 -33.95 -11.04
C LYS B 530 -16.04 -32.84 -11.60
N ALA B 531 -16.16 -31.63 -11.06
CA ALA B 531 -15.25 -30.57 -11.47
C ALA B 531 -14.97 -29.60 -10.33
N ASN B 532 -13.82 -28.95 -10.43
CA ASN B 532 -13.48 -27.90 -9.49
C ASN B 532 -13.41 -26.58 -10.20
N LEU B 533 -14.15 -25.60 -9.66
CA LEU B 533 -14.16 -24.28 -10.23
C LEU B 533 -13.61 -23.27 -9.22
N ASN B 534 -12.38 -22.79 -9.45
CA ASN B 534 -11.77 -21.83 -8.53
C ASN B 534 -11.68 -20.43 -9.11
N PHE B 535 -12.03 -19.45 -8.29
CA PHE B 535 -12.01 -18.05 -8.69
C PHE B 535 -11.40 -17.18 -7.62
N GLU B 536 -10.43 -16.36 -7.99
CA GLU B 536 -9.93 -15.28 -7.12
C GLU B 536 -10.46 -13.96 -7.70
N PHE B 537 -11.18 -13.17 -6.89
CA PHE B 537 -11.62 -11.84 -7.31
C PHE B 537 -10.73 -10.80 -6.62
N PHE B 538 -10.00 -9.99 -7.39
CA PHE B 538 -9.14 -8.97 -6.78
C PHE B 538 -9.82 -7.63 -6.75
N SER B 539 -9.86 -7.06 -5.56
CA SER B 539 -10.20 -5.67 -5.35
C SER B 539 -9.26 -5.09 -4.34
N PRO B 540 -8.69 -3.92 -4.65
CA PRO B 540 -7.87 -3.21 -3.66
C PRO B 540 -8.72 -2.76 -2.46
N PHE B 541 -10.03 -2.90 -2.55
CA PHE B 541 -10.91 -2.43 -1.48
C PHE B 541 -11.31 -3.50 -0.50
N ALA B 542 -10.72 -4.67 -0.61
CA ALA B 542 -11.09 -5.72 0.33
C ALA B 542 -10.22 -5.63 1.58
N TYR B 543 -9.10 -4.94 1.51
CA TYR B 543 -8.16 -4.99 2.59
C TYR B 543 -7.43 -3.67 2.73
N VAL B 544 -8.01 -2.63 2.14
CA VAL B 544 -7.36 -1.33 2.13
C VAL B 544 -7.21 -0.79 3.55
N ASP B 545 -8.21 -0.98 4.41
CA ASP B 545 -8.01 -0.68 5.84
C ASP B 545 -8.77 -1.69 6.71
N PRO B 546 -8.61 -1.61 8.04
CA PRO B 546 -9.37 -2.52 8.91
C PRO B 546 -10.89 -2.45 8.67
N LEU B 547 -11.44 -1.24 8.54
CA LEU B 547 -12.87 -1.14 8.36
C LEU B 547 -13.33 -1.95 7.14
N HIS B 548 -12.63 -1.79 6.02
CA HIS B 548 -12.99 -2.52 4.81
C HIS B 548 -12.71 -4.00 4.91
N SER B 549 -11.68 -4.36 5.65
CA SER B 549 -11.39 -5.74 5.85
C SER B 549 -12.56 -6.37 6.62
N ASN B 550 -13.03 -5.68 7.65
CA ASN B 550 -14.22 -6.11 8.37
C ASN B 550 -15.43 -6.24 7.45
N MET B 551 -15.62 -5.26 6.58
CA MET B 551 -16.80 -5.25 5.73
C MET B 551 -16.76 -6.36 4.70
N ALA B 552 -15.59 -6.63 4.15
CA ALA B 552 -15.46 -7.72 3.21
C ALA B 552 -15.90 -9.01 3.92
N TYR B 553 -15.41 -9.21 5.15
CA TYR B 553 -15.79 -10.37 5.90
C TYR B 553 -17.31 -10.44 6.13
N LEU B 554 -17.89 -9.39 6.70
CA LEU B 554 -19.31 -9.42 7.07
C LEU B 554 -20.20 -9.64 5.83
N TYR B 555 -19.82 -8.98 4.75
CA TYR B 555 -20.48 -9.15 3.47
C TYR B 555 -20.56 -10.64 3.08
N LEU B 556 -19.43 -11.33 2.98
CA LEU B 556 -19.47 -12.74 2.56
C LEU B 556 -20.17 -13.64 3.59
N GLU B 557 -20.03 -13.33 4.89
CA GLU B 557 -20.76 -14.08 5.90
C GLU B 557 -22.26 -13.91 5.75
N LEU B 558 -22.69 -12.68 5.51
CA LEU B 558 -24.12 -12.42 5.32
C LEU B 558 -24.64 -13.13 4.08
N LEU B 559 -23.82 -13.17 3.02
CA LEU B 559 -24.24 -13.80 1.79
C LEU B 559 -24.41 -15.30 1.99
N LYS B 560 -23.45 -15.94 2.65
CA LYS B 560 -23.54 -17.37 2.98
C LYS B 560 -24.70 -17.62 3.92
N ASP B 561 -24.91 -16.71 4.87
CA ASP B 561 -26.04 -16.89 5.78
C ASP B 561 -27.32 -16.88 5.02
N SER B 562 -27.32 -16.09 3.96
CA SER B 562 -28.49 -15.84 3.17
C SER B 562 -28.75 -16.93 2.13
N LEU B 563 -27.69 -17.60 1.71
CA LEU B 563 -27.79 -18.63 0.69
C LEU B 563 -27.95 -20.01 1.29
N ASN B 564 -27.77 -20.10 2.60
CA ASN B 564 -27.66 -21.39 3.23
C ASN B 564 -28.85 -22.34 2.98
N GLU B 565 -30.06 -21.84 3.24
CA GLU B 565 -31.25 -22.65 3.03
C GLU B 565 -31.27 -23.21 1.61
N TYR B 566 -30.88 -22.41 0.64
CA TYR B 566 -30.86 -22.89 -0.73
C TYR B 566 -29.70 -23.86 -0.99
N ALA B 567 -28.51 -23.59 -0.45
CA ALA B 567 -27.32 -24.36 -0.79
C ALA B 567 -27.22 -25.67 -0.02
N TYR B 568 -28.02 -25.80 1.03
CA TYR B 568 -27.86 -26.97 1.86
C TYR B 568 -28.18 -28.24 1.09
N ALA B 569 -29.28 -28.19 0.36
CA ALA B 569 -29.68 -29.29 -0.49
C ALA B 569 -28.55 -29.66 -1.46
N ALA B 570 -27.92 -28.65 -2.04
CA ALA B 570 -26.84 -28.90 -2.98
C ALA B 570 -25.72 -29.65 -2.25
N GLU B 571 -25.41 -29.20 -1.04
CA GLU B 571 -24.35 -29.84 -0.26
C GLU B 571 -24.64 -31.33 -0.08
N LEU B 572 -25.87 -31.65 0.33
CA LEU B 572 -26.24 -33.03 0.54
C LEU B 572 -26.13 -33.83 -0.75
N ALA B 573 -26.27 -33.14 -1.87
CA ALA B 573 -26.22 -33.75 -3.18
C ALA B 573 -24.81 -33.69 -3.74
N GLY B 574 -23.83 -33.43 -2.88
CA GLY B 574 -22.43 -33.52 -3.29
C GLY B 574 -21.94 -32.39 -4.19
N LEU B 575 -22.51 -31.20 -3.97
CA LEU B 575 -22.18 -29.98 -4.71
C LEU B 575 -22.00 -28.88 -3.67
N SER B 576 -20.75 -28.58 -3.34
CA SER B 576 -20.48 -27.61 -2.28
C SER B 576 -19.78 -26.36 -2.77
N TYR B 577 -19.81 -25.31 -1.95
CA TYR B 577 -19.06 -24.12 -2.30
C TYR B 577 -18.37 -23.50 -1.09
N ASP B 578 -17.28 -22.80 -1.40
CA ASP B 578 -16.49 -22.13 -0.41
C ASP B 578 -16.34 -20.67 -0.86
N LEU B 579 -16.62 -19.73 0.02
CA LEU B 579 -16.62 -18.30 -0.28
C LEU B 579 -16.05 -17.54 0.91
N GLN B 580 -14.85 -17.00 0.78
CA GLN B 580 -14.28 -16.24 1.89
C GLN B 580 -13.55 -15.02 1.40
N ASN B 581 -13.41 -14.02 2.27
CA ASN B 581 -12.61 -12.85 1.92
C ASN B 581 -11.14 -13.15 2.09
N THR B 582 -10.33 -12.51 1.29
CA THR B 582 -8.89 -12.69 1.37
C THR B 582 -8.22 -11.33 1.48
N ILE B 583 -6.91 -11.33 1.62
CA ILE B 583 -6.20 -10.06 1.62
C ILE B 583 -6.30 -9.34 0.22
N TYR B 584 -6.66 -10.05 -0.86
CA TYR B 584 -6.73 -9.36 -2.17
C TYR B 584 -8.01 -9.01 -3.02
N GLY B 585 -9.19 -9.59 -2.82
CA GLY B 585 -9.63 -10.19 -1.61
C GLY B 585 -11.01 -10.91 -1.60
N MET B 586 -11.36 -11.64 -2.68
CA MET B 586 -12.48 -12.61 -2.58
C MET B 586 -12.09 -13.94 -3.18
N TYR B 587 -12.50 -15.02 -2.53
CA TYR B 587 -12.23 -16.37 -3.04
C TYR B 587 -13.51 -17.19 -3.12
N LEU B 588 -13.74 -17.83 -4.26
CA LEU B 588 -14.91 -18.67 -4.45
C LEU B 588 -14.47 -20.00 -5.06
N SER B 589 -14.88 -21.08 -4.43
CA SER B 589 -14.65 -22.42 -4.97
C SER B 589 -15.92 -23.23 -5.00
N VAL B 590 -16.24 -23.79 -6.17
CA VAL B 590 -17.37 -24.68 -6.31
C VAL B 590 -16.85 -26.05 -6.67
N LYS B 591 -17.17 -27.02 -5.84
CA LYS B 591 -16.63 -28.37 -6.05
C LYS B 591 -17.75 -29.41 -6.06
N GLY B 592 -17.57 -30.49 -6.83
CA GLY B 592 -18.55 -31.56 -6.77
C GLY B 592 -18.97 -32.11 -8.10
N TYR B 593 -20.09 -32.81 -8.13
CA TYR B 593 -20.65 -33.32 -9.39
C TYR B 593 -20.88 -32.15 -10.36
N ASN B 594 -20.38 -32.29 -11.59
CA ASN B 594 -20.41 -31.15 -12.48
C ASN B 594 -21.77 -30.80 -13.03
N ASP B 595 -22.69 -31.76 -12.97
CA ASP B 595 -24.00 -31.67 -13.58
C ASP B 595 -24.74 -30.36 -13.26
N LYS B 596 -25.00 -30.11 -11.98
CA LYS B 596 -25.81 -28.95 -11.59
C LYS B 596 -24.98 -27.75 -11.11
N GLN B 597 -23.69 -27.83 -11.38
CA GLN B 597 -22.70 -26.87 -10.90
C GLN B 597 -22.98 -25.45 -11.47
N PRO B 598 -23.26 -25.36 -12.78
CA PRO B 598 -23.54 -24.01 -13.30
C PRO B 598 -24.74 -23.34 -12.62
N ILE B 599 -25.71 -24.15 -12.23
CA ILE B 599 -26.87 -23.55 -11.58
C ILE B 599 -26.47 -22.91 -10.23
N LEU B 600 -25.74 -23.64 -9.37
CA LEU B 600 -25.34 -23.08 -8.07
C LEU B 600 -24.40 -21.88 -8.24
N LEU B 601 -23.42 -22.04 -9.12
CA LEU B 601 -22.49 -20.93 -9.36
C LEU B 601 -23.22 -19.66 -9.80
N LYS B 602 -24.14 -19.78 -10.76
CA LYS B 602 -24.88 -18.63 -11.26
C LYS B 602 -25.64 -18.00 -10.12
N LYS B 603 -26.27 -18.83 -9.28
CA LYS B 603 -27.04 -18.28 -8.16
C LYS B 603 -26.13 -17.48 -7.20
N ILE B 604 -24.93 -18.00 -6.91
CA ILE B 604 -24.01 -17.31 -6.02
C ILE B 604 -23.56 -15.93 -6.56
N ILE B 605 -23.19 -15.87 -7.83
CA ILE B 605 -22.76 -14.62 -8.40
C ILE B 605 -23.91 -13.62 -8.47
N GLU B 606 -25.08 -14.08 -8.89
CA GLU B 606 -26.25 -13.22 -8.92
C GLU B 606 -26.50 -12.62 -7.54
N LYS B 607 -26.43 -13.48 -6.52
CA LYS B 607 -26.69 -13.07 -5.15
C LYS B 607 -25.65 -12.05 -4.69
N MET B 608 -24.37 -12.29 -5.04
CA MET B 608 -23.29 -11.36 -4.67
C MET B 608 -23.59 -9.95 -5.17
N ALA B 609 -24.05 -9.89 -6.42
CA ALA B 609 -24.18 -8.65 -7.16
C ALA B 609 -25.55 -7.97 -6.99
N THR B 610 -26.48 -8.62 -6.32
CA THR B 610 -27.81 -8.03 -6.13
C THR B 610 -28.21 -8.17 -4.68
N PHE B 611 -27.20 -8.24 -3.80
CA PHE B 611 -27.42 -8.60 -2.41
C PHE B 611 -28.19 -7.56 -1.58
N GLU B 612 -29.29 -8.01 -0.98
CA GLU B 612 -30.03 -7.21 -0.01
C GLU B 612 -29.86 -7.77 1.38
N ILE B 613 -29.44 -6.90 2.31
CA ILE B 613 -29.07 -7.32 3.66
C ILE B 613 -30.21 -7.25 4.66
N ASP B 614 -30.36 -8.32 5.46
CA ASP B 614 -31.34 -8.28 6.53
C ASP B 614 -30.70 -7.61 7.73
N GLU B 615 -31.25 -6.48 8.16
CA GLU B 615 -30.64 -5.74 9.27
C GLU B 615 -30.43 -6.61 10.54
N LYS B 616 -31.41 -7.46 10.86
CA LYS B 616 -31.35 -8.31 12.06
C LYS B 616 -30.21 -9.32 11.91
N ARG B 617 -30.08 -9.91 10.71
CA ARG B 617 -28.97 -10.84 10.44
C ARG B 617 -27.63 -10.14 10.58
N PHE B 618 -27.57 -8.91 10.09
CA PHE B 618 -26.37 -8.08 10.17
C PHE B 618 -25.94 -7.85 11.62
N GLU B 619 -26.88 -7.47 12.48
CA GLU B 619 -26.51 -7.16 13.86
C GLU B 619 -26.01 -8.42 14.57
N ILE B 620 -26.60 -9.56 14.22
CA ILE B 620 -26.26 -10.80 14.87
C ILE B 620 -24.90 -11.35 14.48
N ILE B 621 -24.65 -11.35 13.19
CA ILE B 621 -23.40 -11.81 12.65
C ILE B 621 -22.23 -10.93 13.06
N LYS B 622 -22.45 -9.61 13.05
CA LYS B 622 -21.46 -8.66 13.55
C LYS B 622 -21.09 -8.95 14.99
N GLU B 623 -22.09 -9.23 15.81
CA GLU B 623 -21.82 -9.47 17.23
C GLU B 623 -21.00 -10.76 17.43
N ALA B 624 -21.28 -11.78 16.62
CA ALA B 624 -20.60 -13.04 16.72
C ALA B 624 -19.14 -12.85 16.28
N TYR B 625 -18.95 -11.99 15.29
CA TYR B 625 -17.63 -11.67 14.74
C TYR B 625 -16.79 -10.86 15.76
N MET B 626 -17.48 -10.00 16.50
CA MET B 626 -16.86 -9.29 17.58
C MET B 626 -16.24 -10.30 18.55
N ARG B 627 -17.04 -11.27 19.00
CA ARG B 627 -16.56 -12.28 19.95
C ARG B 627 -15.45 -13.11 19.32
N SER B 628 -15.67 -13.46 18.07
CA SER B 628 -14.68 -14.22 17.35
C SER B 628 -13.30 -13.55 17.37
N LEU B 629 -13.24 -12.25 17.11
CA LEU B 629 -11.97 -11.53 17.17
C LEU B 629 -11.41 -11.57 18.58
N ASN B 630 -12.24 -11.28 19.57
CA ASN B 630 -11.82 -11.34 20.97
C ASN B 630 -11.33 -12.71 21.42
N ASN B 631 -11.97 -13.77 20.92
CA ASN B 631 -11.68 -15.11 21.39
C ASN B 631 -10.31 -15.58 20.93
N PHE B 632 -9.64 -14.78 20.11
CA PHE B 632 -8.31 -15.18 19.68
C PHE B 632 -7.37 -15.25 20.88
N ARG B 633 -7.72 -14.52 21.94
CA ARG B 633 -6.93 -14.49 23.17
C ARG B 633 -6.84 -15.89 23.83
N ALA B 634 -7.78 -16.77 23.50
CA ALA B 634 -7.82 -18.10 24.13
C ALA B 634 -7.20 -19.20 23.23
N GLU B 635 -6.65 -18.79 22.09
CA GLU B 635 -5.90 -19.70 21.26
C GLU B 635 -4.56 -20.10 21.91
N GLN B 636 -3.99 -21.21 21.44
CA GLN B 636 -2.73 -21.73 21.96
C GLN B 636 -1.54 -20.79 21.74
N PRO B 637 -0.60 -20.77 22.67
CA PRO B 637 0.62 -19.98 22.49
C PRO B 637 1.33 -20.21 21.15
N HIS B 638 1.46 -21.46 20.70
CA HIS B 638 2.14 -21.68 19.43
C HIS B 638 1.32 -21.04 18.32
N GLN B 639 -0.01 -21.06 18.45
CA GLN B 639 -0.84 -20.39 17.47
C GLN B 639 -0.62 -18.87 17.53
N HIS B 640 -0.49 -18.32 18.73
CA HIS B 640 -0.15 -16.91 18.86
C HIS B 640 1.19 -16.60 18.20
N ALA B 641 2.20 -17.44 18.43
CA ALA B 641 3.52 -17.20 17.85
C ALA B 641 3.50 -17.09 16.32
N MET B 642 2.90 -18.07 15.66
CA MET B 642 2.77 -18.07 14.19
C MET B 642 2.05 -16.80 13.72
N TYR B 643 0.96 -16.44 14.41
CA TYR B 643 0.22 -15.23 14.10
C TYR B 643 1.10 -13.96 14.17
N TYR B 644 1.75 -13.74 15.31
CA TYR B 644 2.60 -12.56 15.46
C TYR B 644 3.67 -12.52 14.36
N LEU B 645 4.24 -13.66 14.04
CA LEU B 645 5.24 -13.70 12.99
C LEU B 645 4.67 -13.29 11.63
N ARG B 646 3.48 -13.77 11.27
CA ARG B 646 2.86 -13.39 10.00
C ARG B 646 2.68 -11.87 9.93
N LEU B 647 2.25 -11.28 11.04
CA LEU B 647 2.12 -9.83 11.11
C LEU B 647 3.44 -9.11 10.94
N LEU B 648 4.52 -9.63 11.52
CA LEU B 648 5.79 -8.93 11.48
C LEU B 648 6.41 -8.94 10.11
N MET B 649 6.29 -10.06 9.41
CA MET B 649 7.05 -10.25 8.16
C MET B 649 6.32 -9.85 6.89
N THR B 650 5.03 -9.50 7.00
CA THR B 650 4.23 -9.08 5.84
C THR B 650 4.07 -7.57 5.77
N GLU B 651 4.11 -7.05 4.55
CA GLU B 651 4.07 -5.62 4.29
C GLU B 651 2.89 -4.94 4.96
N VAL B 652 1.70 -5.43 4.68
CA VAL B 652 0.47 -4.91 5.29
C VAL B 652 -0.27 -6.06 5.95
N ALA B 653 -0.71 -5.84 7.18
CA ALA B 653 -1.45 -6.87 7.92
C ALA B 653 -2.17 -6.26 9.10
N TRP B 654 -3.50 -6.36 9.09
CA TRP B 654 -4.30 -5.79 10.16
C TRP B 654 -4.43 -6.78 11.32
N THR B 655 -4.14 -6.30 12.52
CA THR B 655 -4.20 -7.11 13.71
C THR B 655 -5.63 -7.33 14.19
N LYS B 656 -5.85 -8.32 15.04
CA LYS B 656 -7.16 -8.56 15.62
C LYS B 656 -7.61 -7.32 16.40
N ASP B 657 -6.70 -6.66 17.09
CA ASP B 657 -7.10 -5.45 17.81
C ASP B 657 -7.56 -4.35 16.86
N GLU B 658 -6.79 -4.13 15.79
CA GLU B 658 -7.15 -3.13 14.80
C GLU B 658 -8.53 -3.39 14.18
N LEU B 659 -8.78 -4.65 13.81
CA LEU B 659 -10.08 -5.05 13.26
C LEU B 659 -11.20 -4.86 14.29
N LYS B 660 -10.94 -5.25 15.52
CA LYS B 660 -11.96 -5.19 16.56
C LYS B 660 -12.38 -3.77 16.84
N GLU B 661 -11.40 -2.87 16.92
CA GLU B 661 -11.66 -1.46 17.19
C GLU B 661 -12.54 -0.85 16.10
N ALA B 662 -12.17 -1.14 14.85
CA ALA B 662 -12.84 -0.62 13.67
C ALA B 662 -14.23 -1.26 13.44
N LEU B 663 -14.51 -2.36 14.13
CA LEU B 663 -15.78 -3.05 13.94
C LEU B 663 -16.94 -2.22 14.48
N ASP B 664 -16.67 -1.41 15.50
CA ASP B 664 -17.72 -0.57 16.07
C ASP B 664 -18.23 0.45 15.09
N ASP B 665 -17.39 0.81 14.12
CA ASP B 665 -17.75 1.80 13.11
C ASP B 665 -18.41 1.19 11.87
N VAL B 666 -18.58 -0.13 11.81
CA VAL B 666 -19.27 -0.75 10.67
C VAL B 666 -20.77 -0.67 10.86
N THR B 667 -21.43 0.22 10.12
CA THR B 667 -22.87 0.37 10.23
C THR B 667 -23.56 -0.26 9.03
N LEU B 668 -24.88 -0.43 9.12
CA LEU B 668 -25.58 -1.01 7.97
C LEU B 668 -25.47 -0.16 6.68
N PRO B 669 -25.68 1.16 6.77
CA PRO B 669 -25.49 1.99 5.58
C PRO B 669 -24.09 1.86 4.99
N ARG B 670 -23.06 1.89 5.84
CA ARG B 670 -21.68 1.79 5.33
C ARG B 670 -21.44 0.48 4.58
N LEU B 671 -21.99 -0.60 5.13
CA LEU B 671 -21.84 -1.90 4.50
C LEU B 671 -22.59 -1.93 3.15
N LYS B 672 -23.80 -1.36 3.10
CA LYS B 672 -24.57 -1.28 1.84
C LYS B 672 -23.84 -0.52 0.78
N ALA B 673 -23.20 0.57 1.20
CA ALA B 673 -22.39 1.37 0.29
C ALA B 673 -21.11 0.63 -0.13
N PHE B 674 -20.58 -0.17 0.77
CA PHE B 674 -19.34 -0.89 0.52
C PHE B 674 -19.43 -1.89 -0.61
N ILE B 675 -20.51 -2.65 -0.65
CA ILE B 675 -20.59 -3.77 -1.60
C ILE B 675 -20.48 -3.36 -3.09
N PRO B 676 -21.28 -2.39 -3.52
CA PRO B 676 -21.14 -1.97 -4.91
C PRO B 676 -19.77 -1.33 -5.18
N GLN B 677 -19.15 -0.73 -4.16
CA GLN B 677 -17.79 -0.23 -4.33
C GLN B 677 -16.86 -1.40 -4.58
N LEU B 678 -17.00 -2.41 -3.73
CA LEU B 678 -16.15 -3.58 -3.84
C LEU B 678 -16.25 -4.24 -5.20
N LEU B 679 -17.46 -4.31 -5.74
CA LEU B 679 -17.69 -5.00 -7.01
C LEU B 679 -17.43 -4.19 -8.28
N SER B 680 -17.25 -2.88 -8.13
CA SER B 680 -17.21 -1.98 -9.28
C SER B 680 -16.02 -2.26 -10.16
N ARG B 681 -14.87 -2.54 -9.54
CA ARG B 681 -13.71 -2.89 -10.35
C ARG B 681 -13.05 -4.15 -9.79
N LEU B 682 -12.88 -5.13 -10.68
CA LEU B 682 -12.38 -6.42 -10.32
C LEU B 682 -11.44 -7.01 -11.36
N HIS B 683 -10.57 -7.89 -10.93
CA HIS B 683 -9.89 -8.82 -11.83
C HIS B 683 -10.19 -10.23 -11.34
N ILE B 684 -10.43 -11.13 -12.28
CA ILE B 684 -10.80 -12.47 -11.93
C ILE B 684 -9.76 -13.39 -12.49
N GLU B 685 -9.17 -14.20 -11.62
CA GLU B 685 -8.27 -15.26 -12.07
C GLU B 685 -8.89 -16.57 -11.63
N ALA B 686 -9.11 -17.46 -12.59
CA ALA B 686 -9.86 -18.68 -12.36
C ALA B 686 -9.10 -19.91 -12.83
N LEU B 687 -9.34 -21.02 -12.12
CA LEU B 687 -8.92 -22.34 -12.56
C LEU B 687 -10.15 -23.21 -12.68
N LEU B 688 -10.46 -23.66 -13.89
CA LEU B 688 -11.57 -24.60 -14.06
C LEU B 688 -10.98 -25.92 -14.44
N HIS B 689 -11.23 -26.94 -13.63
CA HIS B 689 -10.51 -28.21 -13.74
C HIS B 689 -11.42 -29.41 -13.45
N GLY B 690 -11.58 -30.29 -14.43
CA GLY B 690 -12.35 -31.50 -14.22
C GLY B 690 -13.04 -32.01 -15.46
N ASN B 691 -14.24 -32.54 -15.26
CA ASN B 691 -15.08 -33.10 -16.31
C ASN B 691 -15.84 -32.03 -17.07
N ILE B 692 -15.10 -31.18 -17.78
CA ILE B 692 -15.65 -30.11 -18.62
C ILE B 692 -14.78 -29.89 -19.83
N THR B 693 -15.39 -29.27 -20.84
CA THR B 693 -14.66 -28.97 -22.07
C THR B 693 -14.20 -27.52 -22.08
N LYS B 694 -13.25 -27.23 -22.97
CA LYS B 694 -12.74 -25.87 -23.10
C LYS B 694 -13.87 -24.88 -23.38
N GLN B 695 -14.78 -25.28 -24.25
CA GLN B 695 -15.88 -24.43 -24.64
C GLN B 695 -16.78 -24.20 -23.43
N ALA B 696 -17.00 -25.22 -22.61
CA ALA B 696 -17.82 -25.08 -21.41
C ALA B 696 -17.14 -24.17 -20.40
N ALA B 697 -15.82 -24.31 -20.31
CA ALA B 697 -15.05 -23.48 -19.39
C ALA B 697 -15.21 -22.01 -19.76
N LEU B 698 -15.03 -21.71 -21.04
CA LEU B 698 -15.23 -20.36 -21.57
C LEU B 698 -16.63 -19.86 -21.26
N GLY B 699 -17.61 -20.77 -21.29
CA GLY B 699 -18.99 -20.40 -21.02
C GLY B 699 -19.22 -20.09 -19.56
N ILE B 700 -18.62 -20.91 -18.69
CA ILE B 700 -18.74 -20.64 -17.27
C ILE B 700 -18.13 -19.27 -16.92
N MET B 701 -16.95 -19.00 -17.48
CA MET B 701 -16.26 -17.75 -17.19
C MET B 701 -17.10 -16.58 -17.65
N GLN B 702 -17.62 -16.68 -18.86
CA GLN B 702 -18.40 -15.58 -19.40
C GLN B 702 -19.69 -15.35 -18.65
N MET B 703 -20.30 -16.44 -18.18
CA MET B 703 -21.49 -16.31 -17.37
C MET B 703 -21.17 -15.51 -16.08
N VAL B 704 -20.04 -15.82 -15.47
CA VAL B 704 -19.60 -15.10 -14.28
C VAL B 704 -19.43 -13.61 -14.56
N GLU B 705 -18.64 -13.31 -15.61
CA GLU B 705 -18.43 -11.93 -16.05
C GLU B 705 -19.72 -11.20 -16.37
N ASP B 706 -20.56 -11.80 -17.22
CA ASP B 706 -21.78 -11.15 -17.69
C ASP B 706 -22.68 -10.79 -16.55
N THR B 707 -22.74 -11.72 -15.60
CA THR B 707 -23.55 -11.50 -14.41
C THR B 707 -23.01 -10.32 -13.59
N LEU B 708 -21.70 -10.28 -13.40
CA LEU B 708 -21.14 -9.18 -12.64
C LEU B 708 -21.37 -7.85 -13.36
N ILE B 709 -21.13 -7.85 -14.66
CA ILE B 709 -21.28 -6.65 -15.47
C ILE B 709 -22.71 -6.13 -15.45
N GLU B 710 -23.69 -7.02 -15.58
CA GLU B 710 -25.11 -6.62 -15.64
C GLU B 710 -25.61 -6.04 -14.32
N HIS B 711 -25.26 -6.65 -13.20
CA HIS B 711 -25.86 -6.30 -11.91
C HIS B 711 -24.98 -5.38 -11.06
N ALA B 712 -23.68 -5.43 -11.32
CA ALA B 712 -22.72 -4.70 -10.50
C ALA B 712 -21.90 -3.70 -11.31
N HIS B 713 -22.13 -3.67 -12.61
CA HIS B 713 -21.47 -2.75 -13.53
C HIS B 713 -19.95 -2.84 -13.39
N THR B 714 -19.47 -4.06 -13.29
CA THR B 714 -18.07 -4.30 -13.03
C THR B 714 -17.20 -3.91 -14.21
N LYS B 715 -16.19 -3.09 -13.96
CA LYS B 715 -15.18 -2.74 -14.95
C LYS B 715 -13.85 -3.40 -14.54
N PRO B 716 -12.91 -3.56 -15.48
CA PRO B 716 -11.60 -4.16 -15.23
C PRO B 716 -10.69 -3.29 -14.35
N LEU B 717 -9.75 -3.92 -13.64
CA LEU B 717 -8.72 -3.20 -12.91
C LEU B 717 -7.57 -2.91 -13.86
N LEU B 718 -6.66 -2.02 -13.44
CA LEU B 718 -5.47 -1.75 -14.22
C LEU B 718 -4.37 -2.72 -13.80
N PRO B 719 -3.50 -3.08 -14.75
CA PRO B 719 -2.40 -3.99 -14.42
C PRO B 719 -1.54 -3.46 -13.26
N SER B 720 -1.36 -2.15 -13.19
CA SER B 720 -0.57 -1.54 -12.11
C SER B 720 -1.22 -1.69 -10.75
N GLN B 721 -2.54 -1.91 -10.71
CA GLN B 721 -3.25 -2.09 -9.44
C GLN B 721 -3.11 -3.48 -8.81
N LEU B 722 -2.68 -4.46 -9.60
CA LEU B 722 -2.63 -5.84 -9.15
C LEU B 722 -1.42 -6.12 -8.27
N VAL B 723 -1.35 -5.40 -7.16
CA VAL B 723 -0.19 -5.37 -6.29
C VAL B 723 -0.19 -6.51 -5.28
N ARG B 724 0.82 -7.38 -5.35
CA ARG B 724 1.01 -8.38 -4.29
C ARG B 724 1.87 -7.86 -3.14
N TYR B 725 1.70 -8.44 -1.95
CA TYR B 725 2.46 -7.97 -0.79
C TYR B 725 3.87 -8.56 -0.71
N ARG B 726 4.79 -7.78 -0.12
CA ARG B 726 6.18 -8.22 0.02
C ARG B 726 6.50 -8.71 1.46
N GLU B 727 7.54 -9.52 1.57
CA GLU B 727 8.06 -9.87 2.87
C GLU B 727 9.20 -8.92 3.25
N VAL B 728 9.19 -8.50 4.51
CA VAL B 728 10.25 -7.68 5.09
C VAL B 728 11.62 -8.37 4.87
N GLN B 729 12.61 -7.60 4.44
CA GLN B 729 13.95 -8.16 4.20
C GLN B 729 14.89 -7.95 5.39
N LEU B 730 15.17 -9.03 6.11
CA LEU B 730 16.01 -8.96 7.30
C LEU B 730 17.45 -8.77 6.90
N PRO B 731 18.18 -7.99 7.71
CA PRO B 731 19.59 -7.67 7.48
C PRO B 731 20.52 -8.81 7.85
N ASP B 732 21.62 -8.95 7.13
CA ASP B 732 22.63 -9.95 7.44
C ASP B 732 23.05 -9.86 8.92
N ARG B 733 23.04 -10.99 9.64
CA ARG B 733 23.48 -11.06 11.04
C ARG B 733 22.51 -10.40 12.01
N GLY B 734 21.31 -10.08 11.54
CA GLY B 734 20.34 -9.50 12.43
C GLY B 734 19.64 -10.51 13.29
N TRP B 735 19.30 -10.13 14.50
CA TRP B 735 18.42 -10.97 15.30
C TRP B 735 17.38 -10.11 15.99
N PHE B 736 16.11 -10.36 15.69
CA PHE B 736 15.04 -9.61 16.34
C PHE B 736 14.15 -10.53 17.17
N VAL B 737 13.75 -10.05 18.35
CA VAL B 737 12.79 -10.75 19.17
C VAL B 737 11.57 -9.87 19.37
N TYR B 738 10.41 -10.48 19.19
CA TYR B 738 9.13 -9.86 19.52
C TYR B 738 8.48 -10.66 20.63
N GLN B 739 8.03 -9.99 21.67
CA GLN B 739 7.55 -10.68 22.87
C GLN B 739 6.15 -10.29 23.30
N GLN B 740 5.35 -11.31 23.58
CA GLN B 740 3.96 -11.15 23.98
C GLN B 740 3.60 -12.17 25.03
N ARG B 741 2.44 -12.00 25.61
CA ARG B 741 1.96 -12.90 26.63
C ARG B 741 0.62 -13.51 26.22
N ASN B 742 0.50 -14.81 26.44
CA ASN B 742 -0.78 -15.49 26.32
C ASN B 742 -1.48 -15.41 27.68
N GLU B 743 -2.64 -14.77 27.72
CA GLU B 743 -3.30 -14.53 28.99
C GLU B 743 -4.13 -15.73 29.48
N VAL B 744 -4.25 -16.77 28.65
CA VAL B 744 -5.17 -17.87 28.96
C VAL B 744 -4.45 -19.16 29.33
N HIS B 745 -3.46 -19.53 28.53
CA HIS B 745 -2.73 -20.77 28.73
C HIS B 745 -1.47 -20.59 29.58
N ASN B 746 -1.14 -21.59 30.38
CA ASN B 746 0.05 -21.51 31.19
C ASN B 746 1.20 -22.27 30.55
N ASN B 747 1.28 -22.18 29.23
CA ASN B 747 2.44 -22.68 28.53
C ASN B 747 3.04 -21.54 27.72
N SER B 748 4.29 -21.63 27.34
CA SER B 748 4.84 -20.60 26.50
C SER B 748 4.90 -21.13 25.09
N GLY B 749 5.02 -20.22 24.13
CA GLY B 749 5.21 -20.58 22.74
C GLY B 749 6.35 -19.84 22.10
N ILE B 750 6.93 -20.46 21.09
CA ILE B 750 8.00 -19.83 20.34
C ILE B 750 7.95 -20.22 18.86
N GLU B 751 8.19 -19.24 18.00
CA GLU B 751 8.53 -19.54 16.63
C GLU B 751 9.86 -18.84 16.30
N ILE B 752 10.79 -19.61 15.77
CA ILE B 752 12.08 -19.10 15.33
C ILE B 752 12.11 -19.18 13.82
N TYR B 753 12.40 -18.06 13.18
CA TYR B 753 12.40 -17.99 11.73
C TYR B 753 13.77 -17.55 11.23
N TYR B 754 14.43 -18.45 10.52
CA TYR B 754 15.66 -18.16 9.81
C TYR B 754 15.37 -17.88 8.34
N GLN B 755 15.24 -16.60 8.01
CA GLN B 755 14.96 -16.23 6.64
C GLN B 755 16.14 -16.56 5.76
N THR B 756 15.91 -17.17 4.62
CA THR B 756 17.02 -17.45 3.72
C THR B 756 16.99 -16.51 2.52
N ASP B 757 16.24 -16.85 1.49
CA ASP B 757 16.19 -15.98 0.32
C ASP B 757 14.94 -16.17 -0.46
N MET B 758 14.83 -15.45 -1.57
CA MET B 758 13.69 -15.53 -2.45
C MET B 758 13.50 -16.97 -2.89
N GLN B 759 12.26 -17.37 -3.13
CA GLN B 759 12.04 -18.70 -3.69
C GLN B 759 12.66 -18.76 -5.07
N SER B 760 13.15 -19.94 -5.40
CA SER B 760 14.02 -20.19 -6.54
C SER B 760 14.33 -21.68 -6.56
N THR B 761 14.54 -22.27 -7.75
CA THR B 761 14.79 -23.71 -7.81
C THR B 761 15.91 -24.16 -6.85
N SER B 762 17.05 -23.50 -6.92
CA SER B 762 18.16 -23.84 -6.04
C SER B 762 17.87 -23.54 -4.54
N GLU B 763 17.42 -22.34 -4.22
CA GLU B 763 17.17 -21.99 -2.82
C GLU B 763 16.03 -22.84 -2.27
N ASN B 764 15.08 -23.19 -3.12
CA ASN B 764 13.96 -24.01 -2.70
C ASN B 764 14.46 -25.37 -2.25
N MET B 765 15.37 -25.95 -3.02
CA MET B 765 15.81 -27.30 -2.71
C MET B 765 16.93 -27.40 -1.67
N PHE B 766 17.75 -26.36 -1.54
CA PHE B 766 18.69 -26.33 -0.43
C PHE B 766 17.89 -26.39 0.87
N LEU B 767 16.90 -25.50 0.97
CA LEU B 767 16.04 -25.45 2.15
C LEU B 767 15.29 -26.75 2.40
N GLU B 768 14.59 -27.25 1.39
CA GLU B 768 13.78 -28.45 1.53
C GLU B 768 14.58 -29.69 1.91
N LEU B 769 15.81 -29.78 1.40
CA LEU B 769 16.67 -30.92 1.67
C LEU B 769 17.26 -30.82 3.07
N PHE B 770 17.67 -29.62 3.46
CA PHE B 770 18.14 -29.43 4.82
C PHE B 770 17.02 -29.77 5.82
N ALA B 771 15.81 -29.31 5.50
CA ALA B 771 14.67 -29.55 6.36
C ALA B 771 14.41 -31.03 6.50
N GLN B 772 14.55 -31.76 5.38
CA GLN B 772 14.38 -33.21 5.36
C GLN B 772 15.42 -33.87 6.25
N ILE B 773 16.66 -33.40 6.13
CA ILE B 773 17.73 -34.03 6.90
C ILE B 773 17.53 -33.82 8.39
N ILE B 774 17.07 -32.63 8.78
CA ILE B 774 16.98 -32.31 10.22
C ILE B 774 15.63 -32.61 10.84
N SER B 775 14.66 -32.89 9.99
CA SER B 775 13.28 -33.09 10.44
C SER B 775 13.08 -34.08 11.60
N GLU B 776 13.45 -35.35 11.38
CA GLU B 776 13.23 -36.36 12.42
C GLU B 776 14.13 -36.08 13.64
N PRO B 777 15.42 -35.82 13.40
CA PRO B 777 16.32 -35.48 14.52
C PRO B 777 15.83 -34.30 15.36
N ALA B 778 15.15 -33.35 14.72
CA ALA B 778 14.64 -32.19 15.46
C ALA B 778 13.60 -32.62 16.50
N PHE B 779 12.70 -33.49 16.07
CA PHE B 779 11.68 -34.06 16.93
C PHE B 779 12.29 -34.98 18.00
N ASN B 780 13.20 -35.83 17.57
CA ASN B 780 13.79 -36.79 18.51
C ASN B 780 14.58 -36.11 19.60
N THR B 781 15.28 -35.04 19.23
CA THR B 781 16.09 -34.29 20.17
C THR B 781 15.24 -33.36 21.05
N LEU B 782 14.43 -32.50 20.43
CA LEU B 782 13.73 -31.47 21.18
C LEU B 782 12.51 -32.00 21.93
N ARG B 783 11.88 -33.04 21.38
CA ARG B 783 10.78 -33.65 22.12
C ARG B 783 11.19 -34.96 22.80
N THR B 784 11.53 -36.00 22.02
CA THR B 784 11.74 -37.32 22.64
C THR B 784 12.86 -37.34 23.71
N LYS B 785 14.01 -36.76 23.42
CA LYS B 785 15.06 -36.71 24.42
C LYS B 785 14.85 -35.57 25.39
N GLU B 786 14.80 -34.34 24.90
CA GLU B 786 14.78 -33.19 25.82
C GLU B 786 13.39 -32.90 26.43
N GLN B 787 12.34 -33.40 25.78
CA GLN B 787 10.96 -33.26 26.29
C GLN B 787 10.58 -31.80 26.64
N LEU B 788 10.82 -30.90 25.69
CA LEU B 788 10.49 -29.48 25.85
C LEU B 788 8.99 -29.26 25.78
N GLY B 789 8.32 -30.07 24.98
CA GLY B 789 6.87 -30.01 24.91
C GLY B 789 6.29 -31.07 23.98
N TYR B 790 4.96 -31.16 24.00
CA TYR B 790 4.24 -32.03 23.09
C TYR B 790 4.37 -31.55 21.66
N ILE B 791 4.24 -30.23 21.48
CA ILE B 791 4.33 -29.63 20.16
C ILE B 791 5.74 -29.17 19.86
N VAL B 792 6.40 -29.91 18.98
CA VAL B 792 7.69 -29.55 18.43
C VAL B 792 7.66 -29.75 16.93
N PHE B 793 7.87 -28.66 16.20
CA PHE B 793 7.78 -28.67 14.75
C PHE B 793 8.97 -27.97 14.13
N SER B 794 9.40 -28.46 12.97
CA SER B 794 10.40 -27.76 12.19
C SER B 794 10.10 -27.95 10.71
N GLY B 795 10.59 -27.03 9.89
CA GLY B 795 10.41 -27.15 8.47
C GLY B 795 10.51 -25.82 7.75
N PRO B 796 10.30 -25.85 6.43
CA PRO B 796 10.30 -24.64 5.60
C PRO B 796 9.15 -23.68 5.98
N ARG B 797 9.40 -22.39 5.81
CA ARG B 797 8.34 -21.39 5.80
C ARG B 797 8.31 -20.70 4.44
N ARG B 798 7.11 -20.58 3.87
CA ARG B 798 6.99 -19.88 2.59
C ARG B 798 5.93 -18.79 2.69
N ALA B 799 6.31 -17.58 2.37
CA ALA B 799 5.35 -16.49 2.30
C ALA B 799 5.79 -15.41 1.33
N ASN B 800 4.82 -14.91 0.55
CA ASN B 800 5.06 -13.80 -0.35
C ASN B 800 6.29 -14.00 -1.23
N GLY B 801 6.59 -15.25 -1.58
CA GLY B 801 7.69 -15.54 -2.49
C GLY B 801 9.04 -15.71 -1.81
N ILE B 802 9.05 -15.54 -0.50
CA ILE B 802 10.28 -15.64 0.26
C ILE B 802 10.21 -16.89 1.12
N GLN B 803 11.36 -17.31 1.66
CA GLN B 803 11.35 -18.53 2.46
C GLN B 803 12.44 -18.53 3.50
N GLY B 804 12.42 -19.57 4.33
CA GLY B 804 13.38 -19.75 5.40
C GLY B 804 13.01 -20.98 6.22
N LEU B 805 13.79 -21.24 7.25
CA LEU B 805 13.56 -22.40 8.09
C LEU B 805 12.87 -21.98 9.39
N ARG B 806 11.84 -22.73 9.79
CA ARG B 806 11.14 -22.36 11.02
C ARG B 806 11.13 -23.51 12.04
N PHE B 807 11.23 -23.11 13.29
CA PHE B 807 11.04 -23.99 14.44
C PHE B 807 9.87 -23.45 15.21
N ILE B 808 8.97 -24.35 15.61
CA ILE B 808 7.84 -23.97 16.46
C ILE B 808 7.76 -24.92 17.65
N ILE B 809 7.74 -24.35 18.85
CA ILE B 809 7.69 -25.17 20.03
C ILE B 809 6.70 -24.62 21.05
N GLN B 810 5.97 -25.50 21.72
CA GLN B 810 5.15 -25.09 22.85
C GLN B 810 5.58 -25.82 24.12
N SER B 811 5.88 -25.05 25.16
CA SER B 811 6.57 -25.61 26.32
C SER B 811 6.19 -25.00 27.65
N GLU B 812 6.68 -25.59 28.71
CA GLU B 812 6.47 -25.08 30.03
C GLU B 812 7.67 -24.22 30.36
N LYS B 813 8.78 -24.52 29.70
CA LYS B 813 9.98 -23.68 29.84
C LYS B 813 9.81 -22.33 29.11
N PRO B 814 10.46 -21.29 29.62
CA PRO B 814 10.48 -19.96 28.99
C PRO B 814 11.18 -19.97 27.62
N PRO B 815 10.70 -19.13 26.70
CA PRO B 815 11.23 -19.03 25.35
C PRO B 815 12.73 -18.79 25.28
N HIS B 816 13.31 -18.00 26.19
CA HIS B 816 14.75 -17.74 26.08
C HIS B 816 15.52 -19.06 26.25
N TYR B 817 14.92 -19.97 27.00
CA TYR B 817 15.53 -21.27 27.18
C TYR B 817 15.35 -22.12 25.94
N LEU B 818 14.13 -22.11 25.37
CA LEU B 818 13.88 -22.87 24.15
C LEU B 818 14.82 -22.49 23.02
N GLU B 819 15.08 -21.18 22.88
CA GLU B 819 16.03 -20.64 21.92
C GLU B 819 17.37 -21.37 21.97
N SER B 820 17.95 -21.47 23.17
CA SER B 820 19.28 -22.02 23.24
C SER B 820 19.29 -23.51 22.90
N ARG B 821 18.21 -24.20 23.23
CA ARG B 821 18.16 -25.62 22.91
C ARG B 821 18.03 -25.85 21.40
N VAL B 822 17.29 -24.98 20.72
CA VAL B 822 17.19 -25.06 19.28
C VAL B 822 18.56 -24.75 18.68
N GLU B 823 19.26 -23.78 19.26
CA GLU B 823 20.59 -23.44 18.81
C GLU B 823 21.57 -24.57 19.07
N ALA B 824 21.43 -25.19 20.24
CA ALA B 824 22.28 -26.34 20.57
C ALA B 824 22.03 -27.45 19.56
N PHE B 825 20.77 -27.57 19.17
CA PHE B 825 20.41 -28.60 18.24
C PHE B 825 21.05 -28.38 16.88
N LEU B 826 21.07 -27.14 16.39
CA LEU B 826 21.67 -26.85 15.08
C LEU B 826 23.14 -27.27 15.04
N ILE B 827 23.86 -27.05 16.14
CA ILE B 827 25.26 -27.44 16.15
C ILE B 827 25.42 -28.98 16.09
N THR B 828 24.59 -29.69 16.87
CA THR B 828 24.47 -31.14 16.77
C THR B 828 24.18 -31.60 15.32
N MET B 829 23.25 -30.93 14.64
CA MET B 829 23.00 -31.26 13.24
C MET B 829 24.18 -31.00 12.32
N GLU B 830 24.88 -29.89 12.51
CA GLU B 830 26.04 -29.63 11.69
C GLU B 830 27.02 -30.78 11.81
N LYS B 831 27.28 -31.21 13.05
CA LYS B 831 28.23 -32.30 13.26
C LYS B 831 27.68 -33.59 12.61
N SER B 832 26.39 -33.80 12.73
CA SER B 832 25.76 -35.01 12.21
C SER B 832 25.87 -35.12 10.67
N ILE B 833 25.72 -34.00 9.98
CA ILE B 833 25.83 -33.98 8.52
C ILE B 833 27.28 -34.21 8.03
N GLU B 834 28.26 -33.65 8.74
CA GLU B 834 29.67 -33.88 8.40
C GLU B 834 30.02 -35.36 8.54
N ASP B 835 29.53 -35.98 9.60
CA ASP B 835 29.80 -37.38 9.90
C ASP B 835 28.92 -38.35 9.13
N MET B 836 27.85 -37.86 8.52
CA MET B 836 26.88 -38.76 7.89
C MET B 836 27.41 -39.32 6.57
N THR B 837 27.10 -40.58 6.31
CA THR B 837 27.63 -41.22 5.08
C THR B 837 26.94 -40.76 3.80
N GLU B 838 27.64 -40.95 2.70
CA GLU B 838 27.10 -40.64 1.39
C GLU B 838 25.83 -41.47 1.20
N GLU B 839 25.83 -42.69 1.71
CA GLU B 839 24.67 -43.53 1.51
C GLU B 839 23.47 -42.95 2.25
N ALA B 840 23.71 -42.51 3.48
CA ALA B 840 22.64 -41.95 4.29
C ALA B 840 22.10 -40.66 3.64
N PHE B 841 23.01 -39.86 3.08
CA PHE B 841 22.65 -38.62 2.39
C PHE B 841 21.74 -38.83 1.17
N GLN B 842 22.07 -39.83 0.36
CA GLN B 842 21.26 -40.12 -0.81
C GLN B 842 19.90 -40.66 -0.38
N LYS B 843 19.84 -41.25 0.82
CA LYS B 843 18.57 -41.76 1.32
C LYS B 843 17.62 -40.56 1.51
N HIS B 844 18.17 -39.47 2.08
CA HIS B 844 17.37 -38.27 2.31
C HIS B 844 16.95 -37.62 0.99
N ILE B 845 17.87 -37.55 0.04
CA ILE B 845 17.50 -37.06 -1.28
C ILE B 845 16.35 -37.91 -1.84
N GLN B 846 16.49 -39.22 -1.72
CA GLN B 846 15.49 -40.12 -2.28
C GLN B 846 14.14 -39.96 -1.58
N ALA B 847 14.19 -39.74 -0.27
CA ALA B 847 12.95 -39.56 0.51
C ALA B 847 12.22 -38.28 0.10
N LEU B 848 12.95 -37.17 0.05
CA LEU B 848 12.40 -35.92 -0.39
C LEU B 848 11.84 -36.05 -1.81
N ALA B 849 12.60 -36.72 -2.67
CA ALA B 849 12.16 -36.95 -4.04
C ALA B 849 10.80 -37.66 -4.08
N ILE B 850 10.71 -38.79 -3.38
CA ILE B 850 9.45 -39.51 -3.33
C ILE B 850 8.31 -38.62 -2.88
N ARG B 851 8.55 -37.83 -1.82
CA ARG B 851 7.51 -36.96 -1.26
C ARG B 851 7.01 -35.89 -2.25
N ARG B 852 7.94 -35.27 -2.98
CA ARG B 852 7.57 -34.23 -3.93
C ARG B 852 6.82 -34.80 -5.17
N LEU B 853 7.22 -36.00 -5.59
CA LEU B 853 6.70 -36.59 -6.82
C LEU B 853 5.47 -37.43 -6.54
N ASP B 854 5.09 -37.51 -5.27
CA ASP B 854 3.91 -38.26 -4.90
C ASP B 854 2.71 -37.73 -5.68
N LYS B 855 2.08 -38.60 -6.45
CA LYS B 855 0.99 -38.21 -7.35
C LYS B 855 -0.32 -37.95 -6.61
N PRO B 856 -1.03 -36.89 -6.99
CA PRO B 856 -2.37 -36.72 -6.40
C PRO B 856 -3.32 -37.87 -6.74
N LYS B 857 -4.11 -38.31 -5.75
CA LYS B 857 -5.04 -39.44 -5.94
C LYS B 857 -6.47 -39.03 -6.26
N LYS B 858 -6.81 -37.77 -5.98
CA LYS B 858 -8.15 -37.29 -6.25
C LYS B 858 -8.02 -35.93 -6.97
N LEU B 859 -9.08 -35.54 -7.67
CA LEU B 859 -9.08 -34.29 -8.44
C LEU B 859 -8.66 -33.07 -7.62
N SER B 860 -9.25 -32.89 -6.44
CA SER B 860 -8.97 -31.71 -5.61
C SER B 860 -7.49 -31.56 -5.21
N ALA B 861 -6.80 -32.68 -5.02
CA ALA B 861 -5.41 -32.60 -4.64
C ALA B 861 -4.60 -32.02 -5.79
N GLU B 862 -4.93 -32.44 -7.01
CA GLU B 862 -4.26 -31.91 -8.19
C GLU B 862 -4.60 -30.42 -8.38
N SER B 863 -5.87 -30.06 -8.25
CA SER B 863 -6.31 -28.65 -8.30
C SER B 863 -5.57 -27.78 -7.27
N ALA B 864 -5.38 -28.31 -6.06
CA ALA B 864 -4.69 -27.56 -5.04
C ALA B 864 -3.28 -27.19 -5.53
N LYS B 865 -2.57 -28.17 -6.13
CA LYS B 865 -1.25 -27.89 -6.72
C LYS B 865 -1.30 -26.75 -7.71
N TYR B 866 -2.19 -26.84 -8.69
CA TYR B 866 -2.30 -25.81 -9.71
C TYR B 866 -2.70 -24.48 -9.10
N TRP B 867 -3.70 -24.50 -8.21
CA TRP B 867 -4.19 -23.30 -7.58
C TRP B 867 -3.04 -22.60 -6.81
N GLY B 868 -2.14 -23.40 -6.25
CA GLY B 868 -1.01 -22.87 -5.55
C GLY B 868 -0.11 -22.13 -6.52
N GLU B 869 0.10 -22.73 -7.68
CA GLU B 869 0.93 -22.12 -8.71
C GLU B 869 0.33 -20.81 -9.21
N ILE B 870 -1.01 -20.77 -9.27
CA ILE B 870 -1.72 -19.62 -9.79
C ILE B 870 -1.81 -18.47 -8.77
N ILE B 871 -2.26 -18.74 -7.55
CA ILE B 871 -2.42 -17.63 -6.61
C ILE B 871 -1.07 -17.11 -6.16
N SER B 872 -0.04 -17.96 -6.23
CA SER B 872 1.29 -17.47 -5.88
C SER B 872 1.89 -16.70 -7.06
N GLN B 873 1.22 -16.75 -8.20
CA GLN B 873 1.67 -16.05 -9.41
C GLN B 873 3.03 -16.56 -9.90
N GLN B 874 3.33 -17.82 -9.65
CA GLN B 874 4.60 -18.39 -10.10
C GLN B 874 4.38 -19.30 -11.31
N TYR B 875 3.21 -19.91 -11.36
CA TYR B 875 2.75 -20.66 -12.54
C TYR B 875 3.70 -21.77 -13.03
N ASN B 876 4.35 -22.45 -12.11
CA ASN B 876 5.33 -23.48 -12.43
C ASN B 876 4.71 -24.86 -12.27
N PHE B 877 3.86 -25.22 -13.22
CA PHE B 877 3.06 -26.43 -13.15
C PHE B 877 3.88 -27.70 -13.20
N ASP B 878 5.05 -27.63 -13.82
CA ASP B 878 5.94 -28.78 -13.93
C ASP B 878 7.02 -28.74 -12.85
N ARG B 879 6.75 -27.96 -11.80
CA ARG B 879 7.75 -27.68 -10.78
C ARG B 879 8.40 -28.92 -10.16
N ASP B 880 7.58 -29.95 -9.87
CA ASP B 880 8.04 -31.13 -9.15
C ASP B 880 9.14 -31.86 -9.90
N ASN B 881 8.95 -32.01 -11.22
CA ASN B 881 9.94 -32.71 -12.01
C ASN B 881 11.20 -31.87 -12.10
N THR B 882 11.04 -30.56 -12.28
CA THR B 882 12.18 -29.68 -12.39
C THR B 882 13.03 -29.71 -11.12
N GLU B 883 12.35 -29.54 -10.00
CA GLU B 883 13.03 -29.40 -8.73
C GLU B 883 13.63 -30.71 -8.21
N VAL B 884 12.98 -31.84 -8.46
CA VAL B 884 13.57 -33.10 -8.02
C VAL B 884 14.84 -33.41 -8.84
N ALA B 885 14.79 -33.11 -10.13
CA ALA B 885 15.94 -33.29 -11.00
C ALA B 885 17.10 -32.45 -10.47
N TYR B 886 16.80 -31.22 -10.09
CA TYR B 886 17.85 -30.40 -9.52
C TYR B 886 18.37 -30.96 -8.19
N LEU B 887 17.43 -31.34 -7.32
CA LEU B 887 17.73 -31.92 -6.01
C LEU B 887 18.74 -33.03 -6.09
N LYS B 888 18.58 -33.88 -7.08
CA LYS B 888 19.45 -35.06 -7.16
C LYS B 888 20.89 -34.67 -7.45
N THR B 889 21.11 -33.44 -7.91
CA THR B 889 22.48 -33.02 -8.18
C THR B 889 23.16 -32.42 -6.96
N LEU B 890 22.43 -32.25 -5.86
CA LEU B 890 23.02 -31.63 -4.66
C LEU B 890 23.94 -32.60 -3.92
N THR B 891 25.06 -32.09 -3.44
CA THR B 891 25.99 -32.91 -2.67
C THR B 891 25.94 -32.55 -1.19
N LYS B 892 26.54 -33.39 -0.35
CA LYS B 892 26.61 -33.09 1.08
C LYS B 892 27.35 -31.76 1.31
N GLU B 893 28.43 -31.55 0.57
CA GLU B 893 29.19 -30.29 0.61
C GLU B 893 28.31 -29.06 0.35
N ASP B 894 27.42 -29.16 -0.62
CA ASP B 894 26.55 -28.04 -0.96
C ASP B 894 25.67 -27.69 0.23
N ILE B 895 25.11 -28.71 0.88
CA ILE B 895 24.20 -28.47 1.97
C ILE B 895 24.97 -27.90 3.15
N ILE B 896 26.18 -28.39 3.39
CA ILE B 896 26.98 -27.83 4.48
C ILE B 896 27.34 -26.36 4.22
N LYS B 897 27.72 -26.03 2.99
CA LYS B 897 28.02 -24.63 2.63
C LYS B 897 26.81 -23.73 2.85
N PHE B 898 25.65 -24.21 2.41
CA PHE B 898 24.37 -23.54 2.66
C PHE B 898 24.13 -23.31 4.17
N TYR B 899 24.39 -24.34 4.97
CA TYR B 899 24.21 -24.17 6.40
C TYR B 899 25.16 -23.12 6.97
N LYS B 900 26.42 -23.18 6.55
CA LYS B 900 27.43 -22.28 7.09
C LYS B 900 27.18 -20.84 6.65
N GLU B 901 26.61 -20.69 5.47
CA GLU B 901 26.43 -19.35 4.91
C GLU B 901 25.14 -18.69 5.38
N MET B 902 24.10 -19.48 5.65
CA MET B 902 22.79 -18.90 5.90
C MET B 902 22.18 -19.18 7.27
N LEU B 903 22.55 -20.30 7.89
CA LEU B 903 21.83 -20.78 9.08
C LEU B 903 22.67 -20.84 10.35
N ALA B 904 23.95 -21.14 10.24
CA ALA B 904 24.79 -21.30 11.43
C ALA B 904 24.79 -20.01 12.25
N VAL B 905 25.04 -20.16 13.54
CA VAL B 905 25.03 -19.03 14.46
C VAL B 905 25.94 -17.90 14.03
N ASP B 906 27.06 -18.21 13.38
CA ASP B 906 27.97 -17.19 12.91
C ASP B 906 27.98 -17.08 11.39
N ALA B 907 26.86 -17.43 10.79
CA ALA B 907 26.68 -17.30 9.35
C ALA B 907 26.63 -15.82 8.99
N PRO B 908 27.36 -15.43 7.91
CA PRO B 908 27.43 -14.05 7.43
C PRO B 908 26.08 -13.51 6.91
N ARG B 909 25.19 -14.40 6.48
CA ARG B 909 23.88 -13.97 5.97
C ARG B 909 22.77 -14.60 6.82
N ARG B 910 23.02 -14.73 8.12
CA ARG B 910 22.00 -15.24 9.01
C ARG B 910 20.93 -14.16 9.17
N HIS B 911 19.67 -14.54 9.01
CA HIS B 911 18.54 -13.60 9.12
C HIS B 911 17.51 -14.17 10.06
N LYS B 912 17.60 -13.79 11.34
CA LYS B 912 16.83 -14.44 12.38
C LYS B 912 15.81 -13.54 13.06
N VAL B 913 14.57 -14.01 13.14
CA VAL B 913 13.53 -13.34 13.93
C VAL B 913 12.80 -14.36 14.78
N SER B 914 12.60 -14.03 16.04
CA SER B 914 12.04 -14.93 17.04
C SER B 914 10.81 -14.29 17.64
N VAL B 915 9.74 -15.06 17.75
CA VAL B 915 8.55 -14.59 18.45
C VAL B 915 8.40 -15.38 19.75
N HIS B 916 8.45 -14.69 20.88
CA HIS B 916 8.26 -15.32 22.18
C HIS B 916 6.88 -15.06 22.71
N VAL B 917 6.11 -16.09 22.97
CA VAL B 917 4.84 -15.91 23.65
C VAL B 917 4.95 -16.47 25.04
N LEU B 918 4.97 -15.60 26.04
CA LEU B 918 5.11 -16.02 27.43
C LEU B 918 3.84 -16.66 27.93
N ALA B 919 4.00 -17.61 28.85
CA ALA B 919 2.87 -18.27 29.50
C ALA B 919 2.13 -17.28 30.41
N ARG B 920 0.88 -17.62 30.73
CA ARG B 920 0.03 -16.77 31.58
C ARG B 920 0.80 -16.22 32.79
N GLU B 921 1.42 -17.09 33.57
CA GLU B 921 2.06 -16.68 34.82
C GLU B 921 3.56 -16.41 34.76
N MET B 922 4.17 -16.45 33.59
CA MET B 922 5.64 -16.27 33.46
C MET B 922 6.21 -14.89 33.81
N ILE B 937 24.96 -30.54 31.96
CA ILE B 937 24.28 -31.81 32.26
C ILE B 937 24.47 -32.84 31.12
N ASN B 938 23.47 -33.70 30.94
CA ASN B 938 23.41 -34.63 29.79
C ASN B 938 23.08 -33.90 28.47
N LEU B 939 22.91 -32.59 28.55
CA LEU B 939 22.53 -31.78 27.41
C LEU B 939 23.71 -31.30 26.57
N SER B 940 23.52 -31.29 25.25
CA SER B 940 24.49 -30.69 24.34
C SER B 940 24.75 -29.24 24.76
N GLN B 941 25.91 -28.70 24.38
CA GLN B 941 26.29 -27.35 24.75
C GLN B 941 25.61 -26.36 23.84
N ALA B 942 24.97 -25.34 24.43
CA ALA B 942 24.34 -24.29 23.63
C ALA B 942 25.36 -23.19 23.40
N PRO B 943 25.33 -22.59 22.19
CA PRO B 943 26.24 -21.50 21.80
C PRO B 943 25.85 -20.18 22.42
N ALA B 944 26.80 -19.27 22.50
CA ALA B 944 26.52 -17.92 22.96
C ALA B 944 25.81 -17.12 21.88
N LEU B 945 24.73 -16.47 22.28
CA LEU B 945 23.95 -15.68 21.34
C LEU B 945 24.20 -14.19 21.51
N PRO B 946 24.09 -13.44 20.41
CA PRO B 946 24.23 -11.97 20.40
C PRO B 946 23.05 -11.28 21.12
N GLN B 947 23.21 -10.02 21.47
CA GLN B 947 22.10 -9.27 22.02
C GLN B 947 21.09 -9.05 20.91
N PRO B 948 19.84 -9.46 21.15
CA PRO B 948 18.86 -9.29 20.08
C PRO B 948 18.29 -7.90 20.15
N GLU B 949 17.88 -7.37 19.00
CA GLU B 949 17.12 -6.13 18.99
C GLU B 949 15.67 -6.46 19.29
N VAL B 950 15.17 -5.89 20.38
CA VAL B 950 13.80 -6.11 20.79
C VAL B 950 12.84 -5.19 20.05
N ILE B 951 11.93 -5.79 19.29
CA ILE B 951 10.89 -5.09 18.57
C ILE B 951 9.88 -4.53 19.56
N GLN B 952 9.71 -3.22 19.55
CA GLN B 952 8.80 -2.56 20.48
C GLN B 952 7.47 -2.28 19.80
N ASN B 953 7.53 -2.12 18.50
CA ASN B 953 6.39 -1.69 17.70
C ASN B 953 6.44 -2.25 16.27
N MET B 954 5.41 -3.00 15.86
CA MET B 954 5.46 -3.69 14.57
C MET B 954 5.57 -2.75 13.39
N THR B 955 4.89 -1.61 13.47
CA THR B 955 4.97 -0.64 12.41
C THR B 955 6.39 -0.07 12.30
N GLU B 956 6.98 0.30 13.42
CA GLU B 956 8.33 0.84 13.40
C GLU B 956 9.31 -0.21 12.86
N PHE B 957 9.13 -1.46 13.26
CA PHE B 957 9.96 -2.55 12.78
C PHE B 957 9.94 -2.64 11.26
N LYS B 958 8.75 -2.70 10.67
CA LYS B 958 8.64 -2.76 9.21
C LYS B 958 9.21 -1.52 8.50
N ARG B 959 8.97 -0.32 9.04
CA ARG B 959 9.44 0.91 8.42
C ARG B 959 10.98 0.91 8.32
N GLY B 960 11.67 0.35 9.31
CA GLY B 960 13.12 0.37 9.35
C GLY B 960 13.81 -0.65 8.48
N LEU B 961 13.04 -1.47 7.77
CA LEU B 961 13.65 -2.50 6.93
C LEU B 961 13.22 -2.40 5.46
N PRO B 962 14.02 -2.97 4.56
CA PRO B 962 13.68 -3.03 3.15
C PRO B 962 12.59 -4.08 2.92
N LEU B 963 11.94 -4.05 1.77
CA LEU B 963 11.03 -5.11 1.38
C LEU B 963 11.64 -5.91 0.23
N PHE B 964 11.49 -7.22 0.25
CA PHE B 964 11.97 -8.05 -0.85
C PHE B 964 11.24 -7.67 -2.13
N PRO B 965 11.79 -8.09 -3.27
CA PRO B 965 11.08 -8.05 -4.56
C PRO B 965 9.94 -9.03 -4.54
N LEU B 966 9.09 -9.05 -5.56
CA LEU B 966 8.13 -10.15 -5.70
C LEU B 966 8.72 -11.13 -6.69
N VAL B 967 8.30 -12.38 -6.63
CA VAL B 967 8.88 -13.42 -7.48
C VAL B 967 8.37 -13.23 -8.90
N LYS B 968 9.25 -13.37 -9.89
CA LYS B 968 8.85 -13.33 -11.30
C LYS B 968 8.10 -14.63 -11.67
N PRO B 969 7.01 -14.52 -12.46
CA PRO B 969 6.28 -15.67 -13.00
C PRO B 969 7.14 -16.60 -13.89
N HIS B 970 6.74 -17.86 -14.09
CA HIS B 970 7.53 -18.81 -14.88
C HIS B 970 7.39 -18.62 -16.42
CA PHE C 2 -1.18 38.88 -19.09
C PHE C 2 -0.31 38.79 -20.33
CA PHE D 2 -20.53 -33.03 18.58
C PHE D 2 -19.86 -33.31 19.93
#